data_1QQL
# 
_entry.id   1QQL 
# 
_audit_conform.dict_name       mmcif_pdbx.dic 
_audit_conform.dict_version    5.397 
_audit_conform.dict_location   http://mmcif.pdb.org/dictionaries/ascii/mmcif_pdbx.dic 
# 
loop_
_database_2.database_id 
_database_2.database_code 
_database_2.pdbx_database_accession 
_database_2.pdbx_DOI 
PDB   1QQL         pdb_00001qql 10.2210/pdb1qql/pdb 
RCSB  RCSB009151   ?            ?                   
WWPDB D_1000009151 ?            ?                   
# 
loop_
_pdbx_audit_revision_history.ordinal 
_pdbx_audit_revision_history.data_content_type 
_pdbx_audit_revision_history.major_revision 
_pdbx_audit_revision_history.minor_revision 
_pdbx_audit_revision_history.revision_date 
1 'Structure model' 1 0 2000-01-14 
2 'Structure model' 1 1 2008-04-27 
3 'Structure model' 1 2 2011-07-13 
4 'Structure model' 1 3 2017-08-23 
5 'Structure model' 1 4 2024-02-14 
6 'Structure model' 1 5 2024-10-02 
# 
_pdbx_audit_revision_details.ordinal             1 
_pdbx_audit_revision_details.revision_ordinal    1 
_pdbx_audit_revision_details.data_content_type   'Structure model' 
_pdbx_audit_revision_details.provider            repository 
_pdbx_audit_revision_details.type                'Initial release' 
_pdbx_audit_revision_details.description         ? 
_pdbx_audit_revision_details.details             ? 
# 
loop_
_pdbx_audit_revision_group.ordinal 
_pdbx_audit_revision_group.revision_ordinal 
_pdbx_audit_revision_group.data_content_type 
_pdbx_audit_revision_group.group 
1 2 'Structure model' 'Version format compliance' 
2 3 'Structure model' 'Version format compliance' 
3 4 'Structure model' 'Refinement description'    
4 4 'Structure model' 'Source and taxonomy'       
5 5 'Structure model' 'Data collection'           
6 5 'Structure model' 'Database references'       
7 6 'Structure model' 'Database references'       
8 6 'Structure model' 'Source and taxonomy'       
9 6 'Structure model' 'Structure summary'         
# 
loop_
_pdbx_audit_revision_category.ordinal 
_pdbx_audit_revision_category.revision_ordinal 
_pdbx_audit_revision_category.data_content_type 
_pdbx_audit_revision_category.category 
1  4 'Structure model' entity_src_gen  
2  4 'Structure model' software        
3  5 'Structure model' chem_comp_atom  
4  5 'Structure model' chem_comp_bond  
5  5 'Structure model' database_2      
6  6 'Structure model' entity          
7  6 'Structure model' entity_name_com 
8  6 'Structure model' entity_src_gen  
9  6 'Structure model' struct_ref      
10 6 'Structure model' struct_ref_seq  
# 
loop_
_pdbx_audit_revision_item.ordinal 
_pdbx_audit_revision_item.revision_ordinal 
_pdbx_audit_revision_item.data_content_type 
_pdbx_audit_revision_item.item 
1  5 'Structure model' '_database_2.pdbx_DOI'                      
2  5 'Structure model' '_database_2.pdbx_database_accession'       
3  6 'Structure model' '_entity.pdbx_description'                  
4  6 'Structure model' '_entity.pdbx_fragment'                     
5  6 'Structure model' '_entity_src_gen.gene_src_common_name'      
6  6 'Structure model' '_entity_src_gen.pdbx_gene_src_gene'        
7  6 'Structure model' '_entity_src_gen.pdbx_host_org_vector_type' 
8  6 'Structure model' '_entity_src_gen.pdbx_seq_type'             
9  6 'Structure model' '_struct_ref.db_code'                       
10 6 'Structure model' '_struct_ref.db_name'                       
11 6 'Structure model' '_struct_ref.pdbx_align_begin'              
12 6 'Structure model' '_struct_ref.pdbx_db_accession'             
13 6 'Structure model' '_struct_ref.pdbx_seq_one_letter_code'      
14 6 'Structure model' '_struct_ref_seq.db_align_beg'              
15 6 'Structure model' '_struct_ref_seq.db_align_end'              
16 6 'Structure model' '_struct_ref_seq.pdbx_db_accession'         
# 
_pdbx_database_status.status_code                     REL 
_pdbx_database_status.entry_id                        1QQL 
_pdbx_database_status.recvd_initial_deposition_date   1999-06-07 
_pdbx_database_status.deposit_site                    RCSB 
_pdbx_database_status.process_site                    RCSB 
_pdbx_database_status.status_code_sf                  REL 
_pdbx_database_status.SG_entry                        . 
_pdbx_database_status.pdb_format_compatible           Y 
_pdbx_database_status.status_code_mr                  ? 
_pdbx_database_status.status_code_cs                  ? 
_pdbx_database_status.methods_development_category    ? 
_pdbx_database_status.status_code_nmr_data            ? 
# 
_pdbx_database_related.db_name        PDB 
_pdbx_database_related.db_id          1QQK 
_pdbx_database_related.details        'FIBROBLAST GROWTH FACTOR 7 (KERATINOCYTE GROWTH FACTOR)' 
_pdbx_database_related.content_type   unspecified 
# 
loop_
_audit_author.name 
_audit_author.pdbx_ordinal 
'Ye, S.'         1 
'Luo, Y.'        2 
'Pelletier, H.'  3 
'McKeehan, W.L.' 4 
# 
loop_
_citation.id 
_citation.title 
_citation.journal_abbrev 
_citation.journal_volume 
_citation.page_first 
_citation.page_last 
_citation.year 
_citation.journal_id_ASTM 
_citation.country 
_citation.journal_id_ISSN 
_citation.journal_id_CSD 
_citation.book_publisher 
_citation.pdbx_database_id_PubMed 
_citation.pdbx_database_id_DOI 
primary 'Structural basis for interaction of FGF-1, FGF-2, and FGF-7 with different heparan sulfate motifs.' Biochemistry 40  
14429 14439 2001 BICHAW US 0006-2960 0033 ? 11724555 10.1021/bi011000u 
1       'The glycine box: a determinant of specificity for fibroblast growth factor.'                        Biochemistry 37  
16506 16515 1998 BICHAW US 0006-2960 0033 ? ?        10.1021/bi9816599 
2       'Human KGF is FGF-related with properties of a paracrine effector of epithelial cell growth.'        Science      245 752 
755   1989 SCIEAS US 0036-8075 0038 ? ?        ?                 
3       'Structure of a heparin-linked biologically active dimer of fibroblast growth factor.'               Nature       393 812 
817   1998 NATUAS UK 0028-0836 0006 ? ?        10.1038/31741     
4       'Heparin structure and interactions with basic fibroblast growth factor.'                            Science      271 1116 
1120  1996 SCIEAS US 0036-8075 0038 ? ?        ?                 
# 
loop_
_citation_author.citation_id 
_citation_author.name 
_citation_author.ordinal 
_citation_author.identifier_ORCID 
primary 'Ye, S.'            1  ? 
primary 'Luo, Y.'           2  ? 
primary 'Lu, W.'            3  ? 
primary 'Jones, R.B.'       4  ? 
primary 'Linhardt, R.J.'    5  ? 
primary 'Capila, I.'        6  ? 
primary 'Toida, T.'         7  ? 
primary 'Kan, M.'           8  ? 
primary 'Pelletier, H.'     9  ? 
primary 'McKeehan, W.L.'    10 ? 
1       'Luo, Y.'           11 ? 
1       'Lu, W.'            12 ? 
1       'Mohamedali, K.A.'  13 ? 
1       'Jang, J.H.'        14 ? 
1       'Jones, R.B.'       15 ? 
1       'Gabriel, J.L.'     16 ? 
1       'Kan, M.'           17 ? 
1       'McKeehan, W.L.'    18 ? 
2       'Finch, P.W.'       19 ? 
2       'Rubin, J.S.'       20 ? 
2       'Miki, T.'          21 ? 
2       'Ron, D.'           22 ? 
2       'Aaronson, S.A.'    23 ? 
3       'DiGabriele, A.D.'  24 ? 
3       'Lax, I.'           25 ? 
3       'Chen, D.I.'        26 ? 
3       'Svahn, C.M.'       27 ? 
3       'Jaye, M.'          28 ? 
3       'Schlessinger, J.'  29 ? 
3       'Hendrickson, W.A.' 30 ? 
4       'Faham, S.'         31 ? 
4       'Hileman, R.E.'     32 ? 
4       'Fromm, J.R.'       33 ? 
4       'Linhardt, R.J.'    34 ? 
4       'Rees, D.C.'        35 ? 
# 
loop_
_entity.id 
_entity.type 
_entity.src_method 
_entity.pdbx_description 
_entity.formula_weight 
_entity.pdbx_number_of_molecules 
_entity.pdbx_ec 
_entity.pdbx_mutation 
_entity.pdbx_fragment 
_entity.details 
1 polymer man 'Fibroblast growth factor 7, Fibroblast growth factor 1 chimera' 16433.945 1   ? ? 
;DUAL-FUNCTION CHIMERA BETWEEN RAT FGF-7 ENCODED BY EXON 1 AND 2 AND HUMAN FGF-1 ENCODED BY EXON 3,DUAL-FUNCTION CHIMERA BETWEEN RAT FGF-7 ENCODED BY EXON 1 AND 2 AND HUMAN FGF-1 ENCODED BY EXON 3
;
? 
2 water   nat water                                                            18.015    159 ? ? ? ? 
# 
_entity_name_com.entity_id   1 
_entity_name_com.name        
'FGF,FGF-1,Acidic fibroblast growth factor,aFGF,Endothelial cell growth factor,ECGF,Heparin-binding growth factor 1,HBGF-1' 
# 
_entity_poly.entity_id                      1 
_entity_poly.type                           'polypeptide(L)' 
_entity_poly.nstd_linkage                   no 
_entity_poly.nstd_monomer                   no 
_entity_poly.pdbx_seq_one_letter_code       
;SYDYMEGGDIRVRRLFCRTQWYLRIDKRGKVKGTQEMRNSYNIMEIRTVAVGIVAIKGVESEYYLAMNKEGKLYAKQTPN
EECLFLERLEENHYNTYISKKHAEKNWFVGLKKNGSCKRGPRTHYGQKAILFLPLPVSSD
;
_entity_poly.pdbx_seq_one_letter_code_can   
;SYDYMEGGDIRVRRLFCRTQWYLRIDKRGKVKGTQEMRNSYNIMEIRTVAVGIVAIKGVESEYYLAMNKEGKLYAKQTPN
EECLFLERLEENHYNTYISKKHAEKNWFVGLKKNGSCKRGPRTHYGQKAILFLPLPVSSD
;
_entity_poly.pdbx_strand_id                 A 
_entity_poly.pdbx_target_identifier         ? 
# 
_pdbx_entity_nonpoly.entity_id   2 
_pdbx_entity_nonpoly.name        water 
_pdbx_entity_nonpoly.comp_id     HOH 
# 
loop_
_entity_poly_seq.entity_id 
_entity_poly_seq.num 
_entity_poly_seq.mon_id 
_entity_poly_seq.hetero 
1 1   SER n 
1 2   TYR n 
1 3   ASP n 
1 4   TYR n 
1 5   MET n 
1 6   GLU n 
1 7   GLY n 
1 8   GLY n 
1 9   ASP n 
1 10  ILE n 
1 11  ARG n 
1 12  VAL n 
1 13  ARG n 
1 14  ARG n 
1 15  LEU n 
1 16  PHE n 
1 17  CYS n 
1 18  ARG n 
1 19  THR n 
1 20  GLN n 
1 21  TRP n 
1 22  TYR n 
1 23  LEU n 
1 24  ARG n 
1 25  ILE n 
1 26  ASP n 
1 27  LYS n 
1 28  ARG n 
1 29  GLY n 
1 30  LYS n 
1 31  VAL n 
1 32  LYS n 
1 33  GLY n 
1 34  THR n 
1 35  GLN n 
1 36  GLU n 
1 37  MET n 
1 38  ARG n 
1 39  ASN n 
1 40  SER n 
1 41  TYR n 
1 42  ASN n 
1 43  ILE n 
1 44  MET n 
1 45  GLU n 
1 46  ILE n 
1 47  ARG n 
1 48  THR n 
1 49  VAL n 
1 50  ALA n 
1 51  VAL n 
1 52  GLY n 
1 53  ILE n 
1 54  VAL n 
1 55  ALA n 
1 56  ILE n 
1 57  LYS n 
1 58  GLY n 
1 59  VAL n 
1 60  GLU n 
1 61  SER n 
1 62  GLU n 
1 63  TYR n 
1 64  TYR n 
1 65  LEU n 
1 66  ALA n 
1 67  MET n 
1 68  ASN n 
1 69  LYS n 
1 70  GLU n 
1 71  GLY n 
1 72  LYS n 
1 73  LEU n 
1 74  TYR n 
1 75  ALA n 
1 76  LYS n 
1 77  GLN n 
1 78  THR n 
1 79  PRO n 
1 80  ASN n 
1 81  GLU n 
1 82  GLU n 
1 83  CYS n 
1 84  LEU n 
1 85  PHE n 
1 86  LEU n 
1 87  GLU n 
1 88  ARG n 
1 89  LEU n 
1 90  GLU n 
1 91  GLU n 
1 92  ASN n 
1 93  HIS n 
1 94  TYR n 
1 95  ASN n 
1 96  THR n 
1 97  TYR n 
1 98  ILE n 
1 99  SER n 
1 100 LYS n 
1 101 LYS n 
1 102 HIS n 
1 103 ALA n 
1 104 GLU n 
1 105 LYS n 
1 106 ASN n 
1 107 TRP n 
1 108 PHE n 
1 109 VAL n 
1 110 GLY n 
1 111 LEU n 
1 112 LYS n 
1 113 LYS n 
1 114 ASN n 
1 115 GLY n 
1 116 SER n 
1 117 CYS n 
1 118 LYS n 
1 119 ARG n 
1 120 GLY n 
1 121 PRO n 
1 122 ARG n 
1 123 THR n 
1 124 HIS n 
1 125 TYR n 
1 126 GLY n 
1 127 GLN n 
1 128 LYS n 
1 129 ALA n 
1 130 ILE n 
1 131 LEU n 
1 132 PHE n 
1 133 LEU n 
1 134 PRO n 
1 135 LEU n 
1 136 PRO n 
1 137 VAL n 
1 138 SER n 
1 139 SER n 
1 140 ASP n 
# 
loop_
_entity_src_gen.entity_id 
_entity_src_gen.pdbx_src_id 
_entity_src_gen.pdbx_alt_source_flag 
_entity_src_gen.pdbx_seq_type 
_entity_src_gen.pdbx_beg_seq_num 
_entity_src_gen.pdbx_end_seq_num 
_entity_src_gen.gene_src_common_name 
_entity_src_gen.gene_src_genus 
_entity_src_gen.pdbx_gene_src_gene 
_entity_src_gen.gene_src_species 
_entity_src_gen.gene_src_strain 
_entity_src_gen.gene_src_tissue 
_entity_src_gen.gene_src_tissue_fraction 
_entity_src_gen.gene_src_details 
_entity_src_gen.pdbx_gene_src_fragment 
_entity_src_gen.pdbx_gene_src_scientific_name 
_entity_src_gen.pdbx_gene_src_ncbi_taxonomy_id 
_entity_src_gen.pdbx_gene_src_variant 
_entity_src_gen.pdbx_gene_src_cell_line 
_entity_src_gen.pdbx_gene_src_atcc 
_entity_src_gen.pdbx_gene_src_organ 
_entity_src_gen.pdbx_gene_src_organelle 
_entity_src_gen.pdbx_gene_src_cell 
_entity_src_gen.pdbx_gene_src_cellular_location 
_entity_src_gen.host_org_common_name 
_entity_src_gen.pdbx_host_org_scientific_name 
_entity_src_gen.pdbx_host_org_ncbi_taxonomy_id 
_entity_src_gen.host_org_genus 
_entity_src_gen.pdbx_host_org_gene 
_entity_src_gen.pdbx_host_org_organ 
_entity_src_gen.host_org_species 
_entity_src_gen.pdbx_host_org_tissue 
_entity_src_gen.pdbx_host_org_tissue_fraction 
_entity_src_gen.pdbx_host_org_strain 
_entity_src_gen.pdbx_host_org_variant 
_entity_src_gen.pdbx_host_org_cell_line 
_entity_src_gen.pdbx_host_org_atcc 
_entity_src_gen.pdbx_host_org_culture_collection 
_entity_src_gen.pdbx_host_org_cell 
_entity_src_gen.pdbx_host_org_organelle 
_entity_src_gen.pdbx_host_org_cellular_location 
_entity_src_gen.pdbx_host_org_vector_type 
_entity_src_gen.pdbx_host_org_vector 
_entity_src_gen.host_org_details 
_entity_src_gen.expression_system_id 
_entity_src_gen.plasmid_name 
_entity_src_gen.plasmid_details 
_entity_src_gen.pdbx_description 
1 1 sample 'Biological sequence' 1  76  'Norway rat' 'Rattus, Homo' Fgf7         , , ? ? ? ? 'Rattus norvegicus' 10116 ? ? ? ? ? ? 
? ? 'Escherichia coli BL21(DE3)' 469008 Escherichia ? ? 'Escherichia coli' ? ? 'BL21 (DE3)' ? ? ? ? ? ? ? plasmid ? ? ? PGEX-2T ? 
NONE 
1 2 sample 'Biological sequence' 77 140 human        'Rattus, Homo' 'FGF1, FGFA' , , ? ? ? ? 'Homo sapiens'      9606  ? ? ? ? ? ? 
? ? 'Escherichia coli BL21(DE3)' 469008 Escherichia ? ? 'Escherichia coli' ? ? 'BL21 (DE3)' ? ? ? ? ? ? ? plasmid ? ? ? PGEX-2T ? 
NONE 
# 
loop_
_chem_comp.id 
_chem_comp.type 
_chem_comp.mon_nstd_flag 
_chem_comp.name 
_chem_comp.pdbx_synonyms 
_chem_comp.formula 
_chem_comp.formula_weight 
ALA 'L-peptide linking' y ALANINE         ? 'C3 H7 N O2'     89.093  
ARG 'L-peptide linking' y ARGININE        ? 'C6 H15 N4 O2 1' 175.209 
ASN 'L-peptide linking' y ASPARAGINE      ? 'C4 H8 N2 O3'    132.118 
ASP 'L-peptide linking' y 'ASPARTIC ACID' ? 'C4 H7 N O4'     133.103 
CYS 'L-peptide linking' y CYSTEINE        ? 'C3 H7 N O2 S'   121.158 
GLN 'L-peptide linking' y GLUTAMINE       ? 'C5 H10 N2 O3'   146.144 
GLU 'L-peptide linking' y 'GLUTAMIC ACID' ? 'C5 H9 N O4'     147.129 
GLY 'peptide linking'   y GLYCINE         ? 'C2 H5 N O2'     75.067  
HIS 'L-peptide linking' y HISTIDINE       ? 'C6 H10 N3 O2 1' 156.162 
HOH non-polymer         . WATER           ? 'H2 O'           18.015  
ILE 'L-peptide linking' y ISOLEUCINE      ? 'C6 H13 N O2'    131.173 
LEU 'L-peptide linking' y LEUCINE         ? 'C6 H13 N O2'    131.173 
LYS 'L-peptide linking' y LYSINE          ? 'C6 H15 N2 O2 1' 147.195 
MET 'L-peptide linking' y METHIONINE      ? 'C5 H11 N O2 S'  149.211 
PHE 'L-peptide linking' y PHENYLALANINE   ? 'C9 H11 N O2'    165.189 
PRO 'L-peptide linking' y PROLINE         ? 'C5 H9 N O2'     115.130 
SER 'L-peptide linking' y SERINE          ? 'C3 H7 N O3'     105.093 
THR 'L-peptide linking' y THREONINE       ? 'C4 H9 N O3'     119.119 
TRP 'L-peptide linking' y TRYPTOPHAN      ? 'C11 H12 N2 O2'  204.225 
TYR 'L-peptide linking' y TYROSINE        ? 'C9 H11 N O3'    181.189 
VAL 'L-peptide linking' y VALINE          ? 'C5 H11 N O2'    117.146 
# 
loop_
_pdbx_poly_seq_scheme.asym_id 
_pdbx_poly_seq_scheme.entity_id 
_pdbx_poly_seq_scheme.seq_id 
_pdbx_poly_seq_scheme.mon_id 
_pdbx_poly_seq_scheme.ndb_seq_num 
_pdbx_poly_seq_scheme.pdb_seq_num 
_pdbx_poly_seq_scheme.auth_seq_num 
_pdbx_poly_seq_scheme.pdb_mon_id 
_pdbx_poly_seq_scheme.auth_mon_id 
_pdbx_poly_seq_scheme.pdb_strand_id 
_pdbx_poly_seq_scheme.pdb_ins_code 
_pdbx_poly_seq_scheme.hetero 
A 1 1   SER 1   1   ?   ?   ?   A . n 
A 1 2   TYR 2   2   ?   ?   ?   A . n 
A 1 3   ASP 3   3   ?   ?   ?   A . n 
A 1 4   TYR 4   4   ?   ?   ?   A . n 
A 1 5   MET 5   5   ?   ?   ?   A . n 
A 1 6   GLU 6   6   ?   ?   ?   A . n 
A 1 7   GLY 7   7   ?   ?   ?   A . n 
A 1 8   GLY 8   8   ?   ?   ?   A . n 
A 1 9   ASP 9   9   9   ASP ASP A . n 
A 1 10  ILE 10  10  10  ILE ILE A . n 
A 1 11  ARG 11  11  11  ARG ARG A . n 
A 1 12  VAL 12  12  12  VAL VAL A . n 
A 1 13  ARG 13  13  13  ARG ARG A . n 
A 1 14  ARG 14  14  14  ARG ARG A . n 
A 1 15  LEU 15  15  15  LEU LEU A . n 
A 1 16  PHE 16  16  16  PHE PHE A . n 
A 1 17  CYS 17  17  17  CYS CYS A . n 
A 1 18  ARG 18  18  18  ARG ARG A . n 
A 1 19  THR 19  19  19  THR THR A . n 
A 1 20  GLN 20  20  20  GLN GLN A . n 
A 1 21  TRP 21  21  21  TRP TRP A . n 
A 1 22  TYR 22  22  22  TYR TYR A . n 
A 1 23  LEU 23  23  23  LEU LEU A . n 
A 1 24  ARG 24  24  24  ARG ARG A . n 
A 1 25  ILE 25  25  25  ILE ILE A . n 
A 1 26  ASP 26  26  26  ASP ASP A . n 
A 1 27  LYS 27  27  27  LYS LYS A . n 
A 1 28  ARG 28  28  28  ARG ARG A . n 
A 1 29  GLY 29  29  29  GLY GLY A . n 
A 1 30  LYS 30  30  30  LYS LYS A . n 
A 1 31  VAL 31  31  31  VAL VAL A . n 
A 1 32  LYS 32  32  32  LYS LYS A . n 
A 1 33  GLY 33  33  33  GLY GLY A . n 
A 1 34  THR 34  34  34  THR THR A . n 
A 1 35  GLN 35  35  35  GLN GLN A . n 
A 1 36  GLU 36  36  36  GLU GLU A . n 
A 1 37  MET 37  37  37  MET MET A . n 
A 1 38  ARG 38  38  38  ARG ARG A . n 
A 1 39  ASN 39  39  39  ASN ASN A . n 
A 1 40  SER 40  40  40  SER SER A . n 
A 1 41  TYR 41  41  41  TYR TYR A . n 
A 1 42  ASN 42  42  42  ASN ASN A . n 
A 1 43  ILE 43  43  43  ILE ILE A . n 
A 1 44  MET 44  44  44  MET MET A . n 
A 1 45  GLU 45  45  45  GLU GLU A . n 
A 1 46  ILE 46  46  46  ILE ILE A . n 
A 1 47  ARG 47  47  47  ARG ARG A . n 
A 1 48  THR 48  48  48  THR THR A . n 
A 1 49  VAL 49  49  49  VAL VAL A . n 
A 1 50  ALA 50  50  50  ALA ALA A . n 
A 1 51  VAL 51  51  51  VAL VAL A . n 
A 1 52  GLY 52  52  52  GLY GLY A . n 
A 1 53  ILE 53  53  53  ILE ILE A . n 
A 1 54  VAL 54  54  54  VAL VAL A . n 
A 1 55  ALA 55  55  55  ALA ALA A . n 
A 1 56  ILE 56  56  56  ILE ILE A . n 
A 1 57  LYS 57  57  57  LYS LYS A . n 
A 1 58  GLY 58  58  58  GLY GLY A . n 
A 1 59  VAL 59  59  59  VAL VAL A . n 
A 1 60  GLU 60  60  60  GLU GLU A . n 
A 1 61  SER 61  61  61  SER SER A . n 
A 1 62  GLU 62  62  62  GLU GLU A . n 
A 1 63  TYR 63  63  63  TYR TYR A . n 
A 1 64  TYR 64  64  64  TYR TYR A . n 
A 1 65  LEU 65  65  65  LEU LEU A . n 
A 1 66  ALA 66  66  66  ALA ALA A . n 
A 1 67  MET 67  67  67  MET MET A . n 
A 1 68  ASN 68  68  68  ASN ASN A . n 
A 1 69  LYS 69  69  69  LYS LYS A . n 
A 1 70  GLU 70  70  70  GLU GLU A . n 
A 1 71  GLY 71  71  71  GLY GLY A . n 
A 1 72  LYS 72  72  72  LYS LYS A . n 
A 1 73  LEU 73  73  73  LEU LEU A . n 
A 1 74  TYR 74  74  74  TYR TYR A . n 
A 1 75  ALA 75  75  75  ALA ALA A . n 
A 1 76  LYS 76  76  76  LYS LYS A . n 
A 1 77  GLN 77  77  77  GLN GLN A . n 
A 1 78  THR 78  78  78  THR THR A . n 
A 1 79  PRO 79  79  79  PRO PRO A . n 
A 1 80  ASN 80  80  80  ASN ASN A . n 
A 1 81  GLU 81  81  81  GLU GLU A . n 
A 1 82  GLU 82  82  82  GLU GLU A . n 
A 1 83  CYS 83  83  83  CYS CYS A . n 
A 1 84  LEU 84  84  84  LEU LEU A . n 
A 1 85  PHE 85  85  85  PHE PHE A . n 
A 1 86  LEU 86  86  86  LEU LEU A . n 
A 1 87  GLU 87  87  87  GLU GLU A . n 
A 1 88  ARG 88  88  88  ARG ARG A . n 
A 1 89  LEU 89  89  89  LEU LEU A . n 
A 1 90  GLU 90  90  90  GLU GLU A . n 
A 1 91  GLU 91  91  91  GLU GLU A . n 
A 1 92  ASN 92  92  92  ASN ASN A . n 
A 1 93  HIS 93  93  93  HIS HIS A . n 
A 1 94  TYR 94  94  94  TYR TYR A . n 
A 1 95  ASN 95  95  95  ASN ASN A . n 
A 1 96  THR 96  96  96  THR THR A . n 
A 1 97  TYR 97  97  97  TYR TYR A . n 
A 1 98  ILE 98  98  98  ILE ILE A . n 
A 1 99  SER 99  99  99  SER SER A . n 
A 1 100 LYS 100 100 100 LYS LYS A . n 
A 1 101 LYS 101 101 101 LYS LYS A . n 
A 1 102 HIS 102 102 102 HIS HIS A . n 
A 1 103 ALA 103 103 103 ALA ALA A . n 
A 1 104 GLU 104 104 104 GLU GLU A . n 
A 1 105 LYS 105 105 105 LYS LYS A . n 
A 1 106 ASN 106 106 106 ASN ASN A . n 
A 1 107 TRP 107 107 107 TRP TRP A . n 
A 1 108 PHE 108 108 108 PHE PHE A . n 
A 1 109 VAL 109 109 109 VAL VAL A . n 
A 1 110 GLY 110 110 110 GLY GLY A . n 
A 1 111 LEU 111 111 111 LEU LEU A . n 
A 1 112 LYS 112 112 112 LYS LYS A . n 
A 1 113 LYS 113 113 113 LYS LYS A . n 
A 1 114 ASN 114 114 114 ASN ASN A . n 
A 1 115 GLY 115 115 115 GLY GLY A . n 
A 1 116 SER 116 116 116 SER SER A . n 
A 1 117 CYS 117 117 117 CYS CYS A . n 
A 1 118 LYS 118 118 118 LYS LYS A . n 
A 1 119 ARG 119 119 119 ARG ARG A . n 
A 1 120 GLY 120 120 120 GLY GLY A . n 
A 1 121 PRO 121 121 121 PRO PRO A . n 
A 1 122 ARG 122 122 122 ARG ARG A . n 
A 1 123 THR 123 123 123 THR THR A . n 
A 1 124 HIS 124 124 124 HIS HIS A . n 
A 1 125 TYR 125 125 125 TYR TYR A . n 
A 1 126 GLY 126 126 126 GLY GLY A . n 
A 1 127 GLN 127 127 127 GLN GLN A . n 
A 1 128 LYS 128 128 128 LYS LYS A . n 
A 1 129 ALA 129 129 129 ALA ALA A . n 
A 1 130 ILE 130 130 130 ILE ILE A . n 
A 1 131 LEU 131 131 131 LEU LEU A . n 
A 1 132 PHE 132 132 132 PHE PHE A . n 
A 1 133 LEU 133 133 133 LEU LEU A . n 
A 1 134 PRO 134 134 134 PRO PRO A . n 
A 1 135 LEU 135 135 135 LEU LEU A . n 
A 1 136 PRO 136 136 136 PRO PRO A . n 
A 1 137 VAL 137 137 137 VAL VAL A . n 
A 1 138 SER 138 138 138 SER SER A . n 
A 1 139 SER 139 139 139 SER SER A . n 
A 1 140 ASP 140 140 ?   ?   ?   A . n 
# 
loop_
_pdbx_nonpoly_scheme.asym_id 
_pdbx_nonpoly_scheme.entity_id 
_pdbx_nonpoly_scheme.mon_id 
_pdbx_nonpoly_scheme.ndb_seq_num 
_pdbx_nonpoly_scheme.pdb_seq_num 
_pdbx_nonpoly_scheme.auth_seq_num 
_pdbx_nonpoly_scheme.pdb_mon_id 
_pdbx_nonpoly_scheme.auth_mon_id 
_pdbx_nonpoly_scheme.pdb_strand_id 
_pdbx_nonpoly_scheme.pdb_ins_code 
B 2 HOH 1   201 201 HOH HOH A . 
B 2 HOH 2   202 202 HOH HOH A . 
B 2 HOH 3   203 203 HOH HOH A . 
B 2 HOH 4   204 204 HOH HOH A . 
B 2 HOH 5   205 205 HOH HOH A . 
B 2 HOH 6   206 206 HOH HOH A . 
B 2 HOH 7   207 207 HOH HOH A . 
B 2 HOH 8   208 208 HOH HOH A . 
B 2 HOH 9   209 209 HOH HOH A . 
B 2 HOH 10  210 210 HOH HOH A . 
B 2 HOH 11  211 211 HOH HOH A . 
B 2 HOH 12  212 212 HOH HOH A . 
B 2 HOH 13  213 213 HOH HOH A . 
B 2 HOH 14  214 214 HOH HOH A . 
B 2 HOH 15  215 215 HOH HOH A . 
B 2 HOH 16  216 216 HOH HOH A . 
B 2 HOH 17  217 217 HOH HOH A . 
B 2 HOH 18  218 218 HOH HOH A . 
B 2 HOH 19  219 219 HOH HOH A . 
B 2 HOH 20  220 220 HOH HOH A . 
B 2 HOH 21  221 221 HOH HOH A . 
B 2 HOH 22  222 222 HOH HOH A . 
B 2 HOH 23  223 223 HOH HOH A . 
B 2 HOH 24  224 224 HOH HOH A . 
B 2 HOH 25  225 225 HOH HOH A . 
B 2 HOH 26  226 226 HOH HOH A . 
B 2 HOH 27  227 227 HOH HOH A . 
B 2 HOH 28  228 228 HOH HOH A . 
B 2 HOH 29  229 229 HOH HOH A . 
B 2 HOH 30  230 230 HOH HOH A . 
B 2 HOH 31  231 231 HOH HOH A . 
B 2 HOH 32  232 232 HOH HOH A . 
B 2 HOH 33  233 233 HOH HOH A . 
B 2 HOH 34  234 234 HOH HOH A . 
B 2 HOH 35  235 235 HOH HOH A . 
B 2 HOH 36  236 236 HOH HOH A . 
B 2 HOH 37  237 237 HOH HOH A . 
B 2 HOH 38  238 238 HOH HOH A . 
B 2 HOH 39  239 239 HOH HOH A . 
B 2 HOH 40  240 240 HOH HOH A . 
B 2 HOH 41  241 241 HOH HOH A . 
B 2 HOH 42  242 242 HOH HOH A . 
B 2 HOH 43  243 243 HOH HOH A . 
B 2 HOH 44  244 244 HOH HOH A . 
B 2 HOH 45  245 245 HOH HOH A . 
B 2 HOH 46  246 246 HOH HOH A . 
B 2 HOH 47  247 247 HOH HOH A . 
B 2 HOH 48  248 248 HOH HOH A . 
B 2 HOH 49  249 249 HOH HOH A . 
B 2 HOH 50  250 250 HOH HOH A . 
B 2 HOH 51  251 251 HOH HOH A . 
B 2 HOH 52  252 252 HOH HOH A . 
B 2 HOH 53  253 253 HOH HOH A . 
B 2 HOH 54  254 254 HOH HOH A . 
B 2 HOH 55  255 255 HOH HOH A . 
B 2 HOH 56  256 256 HOH HOH A . 
B 2 HOH 57  257 257 HOH HOH A . 
B 2 HOH 58  258 258 HOH HOH A . 
B 2 HOH 59  259 259 HOH HOH A . 
B 2 HOH 60  260 260 HOH HOH A . 
B 2 HOH 61  261 261 HOH HOH A . 
B 2 HOH 62  262 262 HOH HOH A . 
B 2 HOH 63  263 263 HOH HOH A . 
B 2 HOH 64  264 264 HOH HOH A . 
B 2 HOH 65  265 265 HOH HOH A . 
B 2 HOH 66  266 266 HOH HOH A . 
B 2 HOH 67  267 267 HOH HOH A . 
B 2 HOH 68  268 268 HOH HOH A . 
B 2 HOH 69  269 269 HOH HOH A . 
B 2 HOH 70  270 270 HOH HOH A . 
B 2 HOH 71  271 271 HOH HOH A . 
B 2 HOH 72  272 272 HOH HOH A . 
B 2 HOH 73  273 273 HOH HOH A . 
B 2 HOH 74  274 274 HOH HOH A . 
B 2 HOH 75  275 275 HOH HOH A . 
B 2 HOH 76  276 276 HOH HOH A . 
B 2 HOH 77  277 277 HOH HOH A . 
B 2 HOH 78  278 278 HOH HOH A . 
B 2 HOH 79  279 279 HOH HOH A . 
B 2 HOH 80  280 280 HOH HOH A . 
B 2 HOH 81  281 281 HOH HOH A . 
B 2 HOH 82  282 282 HOH HOH A . 
B 2 HOH 83  283 283 HOH HOH A . 
B 2 HOH 84  284 284 HOH HOH A . 
B 2 HOH 85  285 285 HOH HOH A . 
B 2 HOH 86  286 286 HOH HOH A . 
B 2 HOH 87  287 287 HOH HOH A . 
B 2 HOH 88  288 288 HOH HOH A . 
B 2 HOH 89  289 289 HOH HOH A . 
B 2 HOH 90  290 290 HOH HOH A . 
B 2 HOH 91  291 291 HOH HOH A . 
B 2 HOH 92  292 292 HOH HOH A . 
B 2 HOH 93  293 293 HOH HOH A . 
B 2 HOH 94  294 294 HOH HOH A . 
B 2 HOH 95  295 295 HOH HOH A . 
B 2 HOH 96  296 296 HOH HOH A . 
B 2 HOH 97  297 297 HOH HOH A . 
B 2 HOH 98  298 298 HOH HOH A . 
B 2 HOH 99  299 299 HOH HOH A . 
B 2 HOH 100 300 300 HOH HOH A . 
B 2 HOH 101 301 301 HOH HOH A . 
B 2 HOH 102 302 302 HOH HOH A . 
B 2 HOH 103 303 303 HOH HOH A . 
B 2 HOH 104 304 304 HOH HOH A . 
B 2 HOH 105 305 305 HOH HOH A . 
B 2 HOH 106 306 306 HOH HOH A . 
B 2 HOH 107 307 307 HOH HOH A . 
B 2 HOH 108 308 308 HOH HOH A . 
B 2 HOH 109 309 309 HOH HOH A . 
B 2 HOH 110 310 310 HOH HOH A . 
B 2 HOH 111 311 311 HOH HOH A . 
B 2 HOH 112 312 312 HOH HOH A . 
B 2 HOH 113 313 313 HOH HOH A . 
B 2 HOH 114 314 314 HOH HOH A . 
B 2 HOH 115 315 315 HOH HOH A . 
B 2 HOH 116 316 316 HOH HOH A . 
B 2 HOH 117 317 317 HOH HOH A . 
B 2 HOH 118 318 318 HOH HOH A . 
B 2 HOH 119 319 319 HOH HOH A . 
B 2 HOH 120 320 320 HOH HOH A . 
B 2 HOH 121 321 321 HOH HOH A . 
B 2 HOH 122 322 322 HOH HOH A . 
B 2 HOH 123 323 323 HOH HOH A . 
B 2 HOH 124 324 324 HOH HOH A . 
B 2 HOH 125 325 325 HOH HOH A . 
B 2 HOH 126 326 326 HOH HOH A . 
B 2 HOH 127 327 327 HOH HOH A . 
B 2 HOH 128 328 328 HOH HOH A . 
B 2 HOH 129 329 329 HOH HOH A . 
B 2 HOH 130 330 330 HOH HOH A . 
B 2 HOH 131 331 331 HOH HOH A . 
B 2 HOH 132 332 332 HOH HOH A . 
B 2 HOH 133 333 333 HOH HOH A . 
B 2 HOH 134 334 334 HOH HOH A . 
B 2 HOH 135 335 335 HOH HOH A . 
B 2 HOH 136 336 336 HOH HOH A . 
B 2 HOH 137 337 337 HOH HOH A . 
B 2 HOH 138 338 338 HOH HOH A . 
B 2 HOH 139 339 339 HOH HOH A . 
B 2 HOH 140 340 340 HOH HOH A . 
B 2 HOH 141 341 341 HOH HOH A . 
B 2 HOH 142 342 342 HOH HOH A . 
B 2 HOH 143 343 343 HOH HOH A . 
B 2 HOH 144 344 344 HOH HOH A . 
B 2 HOH 145 345 345 HOH HOH A . 
B 2 HOH 146 346 346 HOH HOH A . 
B 2 HOH 147 347 347 HOH HOH A . 
B 2 HOH 148 348 348 HOH HOH A . 
B 2 HOH 149 349 349 HOH HOH A . 
B 2 HOH 150 350 350 HOH HOH A . 
B 2 HOH 151 351 351 HOH HOH A . 
B 2 HOH 152 352 352 HOH HOH A . 
B 2 HOH 153 353 353 HOH HOH A . 
B 2 HOH 154 354 354 HOH HOH A . 
B 2 HOH 155 355 355 HOH HOH A . 
B 2 HOH 156 356 356 HOH HOH A . 
B 2 HOH 157 357 357 HOH HOH A . 
B 2 HOH 158 358 358 HOH HOH A . 
B 2 HOH 159 359 359 HOH HOH A . 
# 
loop_
_software.name 
_software.classification 
_software.version 
_software.citation_id 
_software.pdbx_ordinal 
SOLVE     phasing          .     ? 1 
X-PLOR    refinement       3.843 ? 2 
DENZO     'data reduction' .     ? 3 
SCALEPACK 'data scaling'   .     ? 4 
# 
_cell.entry_id           1QQL 
_cell.length_a           89.8 
_cell.length_b           89.8 
_cell.length_c           65.5 
_cell.angle_alpha        90.00 
_cell.angle_beta         90.00 
_cell.angle_gamma        120.00 
_cell.Z_PDB              12 
_cell.pdbx_unique_axis   ? 
# 
_symmetry.entry_id                         1QQL 
_symmetry.space_group_name_H-M             'P 64 2 2' 
_symmetry.pdbx_full_space_group_name_H-M   ? 
_symmetry.cell_setting                     ? 
_symmetry.Int_Tables_number                181 
# 
_exptl.entry_id          1QQL 
_exptl.method            'X-RAY DIFFRACTION' 
_exptl.crystals_number   1 
# 
_exptl_crystal.id                    1 
_exptl_crystal.density_meas          ? 
_exptl_crystal.density_Matthews      2.32 
_exptl_crystal.density_percent_sol   46.96 
_exptl_crystal.description           ? 
# 
_exptl_crystal_grow.crystal_id      1 
_exptl_crystal_grow.method          'VAPOR DIFFUSION, SITTING DROP' 
_exptl_crystal_grow.temp            298 
_exptl_crystal_grow.temp_details    ? 
_exptl_crystal_grow.pH              7.0 
_exptl_crystal_grow.pdbx_details    
'SODIUM PHOSPHATE, POTASSIUM PHOSPHATE, SODIUM SULPHATE, pH 7.0, VAPOR DIFFUSION, SITTING DROP, temperature 298K' 
_exptl_crystal_grow.pdbx_pH_range   . 
# 
loop_
_diffrn.id 
_diffrn.ambient_temp 
_diffrn.ambient_temp_details 
_diffrn.crystal_id 
1 99 ? 1 
2 ?  ? 1 
3 ?  ? 1 
# 
loop_
_diffrn_detector.diffrn_id 
_diffrn_detector.detector 
_diffrn_detector.type 
_diffrn_detector.pdbx_collection_date 
_diffrn_detector.details 
1 CCD 'ADSC QUANTUM 4' 1998-12-31 ? 
2 ?   ?                ?          ? 
3 ?   ?                ?          ? 
# 
loop_
_diffrn_radiation.diffrn_id 
_diffrn_radiation.wavelength_id 
_diffrn_radiation.pdbx_monochromatic_or_laue_m_l 
_diffrn_radiation.monochromator 
_diffrn_radiation.pdbx_diffrn_protocol 
_diffrn_radiation.pdbx_scattering_type 
1 1 M ? 'SINGLE WAVELENGTH' x-ray 
2 1 M ? 'SINGLE WAVELENGTH' x-ray 
3 1 M ? 'SINGLE WAVELENGTH' x-ray 
# 
loop_
_diffrn_radiation_wavelength.id 
_diffrn_radiation_wavelength.wavelength 
_diffrn_radiation_wavelength.wt 
1 0.9794 1.0 
2 0.9792 1.0 
3 0.9639 1.0 
# 
loop_
_diffrn_source.diffrn_id 
_diffrn_source.source 
_diffrn_source.type 
_diffrn_source.pdbx_synchrotron_site 
_diffrn_source.pdbx_synchrotron_beamline 
_diffrn_source.pdbx_wavelength 
_diffrn_source.pdbx_wavelength_list 
1 SYNCHROTRON 'CHESS BEAMLINE F2' CHESS F2 0.9794 ? 
2 SYNCHROTRON 'CHESS BEAMLINE F2' CHESS F2 0.9792 ? 
3 SYNCHROTRON 'CHESS BEAMLINE F2' CHESS F2 0.9639 ? 
# 
_reflns.entry_id                     1QQL 
_reflns.observed_criterion_sigma_I   0 
_reflns.observed_criterion_sigma_F   0 
_reflns.d_resolution_low             30 
_reflns.d_resolution_high            2.3 
_reflns.number_obs                   7140 
_reflns.number_all                   7140 
_reflns.percent_possible_obs         96.8 
_reflns.pdbx_Rmerge_I_obs            0.0650000 
_reflns.pdbx_Rsym_value              ? 
_reflns.pdbx_netI_over_sigmaI        28.1 
_reflns.B_iso_Wilson_estimate        ? 
_reflns.pdbx_redundancy              9.0 
_reflns.R_free_details               ? 
_reflns.limit_h_max                  ? 
_reflns.limit_h_min                  ? 
_reflns.limit_k_max                  ? 
_reflns.limit_k_min                  ? 
_reflns.limit_l_max                  ? 
_reflns.limit_l_min                  ? 
_reflns.observed_criterion_F_max     ? 
_reflns.observed_criterion_F_min     ? 
_reflns.pdbx_diffrn_id               1,2,3 
_reflns.pdbx_ordinal                 1 
# 
_reflns_shell.d_res_high             2.30 
_reflns_shell.d_res_low              2.38 
_reflns_shell.percent_possible_all   95.0 
_reflns_shell.Rmerge_I_obs           0.2990000 
_reflns_shell.pdbx_Rsym_value        ? 
_reflns_shell.meanI_over_sigI_obs    ? 
_reflns_shell.pdbx_redundancy        7.8 
_reflns_shell.percent_possible_obs   ? 
_reflns_shell.number_unique_all      ? 
_reflns_shell.pdbx_diffrn_id         ? 
_reflns_shell.pdbx_ordinal           1 
# 
_refine.entry_id                                 1QQL 
_refine.ls_number_reflns_obs                     6024 
_refine.ls_number_reflns_all                     6863 
_refine.pdbx_ls_sigma_I                          2.0 
_refine.pdbx_ls_sigma_F                          2.0 
_refine.pdbx_data_cutoff_high_absF               ? 
_refine.pdbx_data_cutoff_low_absF                ? 
_refine.pdbx_data_cutoff_high_rms_absF           ? 
_refine.ls_d_res_low                             6 
_refine.ls_d_res_high                            2.3 
_refine.ls_percent_reflns_obs                    87.8 
_refine.ls_R_factor_obs                          0.2460000 
_refine.ls_R_factor_all                          0.2620000 
_refine.ls_R_factor_R_work                       0.2370000 
_refine.ls_R_factor_R_free                       0.3280000 
_refine.ls_R_factor_R_free_error                 ? 
_refine.ls_R_factor_R_free_error_details         ? 
_refine.ls_percent_reflns_R_free                 ? 
_refine.ls_number_reflns_R_free                  623 
_refine.ls_number_parameters                     ? 
_refine.ls_number_restraints                     ? 
_refine.occupancy_min                            ? 
_refine.occupancy_max                            ? 
_refine.B_iso_mean                               ? 
_refine.aniso_B[1][1]                            ? 
_refine.aniso_B[2][2]                            ? 
_refine.aniso_B[3][3]                            ? 
_refine.aniso_B[1][2]                            ? 
_refine.aniso_B[1][3]                            ? 
_refine.aniso_B[2][3]                            ? 
_refine.solvent_model_details                    ? 
_refine.solvent_model_param_ksol                 ? 
_refine.solvent_model_param_bsol                 ? 
_refine.pdbx_ls_cross_valid_method               ? 
_refine.details                                  ? 
_refine.pdbx_starting_model                      ? 
_refine.pdbx_method_to_determine_struct          ? 
_refine.pdbx_isotropic_thermal_model             ? 
_refine.pdbx_stereochemistry_target_values       ? 
_refine.pdbx_stereochem_target_val_spec_case     ? 
_refine.pdbx_R_Free_selection_details            RANDOM 
_refine.pdbx_overall_ESU_R                       ? 
_refine.pdbx_overall_ESU_R_Free                  ? 
_refine.overall_SU_ML                            ? 
_refine.overall_SU_B                             ? 
_refine.ls_redundancy_reflns_obs                 ? 
_refine.B_iso_min                                ? 
_refine.B_iso_max                                ? 
_refine.correlation_coeff_Fo_to_Fc               ? 
_refine.correlation_coeff_Fo_to_Fc_free          ? 
_refine.overall_SU_R_Cruickshank_DPI             ? 
_refine.overall_SU_R_free                        ? 
_refine.pdbx_refine_id                           'X-RAY DIFFRACTION' 
_refine.pdbx_diffrn_id                           1 
_refine.pdbx_TLS_residual_ADP_flag               ? 
_refine.pdbx_solvent_vdw_probe_radii             ? 
_refine.pdbx_solvent_ion_probe_radii             ? 
_refine.pdbx_solvent_shrinkage_radii             ? 
_refine.pdbx_overall_phase_error                 ? 
_refine.pdbx_overall_SU_R_free_Cruickshank_DPI   ? 
_refine.pdbx_overall_SU_R_Blow_DPI               ? 
_refine.pdbx_overall_SU_R_free_Blow_DPI          ? 
# 
_refine_hist.pdbx_refine_id                   'X-RAY DIFFRACTION' 
_refine_hist.cycle_id                         LAST 
_refine_hist.pdbx_number_atoms_protein        1082 
_refine_hist.pdbx_number_atoms_nucleic_acid   0 
_refine_hist.pdbx_number_atoms_ligand         0 
_refine_hist.number_atoms_solvent             159 
_refine_hist.number_atoms_total               1241 
_refine_hist.d_res_high                       2.3 
_refine_hist.d_res_low                        6 
# 
loop_
_refine_ls_restr.type 
_refine_ls_restr.dev_ideal 
_refine_ls_restr.dev_ideal_target 
_refine_ls_restr.weight 
_refine_ls_restr.number 
_refine_ls_restr.pdbx_refine_id 
_refine_ls_restr.pdbx_restraint_function 
x_bond_d                0.016 ? ? ? 'X-RAY DIFFRACTION' ? 
x_bond_d_na             ?     ? ? ? 'X-RAY DIFFRACTION' ? 
x_bond_d_prot           ?     ? ? ? 'X-RAY DIFFRACTION' ? 
x_angle_d               ?     ? ? ? 'X-RAY DIFFRACTION' ? 
x_angle_d_na            ?     ? ? ? 'X-RAY DIFFRACTION' ? 
x_angle_d_prot          ?     ? ? ? 'X-RAY DIFFRACTION' ? 
x_angle_deg             2.10  ? ? ? 'X-RAY DIFFRACTION' ? 
x_angle_deg_na          ?     ? ? ? 'X-RAY DIFFRACTION' ? 
x_angle_deg_prot        ?     ? ? ? 'X-RAY DIFFRACTION' ? 
x_dihedral_angle_d      ?     ? ? ? 'X-RAY DIFFRACTION' ? 
x_dihedral_angle_d_na   ?     ? ? ? 'X-RAY DIFFRACTION' ? 
x_dihedral_angle_d_prot ?     ? ? ? 'X-RAY DIFFRACTION' ? 
x_improper_angle_d      ?     ? ? ? 'X-RAY DIFFRACTION' ? 
x_improper_angle_d_na   ?     ? ? ? 'X-RAY DIFFRACTION' ? 
x_improper_angle_d_prot ?     ? ? ? 'X-RAY DIFFRACTION' ? 
x_mcbond_it             ?     ? ? ? 'X-RAY DIFFRACTION' ? 
x_mcangle_it            ?     ? ? ? 'X-RAY DIFFRACTION' ? 
x_scbond_it             ?     ? ? ? 'X-RAY DIFFRACTION' ? 
x_scangle_it            ?     ? ? ? 'X-RAY DIFFRACTION' ? 
# 
_struct.entry_id                  1QQL 
_struct.title                     'THE CRYSTAL STRUCTURE OF FIBROBLAST GROWTH FACTOR 7/1 CHIMERA' 
_struct.pdbx_model_details        ? 
_struct.pdbx_CASP_flag            ? 
_struct.pdbx_model_type_details   ? 
# 
_struct_keywords.entry_id        1QQL 
_struct_keywords.pdbx_keywords   'HORMONE/GROWTH FACTOR' 
_struct_keywords.text            'BETA-TREFOIL, HORMONE-GROWTH FACTOR COMPLEX' 
# 
loop_
_struct_asym.id 
_struct_asym.pdbx_blank_PDB_chainid_flag 
_struct_asym.pdbx_modified 
_struct_asym.entity_id 
_struct_asym.details 
A N N 1 ? 
B N N 2 ? 
# 
loop_
_struct_ref.id 
_struct_ref.db_name 
_struct_ref.db_code 
_struct_ref.pdbx_db_accession 
_struct_ref.pdbx_db_isoform 
_struct_ref.entity_id 
_struct_ref.pdbx_seq_one_letter_code 
_struct_ref.pdbx_align_begin 
1 UNP Q9ERN5_RAT Q9ERN5 ? 1 SYDYMEGGDIRVRRLFCRTQWYLRIDKRGKVKGTQEMRNSYNIMEIRTVAVGIVAIKGVESEYYLAMNKEGKLYAK 55 
2 UNP FGF1_HUMAN P05230 ? 1 QTPNEECLFLERLEENHYNTYISKKHAEKNWFVGLKKNGSCKRGPRTHYGQKAILFLPLPVSSD             92 
# 
loop_
_struct_ref_seq.align_id 
_struct_ref_seq.ref_id 
_struct_ref_seq.pdbx_PDB_id_code 
_struct_ref_seq.pdbx_strand_id 
_struct_ref_seq.seq_align_beg 
_struct_ref_seq.pdbx_seq_align_beg_ins_code 
_struct_ref_seq.seq_align_end 
_struct_ref_seq.pdbx_seq_align_end_ins_code 
_struct_ref_seq.pdbx_db_accession 
_struct_ref_seq.db_align_beg 
_struct_ref_seq.pdbx_db_align_beg_ins_code 
_struct_ref_seq.db_align_end 
_struct_ref_seq.pdbx_db_align_end_ins_code 
_struct_ref_seq.pdbx_auth_seq_align_beg 
_struct_ref_seq.pdbx_auth_seq_align_end 
1 1 1QQL A 1  ? 76  ? Q9ERN5 55 ? 130 ? 1  76  
2 2 1QQL A 77 ? 140 ? P05230 92 ? 155 ? 77 140 
# 
_pdbx_struct_assembly.id                   1 
_pdbx_struct_assembly.details              author_defined_assembly 
_pdbx_struct_assembly.method_details       ? 
_pdbx_struct_assembly.oligomeric_details   monomeric 
_pdbx_struct_assembly.oligomeric_count     1 
# 
_pdbx_struct_assembly_gen.assembly_id       1 
_pdbx_struct_assembly_gen.oper_expression   1 
_pdbx_struct_assembly_gen.asym_id_list      A,B 
# 
_pdbx_struct_oper_list.id                   1 
_pdbx_struct_oper_list.type                 'identity operation' 
_pdbx_struct_oper_list.name                 1_555 
_pdbx_struct_oper_list.symmetry_operation   x,y,z 
_pdbx_struct_oper_list.matrix[1][1]         1.0000000000 
_pdbx_struct_oper_list.matrix[1][2]         0.0000000000 
_pdbx_struct_oper_list.matrix[1][3]         0.0000000000 
_pdbx_struct_oper_list.vector[1]            0.0000000000 
_pdbx_struct_oper_list.matrix[2][1]         0.0000000000 
_pdbx_struct_oper_list.matrix[2][2]         1.0000000000 
_pdbx_struct_oper_list.matrix[2][3]         0.0000000000 
_pdbx_struct_oper_list.vector[2]            0.0000000000 
_pdbx_struct_oper_list.matrix[3][1]         0.0000000000 
_pdbx_struct_oper_list.matrix[3][2]         0.0000000000 
_pdbx_struct_oper_list.matrix[3][3]         1.0000000000 
_pdbx_struct_oper_list.vector[3]            0.0000000000 
# 
_struct_conf.conf_type_id            HELX_P 
_struct_conf.id                      HELX_P1 
_struct_conf.pdbx_PDB_helix_id       1 
_struct_conf.beg_label_comp_id       ASN 
_struct_conf.beg_label_asym_id       A 
_struct_conf.beg_label_seq_id        80 
_struct_conf.pdbx_beg_PDB_ins_code   ? 
_struct_conf.end_label_comp_id       GLU 
_struct_conf.end_label_asym_id       A 
_struct_conf.end_label_seq_id        82 
_struct_conf.pdbx_end_PDB_ins_code   ? 
_struct_conf.beg_auth_comp_id        ASN 
_struct_conf.beg_auth_asym_id        A 
_struct_conf.beg_auth_seq_id         80 
_struct_conf.end_auth_comp_id        GLU 
_struct_conf.end_auth_asym_id        A 
_struct_conf.end_auth_seq_id         82 
_struct_conf.pdbx_PDB_helix_class    5 
_struct_conf.details                 ? 
_struct_conf.pdbx_PDB_helix_length   3 
# 
_struct_conf_type.id          HELX_P 
_struct_conf_type.criteria    ? 
_struct_conf_type.reference   ? 
# 
loop_
_struct_sheet.id 
_struct_sheet.type 
_struct_sheet.number_strands 
_struct_sheet.details 
A ? 5 ? 
B ? 4 ? 
C ? 2 ? 
# 
loop_
_struct_sheet_order.sheet_id 
_struct_sheet_order.range_id_1 
_struct_sheet_order.range_id_2 
_struct_sheet_order.offset 
_struct_sheet_order.sense 
A 1 2 ? anti-parallel 
A 2 3 ? anti-parallel 
A 3 4 ? anti-parallel 
A 4 5 ? anti-parallel 
B 1 2 ? anti-parallel 
B 2 3 ? anti-parallel 
B 3 4 ? anti-parallel 
C 1 2 ? anti-parallel 
# 
loop_
_struct_sheet_range.sheet_id 
_struct_sheet_range.id 
_struct_sheet_range.beg_label_comp_id 
_struct_sheet_range.beg_label_asym_id 
_struct_sheet_range.beg_label_seq_id 
_struct_sheet_range.pdbx_beg_PDB_ins_code 
_struct_sheet_range.end_label_comp_id 
_struct_sheet_range.end_label_asym_id 
_struct_sheet_range.end_label_seq_id 
_struct_sheet_range.pdbx_end_PDB_ins_code 
_struct_sheet_range.beg_auth_comp_id 
_struct_sheet_range.beg_auth_asym_id 
_struct_sheet_range.beg_auth_seq_id 
_struct_sheet_range.end_auth_comp_id 
_struct_sheet_range.end_auth_asym_id 
_struct_sheet_range.end_auth_seq_id 
A 1 ILE A 10  ? ARG A 13  ? ILE A 10  ARG A 13  
A 2 MET A 44  ? ALA A 50  ? MET A 44  ALA A 50  
A 3 ILE A 53  ? GLY A 58  ? ILE A 53  GLY A 58  
A 4 LEU A 84  ? LEU A 89  ? LEU A 84  LEU A 89  
A 5 ASN A 95  ? SER A 99  ? ASN A 95  SER A 99  
B 1 VAL A 31  ? THR A 34  ? VAL A 31  THR A 34  
B 2 TRP A 21  ? ILE A 25  ? TRP A 21  ILE A 25  
B 3 PHE A 16  ? CYS A 17  ? PHE A 16  CYS A 17  
B 4 PHE A 132 ? LEU A 133 ? PHE A 132 LEU A 133 
C 1 ALA A 66  ? MET A 67  ? ALA A 66  MET A 67  
C 2 LEU A 73  ? TYR A 74  ? LEU A 73  TYR A 74  
# 
loop_
_pdbx_struct_sheet_hbond.sheet_id 
_pdbx_struct_sheet_hbond.range_id_1 
_pdbx_struct_sheet_hbond.range_id_2 
_pdbx_struct_sheet_hbond.range_1_label_atom_id 
_pdbx_struct_sheet_hbond.range_1_label_comp_id 
_pdbx_struct_sheet_hbond.range_1_label_asym_id 
_pdbx_struct_sheet_hbond.range_1_label_seq_id 
_pdbx_struct_sheet_hbond.range_1_PDB_ins_code 
_pdbx_struct_sheet_hbond.range_1_auth_atom_id 
_pdbx_struct_sheet_hbond.range_1_auth_comp_id 
_pdbx_struct_sheet_hbond.range_1_auth_asym_id 
_pdbx_struct_sheet_hbond.range_1_auth_seq_id 
_pdbx_struct_sheet_hbond.range_2_label_atom_id 
_pdbx_struct_sheet_hbond.range_2_label_comp_id 
_pdbx_struct_sheet_hbond.range_2_label_asym_id 
_pdbx_struct_sheet_hbond.range_2_label_seq_id 
_pdbx_struct_sheet_hbond.range_2_PDB_ins_code 
_pdbx_struct_sheet_hbond.range_2_auth_atom_id 
_pdbx_struct_sheet_hbond.range_2_auth_comp_id 
_pdbx_struct_sheet_hbond.range_2_auth_asym_id 
_pdbx_struct_sheet_hbond.range_2_auth_seq_id 
A 1 2 O ARG A 13 ? O ARG A 13 N MET A 44  ? N MET A 44  
A 2 3 O ALA A 50 ? O ALA A 50 N ILE A 53  ? N ILE A 53  
A 3 4 O VAL A 54 ? O VAL A 54 N PHE A 85  ? N PHE A 85  
A 4 5 N ARG A 88 ? N ARG A 88 O THR A 96  ? O THR A 96  
B 1 2 O THR A 34 ? O THR A 34 N TYR A 22  ? N TYR A 22  
B 2 3 O TRP A 21 ? O TRP A 21 N CYS A 17  ? N CYS A 17  
B 3 4 N PHE A 16 ? N PHE A 16 O LEU A 133 ? O LEU A 133 
C 1 2 N ALA A 66 ? N ALA A 66 O TYR A 74  ? O TYR A 74  
# 
loop_
_pdbx_validate_rmsd_angle.id 
_pdbx_validate_rmsd_angle.PDB_model_num 
_pdbx_validate_rmsd_angle.auth_atom_id_1 
_pdbx_validate_rmsd_angle.auth_asym_id_1 
_pdbx_validate_rmsd_angle.auth_comp_id_1 
_pdbx_validate_rmsd_angle.auth_seq_id_1 
_pdbx_validate_rmsd_angle.PDB_ins_code_1 
_pdbx_validate_rmsd_angle.label_alt_id_1 
_pdbx_validate_rmsd_angle.auth_atom_id_2 
_pdbx_validate_rmsd_angle.auth_asym_id_2 
_pdbx_validate_rmsd_angle.auth_comp_id_2 
_pdbx_validate_rmsd_angle.auth_seq_id_2 
_pdbx_validate_rmsd_angle.PDB_ins_code_2 
_pdbx_validate_rmsd_angle.label_alt_id_2 
_pdbx_validate_rmsd_angle.auth_atom_id_3 
_pdbx_validate_rmsd_angle.auth_asym_id_3 
_pdbx_validate_rmsd_angle.auth_comp_id_3 
_pdbx_validate_rmsd_angle.auth_seq_id_3 
_pdbx_validate_rmsd_angle.PDB_ins_code_3 
_pdbx_validate_rmsd_angle.label_alt_id_3 
_pdbx_validate_rmsd_angle.angle_value 
_pdbx_validate_rmsd_angle.angle_target_value 
_pdbx_validate_rmsd_angle.angle_deviation 
_pdbx_validate_rmsd_angle.angle_standard_deviation 
_pdbx_validate_rmsd_angle.linker_flag 
1 1 NE A ARG 38 ? ? CZ A ARG 38 ? ? NH1 A ARG 38 ? ? 123.46 120.30 3.16   0.50 N 
2 1 N  A ASN 92 ? ? CA A ASN 92 ? ? C   A ASN 92 ? ? 93.97  111.00 -17.03 2.70 N 
# 
loop_
_pdbx_validate_torsion.id 
_pdbx_validate_torsion.PDB_model_num 
_pdbx_validate_torsion.auth_comp_id 
_pdbx_validate_torsion.auth_asym_id 
_pdbx_validate_torsion.auth_seq_id 
_pdbx_validate_torsion.PDB_ins_code 
_pdbx_validate_torsion.label_alt_id 
_pdbx_validate_torsion.phi 
_pdbx_validate_torsion.psi 
1  1 ARG A 13  ? ? -123.07 -165.83 
2  1 LEU A 15  ? ? 62.79   76.51   
3  1 GLN A 20  ? ? 74.75   34.64   
4  1 ARG A 38  ? ? -68.54  49.07   
5  1 SER A 40  ? ? 61.21   -26.38  
6  1 VAL A 59  ? ? -65.57  11.58   
7  1 GLU A 60  ? ? -135.74 -39.08  
8  1 GLU A 62  ? ? 59.77   13.55   
9  1 TYR A 64  ? ? -94.42  -154.38 
10 1 LYS A 76  ? ? -81.30  -102.40 
11 1 GLN A 77  ? ? 153.59  -32.93  
12 1 HIS A 93  ? ? -94.73  30.49   
13 1 VAL A 137 ? ? -97.21  35.74   
14 1 SER A 138 ? ? -101.68 -86.00  
# 
_pdbx_validate_planes.id              1 
_pdbx_validate_planes.PDB_model_num   1 
_pdbx_validate_planes.auth_comp_id    TYR 
_pdbx_validate_planes.auth_asym_id    A 
_pdbx_validate_planes.auth_seq_id     94 
_pdbx_validate_planes.PDB_ins_code    ? 
_pdbx_validate_planes.label_alt_id    ? 
_pdbx_validate_planes.rmsd            0.090 
_pdbx_validate_planes.type            'SIDE CHAIN' 
# 
loop_
_pdbx_unobs_or_zero_occ_residues.id 
_pdbx_unobs_or_zero_occ_residues.PDB_model_num 
_pdbx_unobs_or_zero_occ_residues.polymer_flag 
_pdbx_unobs_or_zero_occ_residues.occupancy_flag 
_pdbx_unobs_or_zero_occ_residues.auth_asym_id 
_pdbx_unobs_or_zero_occ_residues.auth_comp_id 
_pdbx_unobs_or_zero_occ_residues.auth_seq_id 
_pdbx_unobs_or_zero_occ_residues.PDB_ins_code 
_pdbx_unobs_or_zero_occ_residues.label_asym_id 
_pdbx_unobs_or_zero_occ_residues.label_comp_id 
_pdbx_unobs_or_zero_occ_residues.label_seq_id 
1 1 Y 1 A SER 1   ? A SER 1   
2 1 Y 1 A TYR 2   ? A TYR 2   
3 1 Y 1 A ASP 3   ? A ASP 3   
4 1 Y 1 A TYR 4   ? A TYR 4   
5 1 Y 1 A MET 5   ? A MET 5   
6 1 Y 1 A GLU 6   ? A GLU 6   
7 1 Y 1 A GLY 7   ? A GLY 7   
8 1 Y 1 A GLY 8   ? A GLY 8   
9 1 Y 1 A ASP 140 ? A ASP 140 
# 
loop_
_chem_comp_atom.comp_id 
_chem_comp_atom.atom_id 
_chem_comp_atom.type_symbol 
_chem_comp_atom.pdbx_aromatic_flag 
_chem_comp_atom.pdbx_stereo_config 
_chem_comp_atom.pdbx_ordinal 
ALA N    N N N 1   
ALA CA   C N S 2   
ALA C    C N N 3   
ALA O    O N N 4   
ALA CB   C N N 5   
ALA OXT  O N N 6   
ALA H    H N N 7   
ALA H2   H N N 8   
ALA HA   H N N 9   
ALA HB1  H N N 10  
ALA HB2  H N N 11  
ALA HB3  H N N 12  
ALA HXT  H N N 13  
ARG N    N N N 14  
ARG CA   C N S 15  
ARG C    C N N 16  
ARG O    O N N 17  
ARG CB   C N N 18  
ARG CG   C N N 19  
ARG CD   C N N 20  
ARG NE   N N N 21  
ARG CZ   C N N 22  
ARG NH1  N N N 23  
ARG NH2  N N N 24  
ARG OXT  O N N 25  
ARG H    H N N 26  
ARG H2   H N N 27  
ARG HA   H N N 28  
ARG HB2  H N N 29  
ARG HB3  H N N 30  
ARG HG2  H N N 31  
ARG HG3  H N N 32  
ARG HD2  H N N 33  
ARG HD3  H N N 34  
ARG HE   H N N 35  
ARG HH11 H N N 36  
ARG HH12 H N N 37  
ARG HH21 H N N 38  
ARG HH22 H N N 39  
ARG HXT  H N N 40  
ASN N    N N N 41  
ASN CA   C N S 42  
ASN C    C N N 43  
ASN O    O N N 44  
ASN CB   C N N 45  
ASN CG   C N N 46  
ASN OD1  O N N 47  
ASN ND2  N N N 48  
ASN OXT  O N N 49  
ASN H    H N N 50  
ASN H2   H N N 51  
ASN HA   H N N 52  
ASN HB2  H N N 53  
ASN HB3  H N N 54  
ASN HD21 H N N 55  
ASN HD22 H N N 56  
ASN HXT  H N N 57  
ASP N    N N N 58  
ASP CA   C N S 59  
ASP C    C N N 60  
ASP O    O N N 61  
ASP CB   C N N 62  
ASP CG   C N N 63  
ASP OD1  O N N 64  
ASP OD2  O N N 65  
ASP OXT  O N N 66  
ASP H    H N N 67  
ASP H2   H N N 68  
ASP HA   H N N 69  
ASP HB2  H N N 70  
ASP HB3  H N N 71  
ASP HD2  H N N 72  
ASP HXT  H N N 73  
CYS N    N N N 74  
CYS CA   C N R 75  
CYS C    C N N 76  
CYS O    O N N 77  
CYS CB   C N N 78  
CYS SG   S N N 79  
CYS OXT  O N N 80  
CYS H    H N N 81  
CYS H2   H N N 82  
CYS HA   H N N 83  
CYS HB2  H N N 84  
CYS HB3  H N N 85  
CYS HG   H N N 86  
CYS HXT  H N N 87  
GLN N    N N N 88  
GLN CA   C N S 89  
GLN C    C N N 90  
GLN O    O N N 91  
GLN CB   C N N 92  
GLN CG   C N N 93  
GLN CD   C N N 94  
GLN OE1  O N N 95  
GLN NE2  N N N 96  
GLN OXT  O N N 97  
GLN H    H N N 98  
GLN H2   H N N 99  
GLN HA   H N N 100 
GLN HB2  H N N 101 
GLN HB3  H N N 102 
GLN HG2  H N N 103 
GLN HG3  H N N 104 
GLN HE21 H N N 105 
GLN HE22 H N N 106 
GLN HXT  H N N 107 
GLU N    N N N 108 
GLU CA   C N S 109 
GLU C    C N N 110 
GLU O    O N N 111 
GLU CB   C N N 112 
GLU CG   C N N 113 
GLU CD   C N N 114 
GLU OE1  O N N 115 
GLU OE2  O N N 116 
GLU OXT  O N N 117 
GLU H    H N N 118 
GLU H2   H N N 119 
GLU HA   H N N 120 
GLU HB2  H N N 121 
GLU HB3  H N N 122 
GLU HG2  H N N 123 
GLU HG3  H N N 124 
GLU HE2  H N N 125 
GLU HXT  H N N 126 
GLY N    N N N 127 
GLY CA   C N N 128 
GLY C    C N N 129 
GLY O    O N N 130 
GLY OXT  O N N 131 
GLY H    H N N 132 
GLY H2   H N N 133 
GLY HA2  H N N 134 
GLY HA3  H N N 135 
GLY HXT  H N N 136 
HIS N    N N N 137 
HIS CA   C N S 138 
HIS C    C N N 139 
HIS O    O N N 140 
HIS CB   C N N 141 
HIS CG   C Y N 142 
HIS ND1  N Y N 143 
HIS CD2  C Y N 144 
HIS CE1  C Y N 145 
HIS NE2  N Y N 146 
HIS OXT  O N N 147 
HIS H    H N N 148 
HIS H2   H N N 149 
HIS HA   H N N 150 
HIS HB2  H N N 151 
HIS HB3  H N N 152 
HIS HD1  H N N 153 
HIS HD2  H N N 154 
HIS HE1  H N N 155 
HIS HE2  H N N 156 
HIS HXT  H N N 157 
HOH O    O N N 158 
HOH H1   H N N 159 
HOH H2   H N N 160 
ILE N    N N N 161 
ILE CA   C N S 162 
ILE C    C N N 163 
ILE O    O N N 164 
ILE CB   C N S 165 
ILE CG1  C N N 166 
ILE CG2  C N N 167 
ILE CD1  C N N 168 
ILE OXT  O N N 169 
ILE H    H N N 170 
ILE H2   H N N 171 
ILE HA   H N N 172 
ILE HB   H N N 173 
ILE HG12 H N N 174 
ILE HG13 H N N 175 
ILE HG21 H N N 176 
ILE HG22 H N N 177 
ILE HG23 H N N 178 
ILE HD11 H N N 179 
ILE HD12 H N N 180 
ILE HD13 H N N 181 
ILE HXT  H N N 182 
LEU N    N N N 183 
LEU CA   C N S 184 
LEU C    C N N 185 
LEU O    O N N 186 
LEU CB   C N N 187 
LEU CG   C N N 188 
LEU CD1  C N N 189 
LEU CD2  C N N 190 
LEU OXT  O N N 191 
LEU H    H N N 192 
LEU H2   H N N 193 
LEU HA   H N N 194 
LEU HB2  H N N 195 
LEU HB3  H N N 196 
LEU HG   H N N 197 
LEU HD11 H N N 198 
LEU HD12 H N N 199 
LEU HD13 H N N 200 
LEU HD21 H N N 201 
LEU HD22 H N N 202 
LEU HD23 H N N 203 
LEU HXT  H N N 204 
LYS N    N N N 205 
LYS CA   C N S 206 
LYS C    C N N 207 
LYS O    O N N 208 
LYS CB   C N N 209 
LYS CG   C N N 210 
LYS CD   C N N 211 
LYS CE   C N N 212 
LYS NZ   N N N 213 
LYS OXT  O N N 214 
LYS H    H N N 215 
LYS H2   H N N 216 
LYS HA   H N N 217 
LYS HB2  H N N 218 
LYS HB3  H N N 219 
LYS HG2  H N N 220 
LYS HG3  H N N 221 
LYS HD2  H N N 222 
LYS HD3  H N N 223 
LYS HE2  H N N 224 
LYS HE3  H N N 225 
LYS HZ1  H N N 226 
LYS HZ2  H N N 227 
LYS HZ3  H N N 228 
LYS HXT  H N N 229 
MET N    N N N 230 
MET CA   C N S 231 
MET C    C N N 232 
MET O    O N N 233 
MET CB   C N N 234 
MET CG   C N N 235 
MET SD   S N N 236 
MET CE   C N N 237 
MET OXT  O N N 238 
MET H    H N N 239 
MET H2   H N N 240 
MET HA   H N N 241 
MET HB2  H N N 242 
MET HB3  H N N 243 
MET HG2  H N N 244 
MET HG3  H N N 245 
MET HE1  H N N 246 
MET HE2  H N N 247 
MET HE3  H N N 248 
MET HXT  H N N 249 
PHE N    N N N 250 
PHE CA   C N S 251 
PHE C    C N N 252 
PHE O    O N N 253 
PHE CB   C N N 254 
PHE CG   C Y N 255 
PHE CD1  C Y N 256 
PHE CD2  C Y N 257 
PHE CE1  C Y N 258 
PHE CE2  C Y N 259 
PHE CZ   C Y N 260 
PHE OXT  O N N 261 
PHE H    H N N 262 
PHE H2   H N N 263 
PHE HA   H N N 264 
PHE HB2  H N N 265 
PHE HB3  H N N 266 
PHE HD1  H N N 267 
PHE HD2  H N N 268 
PHE HE1  H N N 269 
PHE HE2  H N N 270 
PHE HZ   H N N 271 
PHE HXT  H N N 272 
PRO N    N N N 273 
PRO CA   C N S 274 
PRO C    C N N 275 
PRO O    O N N 276 
PRO CB   C N N 277 
PRO CG   C N N 278 
PRO CD   C N N 279 
PRO OXT  O N N 280 
PRO H    H N N 281 
PRO HA   H N N 282 
PRO HB2  H N N 283 
PRO HB3  H N N 284 
PRO HG2  H N N 285 
PRO HG3  H N N 286 
PRO HD2  H N N 287 
PRO HD3  H N N 288 
PRO HXT  H N N 289 
SER N    N N N 290 
SER CA   C N S 291 
SER C    C N N 292 
SER O    O N N 293 
SER CB   C N N 294 
SER OG   O N N 295 
SER OXT  O N N 296 
SER H    H N N 297 
SER H2   H N N 298 
SER HA   H N N 299 
SER HB2  H N N 300 
SER HB3  H N N 301 
SER HG   H N N 302 
SER HXT  H N N 303 
THR N    N N N 304 
THR CA   C N S 305 
THR C    C N N 306 
THR O    O N N 307 
THR CB   C N R 308 
THR OG1  O N N 309 
THR CG2  C N N 310 
THR OXT  O N N 311 
THR H    H N N 312 
THR H2   H N N 313 
THR HA   H N N 314 
THR HB   H N N 315 
THR HG1  H N N 316 
THR HG21 H N N 317 
THR HG22 H N N 318 
THR HG23 H N N 319 
THR HXT  H N N 320 
TRP N    N N N 321 
TRP CA   C N S 322 
TRP C    C N N 323 
TRP O    O N N 324 
TRP CB   C N N 325 
TRP CG   C Y N 326 
TRP CD1  C Y N 327 
TRP CD2  C Y N 328 
TRP NE1  N Y N 329 
TRP CE2  C Y N 330 
TRP CE3  C Y N 331 
TRP CZ2  C Y N 332 
TRP CZ3  C Y N 333 
TRP CH2  C Y N 334 
TRP OXT  O N N 335 
TRP H    H N N 336 
TRP H2   H N N 337 
TRP HA   H N N 338 
TRP HB2  H N N 339 
TRP HB3  H N N 340 
TRP HD1  H N N 341 
TRP HE1  H N N 342 
TRP HE3  H N N 343 
TRP HZ2  H N N 344 
TRP HZ3  H N N 345 
TRP HH2  H N N 346 
TRP HXT  H N N 347 
TYR N    N N N 348 
TYR CA   C N S 349 
TYR C    C N N 350 
TYR O    O N N 351 
TYR CB   C N N 352 
TYR CG   C Y N 353 
TYR CD1  C Y N 354 
TYR CD2  C Y N 355 
TYR CE1  C Y N 356 
TYR CE2  C Y N 357 
TYR CZ   C Y N 358 
TYR OH   O N N 359 
TYR OXT  O N N 360 
TYR H    H N N 361 
TYR H2   H N N 362 
TYR HA   H N N 363 
TYR HB2  H N N 364 
TYR HB3  H N N 365 
TYR HD1  H N N 366 
TYR HD2  H N N 367 
TYR HE1  H N N 368 
TYR HE2  H N N 369 
TYR HH   H N N 370 
TYR HXT  H N N 371 
VAL N    N N N 372 
VAL CA   C N S 373 
VAL C    C N N 374 
VAL O    O N N 375 
VAL CB   C N N 376 
VAL CG1  C N N 377 
VAL CG2  C N N 378 
VAL OXT  O N N 379 
VAL H    H N N 380 
VAL H2   H N N 381 
VAL HA   H N N 382 
VAL HB   H N N 383 
VAL HG11 H N N 384 
VAL HG12 H N N 385 
VAL HG13 H N N 386 
VAL HG21 H N N 387 
VAL HG22 H N N 388 
VAL HG23 H N N 389 
VAL HXT  H N N 390 
# 
loop_
_chem_comp_bond.comp_id 
_chem_comp_bond.atom_id_1 
_chem_comp_bond.atom_id_2 
_chem_comp_bond.value_order 
_chem_comp_bond.pdbx_aromatic_flag 
_chem_comp_bond.pdbx_stereo_config 
_chem_comp_bond.pdbx_ordinal 
ALA N   CA   sing N N 1   
ALA N   H    sing N N 2   
ALA N   H2   sing N N 3   
ALA CA  C    sing N N 4   
ALA CA  CB   sing N N 5   
ALA CA  HA   sing N N 6   
ALA C   O    doub N N 7   
ALA C   OXT  sing N N 8   
ALA CB  HB1  sing N N 9   
ALA CB  HB2  sing N N 10  
ALA CB  HB3  sing N N 11  
ALA OXT HXT  sing N N 12  
ARG N   CA   sing N N 13  
ARG N   H    sing N N 14  
ARG N   H2   sing N N 15  
ARG CA  C    sing N N 16  
ARG CA  CB   sing N N 17  
ARG CA  HA   sing N N 18  
ARG C   O    doub N N 19  
ARG C   OXT  sing N N 20  
ARG CB  CG   sing N N 21  
ARG CB  HB2  sing N N 22  
ARG CB  HB3  sing N N 23  
ARG CG  CD   sing N N 24  
ARG CG  HG2  sing N N 25  
ARG CG  HG3  sing N N 26  
ARG CD  NE   sing N N 27  
ARG CD  HD2  sing N N 28  
ARG CD  HD3  sing N N 29  
ARG NE  CZ   sing N N 30  
ARG NE  HE   sing N N 31  
ARG CZ  NH1  sing N N 32  
ARG CZ  NH2  doub N N 33  
ARG NH1 HH11 sing N N 34  
ARG NH1 HH12 sing N N 35  
ARG NH2 HH21 sing N N 36  
ARG NH2 HH22 sing N N 37  
ARG OXT HXT  sing N N 38  
ASN N   CA   sing N N 39  
ASN N   H    sing N N 40  
ASN N   H2   sing N N 41  
ASN CA  C    sing N N 42  
ASN CA  CB   sing N N 43  
ASN CA  HA   sing N N 44  
ASN C   O    doub N N 45  
ASN C   OXT  sing N N 46  
ASN CB  CG   sing N N 47  
ASN CB  HB2  sing N N 48  
ASN CB  HB3  sing N N 49  
ASN CG  OD1  doub N N 50  
ASN CG  ND2  sing N N 51  
ASN ND2 HD21 sing N N 52  
ASN ND2 HD22 sing N N 53  
ASN OXT HXT  sing N N 54  
ASP N   CA   sing N N 55  
ASP N   H    sing N N 56  
ASP N   H2   sing N N 57  
ASP CA  C    sing N N 58  
ASP CA  CB   sing N N 59  
ASP CA  HA   sing N N 60  
ASP C   O    doub N N 61  
ASP C   OXT  sing N N 62  
ASP CB  CG   sing N N 63  
ASP CB  HB2  sing N N 64  
ASP CB  HB3  sing N N 65  
ASP CG  OD1  doub N N 66  
ASP CG  OD2  sing N N 67  
ASP OD2 HD2  sing N N 68  
ASP OXT HXT  sing N N 69  
CYS N   CA   sing N N 70  
CYS N   H    sing N N 71  
CYS N   H2   sing N N 72  
CYS CA  C    sing N N 73  
CYS CA  CB   sing N N 74  
CYS CA  HA   sing N N 75  
CYS C   O    doub N N 76  
CYS C   OXT  sing N N 77  
CYS CB  SG   sing N N 78  
CYS CB  HB2  sing N N 79  
CYS CB  HB3  sing N N 80  
CYS SG  HG   sing N N 81  
CYS OXT HXT  sing N N 82  
GLN N   CA   sing N N 83  
GLN N   H    sing N N 84  
GLN N   H2   sing N N 85  
GLN CA  C    sing N N 86  
GLN CA  CB   sing N N 87  
GLN CA  HA   sing N N 88  
GLN C   O    doub N N 89  
GLN C   OXT  sing N N 90  
GLN CB  CG   sing N N 91  
GLN CB  HB2  sing N N 92  
GLN CB  HB3  sing N N 93  
GLN CG  CD   sing N N 94  
GLN CG  HG2  sing N N 95  
GLN CG  HG3  sing N N 96  
GLN CD  OE1  doub N N 97  
GLN CD  NE2  sing N N 98  
GLN NE2 HE21 sing N N 99  
GLN NE2 HE22 sing N N 100 
GLN OXT HXT  sing N N 101 
GLU N   CA   sing N N 102 
GLU N   H    sing N N 103 
GLU N   H2   sing N N 104 
GLU CA  C    sing N N 105 
GLU CA  CB   sing N N 106 
GLU CA  HA   sing N N 107 
GLU C   O    doub N N 108 
GLU C   OXT  sing N N 109 
GLU CB  CG   sing N N 110 
GLU CB  HB2  sing N N 111 
GLU CB  HB3  sing N N 112 
GLU CG  CD   sing N N 113 
GLU CG  HG2  sing N N 114 
GLU CG  HG3  sing N N 115 
GLU CD  OE1  doub N N 116 
GLU CD  OE2  sing N N 117 
GLU OE2 HE2  sing N N 118 
GLU OXT HXT  sing N N 119 
GLY N   CA   sing N N 120 
GLY N   H    sing N N 121 
GLY N   H2   sing N N 122 
GLY CA  C    sing N N 123 
GLY CA  HA2  sing N N 124 
GLY CA  HA3  sing N N 125 
GLY C   O    doub N N 126 
GLY C   OXT  sing N N 127 
GLY OXT HXT  sing N N 128 
HIS N   CA   sing N N 129 
HIS N   H    sing N N 130 
HIS N   H2   sing N N 131 
HIS CA  C    sing N N 132 
HIS CA  CB   sing N N 133 
HIS CA  HA   sing N N 134 
HIS C   O    doub N N 135 
HIS C   OXT  sing N N 136 
HIS CB  CG   sing N N 137 
HIS CB  HB2  sing N N 138 
HIS CB  HB3  sing N N 139 
HIS CG  ND1  sing Y N 140 
HIS CG  CD2  doub Y N 141 
HIS ND1 CE1  doub Y N 142 
HIS ND1 HD1  sing N N 143 
HIS CD2 NE2  sing Y N 144 
HIS CD2 HD2  sing N N 145 
HIS CE1 NE2  sing Y N 146 
HIS CE1 HE1  sing N N 147 
HIS NE2 HE2  sing N N 148 
HIS OXT HXT  sing N N 149 
HOH O   H1   sing N N 150 
HOH O   H2   sing N N 151 
ILE N   CA   sing N N 152 
ILE N   H    sing N N 153 
ILE N   H2   sing N N 154 
ILE CA  C    sing N N 155 
ILE CA  CB   sing N N 156 
ILE CA  HA   sing N N 157 
ILE C   O    doub N N 158 
ILE C   OXT  sing N N 159 
ILE CB  CG1  sing N N 160 
ILE CB  CG2  sing N N 161 
ILE CB  HB   sing N N 162 
ILE CG1 CD1  sing N N 163 
ILE CG1 HG12 sing N N 164 
ILE CG1 HG13 sing N N 165 
ILE CG2 HG21 sing N N 166 
ILE CG2 HG22 sing N N 167 
ILE CG2 HG23 sing N N 168 
ILE CD1 HD11 sing N N 169 
ILE CD1 HD12 sing N N 170 
ILE CD1 HD13 sing N N 171 
ILE OXT HXT  sing N N 172 
LEU N   CA   sing N N 173 
LEU N   H    sing N N 174 
LEU N   H2   sing N N 175 
LEU CA  C    sing N N 176 
LEU CA  CB   sing N N 177 
LEU CA  HA   sing N N 178 
LEU C   O    doub N N 179 
LEU C   OXT  sing N N 180 
LEU CB  CG   sing N N 181 
LEU CB  HB2  sing N N 182 
LEU CB  HB3  sing N N 183 
LEU CG  CD1  sing N N 184 
LEU CG  CD2  sing N N 185 
LEU CG  HG   sing N N 186 
LEU CD1 HD11 sing N N 187 
LEU CD1 HD12 sing N N 188 
LEU CD1 HD13 sing N N 189 
LEU CD2 HD21 sing N N 190 
LEU CD2 HD22 sing N N 191 
LEU CD2 HD23 sing N N 192 
LEU OXT HXT  sing N N 193 
LYS N   CA   sing N N 194 
LYS N   H    sing N N 195 
LYS N   H2   sing N N 196 
LYS CA  C    sing N N 197 
LYS CA  CB   sing N N 198 
LYS CA  HA   sing N N 199 
LYS C   O    doub N N 200 
LYS C   OXT  sing N N 201 
LYS CB  CG   sing N N 202 
LYS CB  HB2  sing N N 203 
LYS CB  HB3  sing N N 204 
LYS CG  CD   sing N N 205 
LYS CG  HG2  sing N N 206 
LYS CG  HG3  sing N N 207 
LYS CD  CE   sing N N 208 
LYS CD  HD2  sing N N 209 
LYS CD  HD3  sing N N 210 
LYS CE  NZ   sing N N 211 
LYS CE  HE2  sing N N 212 
LYS CE  HE3  sing N N 213 
LYS NZ  HZ1  sing N N 214 
LYS NZ  HZ2  sing N N 215 
LYS NZ  HZ3  sing N N 216 
LYS OXT HXT  sing N N 217 
MET N   CA   sing N N 218 
MET N   H    sing N N 219 
MET N   H2   sing N N 220 
MET CA  C    sing N N 221 
MET CA  CB   sing N N 222 
MET CA  HA   sing N N 223 
MET C   O    doub N N 224 
MET C   OXT  sing N N 225 
MET CB  CG   sing N N 226 
MET CB  HB2  sing N N 227 
MET CB  HB3  sing N N 228 
MET CG  SD   sing N N 229 
MET CG  HG2  sing N N 230 
MET CG  HG3  sing N N 231 
MET SD  CE   sing N N 232 
MET CE  HE1  sing N N 233 
MET CE  HE2  sing N N 234 
MET CE  HE3  sing N N 235 
MET OXT HXT  sing N N 236 
PHE N   CA   sing N N 237 
PHE N   H    sing N N 238 
PHE N   H2   sing N N 239 
PHE CA  C    sing N N 240 
PHE CA  CB   sing N N 241 
PHE CA  HA   sing N N 242 
PHE C   O    doub N N 243 
PHE C   OXT  sing N N 244 
PHE CB  CG   sing N N 245 
PHE CB  HB2  sing N N 246 
PHE CB  HB3  sing N N 247 
PHE CG  CD1  doub Y N 248 
PHE CG  CD2  sing Y N 249 
PHE CD1 CE1  sing Y N 250 
PHE CD1 HD1  sing N N 251 
PHE CD2 CE2  doub Y N 252 
PHE CD2 HD2  sing N N 253 
PHE CE1 CZ   doub Y N 254 
PHE CE1 HE1  sing N N 255 
PHE CE2 CZ   sing Y N 256 
PHE CE2 HE2  sing N N 257 
PHE CZ  HZ   sing N N 258 
PHE OXT HXT  sing N N 259 
PRO N   CA   sing N N 260 
PRO N   CD   sing N N 261 
PRO N   H    sing N N 262 
PRO CA  C    sing N N 263 
PRO CA  CB   sing N N 264 
PRO CA  HA   sing N N 265 
PRO C   O    doub N N 266 
PRO C   OXT  sing N N 267 
PRO CB  CG   sing N N 268 
PRO CB  HB2  sing N N 269 
PRO CB  HB3  sing N N 270 
PRO CG  CD   sing N N 271 
PRO CG  HG2  sing N N 272 
PRO CG  HG3  sing N N 273 
PRO CD  HD2  sing N N 274 
PRO CD  HD3  sing N N 275 
PRO OXT HXT  sing N N 276 
SER N   CA   sing N N 277 
SER N   H    sing N N 278 
SER N   H2   sing N N 279 
SER CA  C    sing N N 280 
SER CA  CB   sing N N 281 
SER CA  HA   sing N N 282 
SER C   O    doub N N 283 
SER C   OXT  sing N N 284 
SER CB  OG   sing N N 285 
SER CB  HB2  sing N N 286 
SER CB  HB3  sing N N 287 
SER OG  HG   sing N N 288 
SER OXT HXT  sing N N 289 
THR N   CA   sing N N 290 
THR N   H    sing N N 291 
THR N   H2   sing N N 292 
THR CA  C    sing N N 293 
THR CA  CB   sing N N 294 
THR CA  HA   sing N N 295 
THR C   O    doub N N 296 
THR C   OXT  sing N N 297 
THR CB  OG1  sing N N 298 
THR CB  CG2  sing N N 299 
THR CB  HB   sing N N 300 
THR OG1 HG1  sing N N 301 
THR CG2 HG21 sing N N 302 
THR CG2 HG22 sing N N 303 
THR CG2 HG23 sing N N 304 
THR OXT HXT  sing N N 305 
TRP N   CA   sing N N 306 
TRP N   H    sing N N 307 
TRP N   H2   sing N N 308 
TRP CA  C    sing N N 309 
TRP CA  CB   sing N N 310 
TRP CA  HA   sing N N 311 
TRP C   O    doub N N 312 
TRP C   OXT  sing N N 313 
TRP CB  CG   sing N N 314 
TRP CB  HB2  sing N N 315 
TRP CB  HB3  sing N N 316 
TRP CG  CD1  doub Y N 317 
TRP CG  CD2  sing Y N 318 
TRP CD1 NE1  sing Y N 319 
TRP CD1 HD1  sing N N 320 
TRP CD2 CE2  doub Y N 321 
TRP CD2 CE3  sing Y N 322 
TRP NE1 CE2  sing Y N 323 
TRP NE1 HE1  sing N N 324 
TRP CE2 CZ2  sing Y N 325 
TRP CE3 CZ3  doub Y N 326 
TRP CE3 HE3  sing N N 327 
TRP CZ2 CH2  doub Y N 328 
TRP CZ2 HZ2  sing N N 329 
TRP CZ3 CH2  sing Y N 330 
TRP CZ3 HZ3  sing N N 331 
TRP CH2 HH2  sing N N 332 
TRP OXT HXT  sing N N 333 
TYR N   CA   sing N N 334 
TYR N   H    sing N N 335 
TYR N   H2   sing N N 336 
TYR CA  C    sing N N 337 
TYR CA  CB   sing N N 338 
TYR CA  HA   sing N N 339 
TYR C   O    doub N N 340 
TYR C   OXT  sing N N 341 
TYR CB  CG   sing N N 342 
TYR CB  HB2  sing N N 343 
TYR CB  HB3  sing N N 344 
TYR CG  CD1  doub Y N 345 
TYR CG  CD2  sing Y N 346 
TYR CD1 CE1  sing Y N 347 
TYR CD1 HD1  sing N N 348 
TYR CD2 CE2  doub Y N 349 
TYR CD2 HD2  sing N N 350 
TYR CE1 CZ   doub Y N 351 
TYR CE1 HE1  sing N N 352 
TYR CE2 CZ   sing Y N 353 
TYR CE2 HE2  sing N N 354 
TYR CZ  OH   sing N N 355 
TYR OH  HH   sing N N 356 
TYR OXT HXT  sing N N 357 
VAL N   CA   sing N N 358 
VAL N   H    sing N N 359 
VAL N   H2   sing N N 360 
VAL CA  C    sing N N 361 
VAL CA  CB   sing N N 362 
VAL CA  HA   sing N N 363 
VAL C   O    doub N N 364 
VAL C   OXT  sing N N 365 
VAL CB  CG1  sing N N 366 
VAL CB  CG2  sing N N 367 
VAL CB  HB   sing N N 368 
VAL CG1 HG11 sing N N 369 
VAL CG1 HG12 sing N N 370 
VAL CG1 HG13 sing N N 371 
VAL CG2 HG21 sing N N 372 
VAL CG2 HG22 sing N N 373 
VAL CG2 HG23 sing N N 374 
VAL OXT HXT  sing N N 375 
# 
_atom_sites.entry_id                    1QQL 
_atom_sites.fract_transf_matrix[1][1]   0.00264344 
_atom_sites.fract_transf_matrix[1][2]   0.00300377 
_atom_sites.fract_transf_matrix[1][3]   0.01221402 
_atom_sites.fract_transf_matrix[2][1]   -0.00840146 
_atom_sites.fract_transf_matrix[2][2]   -0.00288385 
_atom_sites.fract_transf_matrix[2][3]   0.00928970 
_atom_sites.fract_transf_matrix[3][1]   0.00673781 
_atom_sites.fract_transf_matrix[3][2]   -0.01357354 
_atom_sites.fract_transf_matrix[3][3]   0.00187987 
_atom_sites.fract_transf_vector[1]      0.332753 
_atom_sites.fract_transf_vector[2]      0.341950 
_atom_sites.fract_transf_vector[3]      0.433012 
# 
loop_
_atom_type.symbol 
C 
N 
O 
S 
# 
loop_
_atom_site.group_PDB 
_atom_site.id 
_atom_site.type_symbol 
_atom_site.label_atom_id 
_atom_site.label_alt_id 
_atom_site.label_comp_id 
_atom_site.label_asym_id 
_atom_site.label_entity_id 
_atom_site.label_seq_id 
_atom_site.pdbx_PDB_ins_code 
_atom_site.Cartn_x 
_atom_site.Cartn_y 
_atom_site.Cartn_z 
_atom_site.occupancy 
_atom_site.B_iso_or_equiv 
_atom_site.pdbx_formal_charge 
_atom_site.auth_seq_id 
_atom_site.auth_comp_id 
_atom_site.auth_asym_id 
_atom_site.auth_atom_id 
_atom_site.pdbx_PDB_model_num 
ATOM   1    N N   . ASP A 1 9   ? -9.122  -14.416 2.330   1.00 43.90 ? 9   ASP A N   1 
ATOM   2    C CA  . ASP A 1 9   ? -8.320  -13.962 1.155   1.00 46.91 ? 9   ASP A CA  1 
ATOM   3    C C   . ASP A 1 9   ? -8.632  -12.521 0.798   1.00 46.08 ? 9   ASP A C   1 
ATOM   4    O O   . ASP A 1 9   ? -7.853  -11.861 0.121   1.00 43.57 ? 9   ASP A O   1 
ATOM   5    C CB  . ASP A 1 9   ? -8.530  -14.889 -0.050  1.00 46.88 ? 9   ASP A CB  1 
ATOM   6    C CG  . ASP A 1 9   ? -7.533  -16.047 -0.077  1.00 48.70 ? 9   ASP A CG  1 
ATOM   7    O OD1 . ASP A 1 9   ? -6.879  -16.315 0.961   1.00 51.26 ? 9   ASP A OD1 1 
ATOM   8    O OD2 . ASP A 1 9   ? -7.381  -16.681 -1.145  1.00 41.49 ? 9   ASP A OD2 1 
ATOM   9    N N   . ILE A 1 10  ? -9.791  -12.050 1.237   1.00 39.76 ? 10  ILE A N   1 
ATOM   10   C CA  . ILE A 1 10  ? -10.192 -10.667 1.001   1.00 38.59 ? 10  ILE A CA  1 
ATOM   11   C C   . ILE A 1 10  ? -10.309 -10.033 2.383   1.00 35.01 ? 10  ILE A C   1 
ATOM   12   O O   . ILE A 1 10  ? -11.139 -10.455 3.184   1.00 35.52 ? 10  ILE A O   1 
ATOM   13   C CB  . ILE A 1 10  ? -11.550 -10.584 0.262   1.00 37.24 ? 10  ILE A CB  1 
ATOM   14   C CG1 . ILE A 1 10  ? -11.446 -11.328 -1.057  1.00 35.57 ? 10  ILE A CG1 1 
ATOM   15   C CG2 . ILE A 1 10  ? -11.918 -9.138  -0.026  1.00 33.73 ? 10  ILE A CG2 1 
ATOM   16   C CD1 . ILE A 1 10  ? -10.342 -10.817 -1.928  1.00 39.21 ? 10  ILE A CD1 1 
ATOM   17   N N   . ARG A 1 11  ? -9.417  -9.100  2.694   1.00 29.03 ? 11  ARG A N   1 
ATOM   18   C CA  . ARG A 1 11  ? -9.444  -8.445  3.990   1.00 28.61 ? 11  ARG A CA  1 
ATOM   19   C C   . ARG A 1 11  ? -9.536  -6.953  3.829   1.00 24.79 ? 11  ARG A C   1 
ATOM   20   O O   . ARG A 1 11  ? -8.799  -6.363  3.060   1.00 26.47 ? 11  ARG A O   1 
ATOM   21   C CB  . ARG A 1 11  ? -8.221  -8.814  4.797   1.00 22.99 ? 11  ARG A CB  1 
ATOM   22   C CG  . ARG A 1 11  ? -8.258  -10.221 5.273   1.00 26.82 ? 11  ARG A CG  1 
ATOM   23   C CD  . ARG A 1 11  ? -6.982  -10.579 5.965   1.00 37.16 ? 11  ARG A CD  1 
ATOM   24   N NE  . ARG A 1 11  ? -6.682  -11.993 5.764   1.00 47.10 ? 11  ARG A NE  1 
ATOM   25   C CZ  . ARG A 1 11  ? -5.490  -12.473 5.403   1.00 47.11 ? 11  ARG A CZ  1 
ATOM   26   N NH1 . ARG A 1 11  ? -4.458  -11.659 5.206   1.00 48.42 ? 11  ARG A NH1 1 
ATOM   27   N NH2 . ARG A 1 11  ? -5.336  -13.773 5.197   1.00 49.20 ? 11  ARG A NH2 1 
ATOM   28   N N   . VAL A 1 12  ? -10.479 -6.354  4.531   1.00 27.58 ? 12  VAL A N   1 
ATOM   29   C CA  . VAL A 1 12  ? -10.691 -4.925  4.465   1.00 25.65 ? 12  VAL A CA  1 
ATOM   30   C C   . VAL A 1 12  ? -10.075 -4.334  5.719   1.00 23.62 ? 12  VAL A C   1 
ATOM   31   O O   . VAL A 1 12  ? -10.609 -4.501  6.804   1.00 23.13 ? 12  VAL A O   1 
ATOM   32   C CB  . VAL A 1 12  ? -12.192 -4.606  4.406   1.00 26.17 ? 12  VAL A CB  1 
ATOM   33   C CG1 . VAL A 1 12  ? -12.418 -3.221  3.797   1.00 27.11 ? 12  VAL A CG1 1 
ATOM   34   C CG2 . VAL A 1 12  ? -12.911 -5.669  3.594   1.00 28.42 ? 12  VAL A CG2 1 
ATOM   35   N N   . ARG A 1 13  ? -8.904  -3.723  5.570   1.00 26.26 ? 13  ARG A N   1 
ATOM   36   C CA  . ARG A 1 13  ? -8.173  -3.114  6.686   1.00 23.17 ? 13  ARG A CA  1 
ATOM   37   C C   . ARG A 1 13  ? -7.913  -1.640  6.397   1.00 23.24 ? 13  ARG A C   1 
ATOM   38   O O   . ARG A 1 13  ? -8.486  -1.087  5.473   1.00 23.37 ? 13  ARG A O   1 
ATOM   39   C CB  . ARG A 1 13  ? -6.830  -3.795  6.864   1.00 15.79 ? 13  ARG A CB  1 
ATOM   40   C CG  . ARG A 1 13  ? -6.797  -5.227  6.496   1.00 10.82 ? 13  ARG A CG  1 
ATOM   41   C CD  . ARG A 1 13  ? -6.834  -6.115  7.716   1.00 15.42 ? 13  ARG A CD  1 
ATOM   42   N NE  . ARG A 1 13  ? -8.181  -6.361  8.201   1.00 18.29 ? 13  ARG A NE  1 
ATOM   43   C CZ  . ARG A 1 13  ? -8.611  -7.550  8.606   1.00 22.66 ? 13  ARG A CZ  1 
ATOM   44   N NH1 . ARG A 1 13  ? -7.786  -8.586  8.578   1.00 25.39 ? 13  ARG A NH1 1 
ATOM   45   N NH2 . ARG A 1 13  ? -9.872  -7.720  9.001   1.00 26.86 ? 13  ARG A NH2 1 
ATOM   46   N N   . ARG A 1 14  ? -7.023  -1.004  7.154   1.00 23.52 ? 14  ARG A N   1 
ATOM   47   C CA  . ARG A 1 14  ? -6.718  0.409   6.910   1.00 25.64 ? 14  ARG A CA  1 
ATOM   48   C C   . ARG A 1 14  ? -5.291  0.714   6.486   1.00 19.27 ? 14  ARG A C   1 
ATOM   49   O O   . ARG A 1 14  ? -5.034  1.739   5.869   1.00 27.44 ? 14  ARG A O   1 
ATOM   50   C CB  . ARG A 1 14  ? -7.053  1.266   8.129   1.00 25.57 ? 14  ARG A CB  1 
ATOM   51   C CG  . ARG A 1 14  ? -8.508  1.579   8.291   1.00 21.28 ? 14  ARG A CG  1 
ATOM   52   C CD  . ARG A 1 14  ? -8.692  3.060   8.587   1.00 19.51 ? 14  ARG A CD  1 
ATOM   53   N NE  . ARG A 1 14  ? -10.098 3.389   8.811   1.00 25.94 ? 14  ARG A NE  1 
ATOM   54   C CZ  . ARG A 1 14  ? -10.885 2.760   9.687   1.00 22.45 ? 14  ARG A CZ  1 
ATOM   55   N NH1 . ARG A 1 14  ? -10.417 1.754   10.429  1.00 24.44 ? 14  ARG A NH1 1 
ATOM   56   N NH2 . ARG A 1 14  ? -12.124 3.184   9.868   1.00 16.16 ? 14  ARG A NH2 1 
ATOM   57   N N   . LEU A 1 15  ? -4.359  -0.145  6.841   1.00 19.44 ? 15  LEU A N   1 
ATOM   58   C CA  . LEU A 1 15  ? -2.953  0.077   6.481   1.00 24.33 ? 15  LEU A CA  1 
ATOM   59   C C   . LEU A 1 15  ? -2.375  1.351   7.113   1.00 23.81 ? 15  LEU A C   1 
ATOM   60   O O   . LEU A 1 15  ? -2.279  2.402   6.459   1.00 24.07 ? 15  LEU A O   1 
ATOM   61   C CB  . LEU A 1 15  ? -2.735  0.078   4.948   1.00 19.78 ? 15  LEU A CB  1 
ATOM   62   C CG  . LEU A 1 15  ? -2.736  -1.266  4.208   1.00 18.01 ? 15  LEU A CG  1 
ATOM   63   C CD1 . LEU A 1 15  ? -2.781  -1.086  2.711   1.00 9.07  ? 15  LEU A CD1 1 
ATOM   64   C CD2 . LEU A 1 15  ? -1.503  -2.049  4.630   1.00 17.53 ? 15  LEU A CD2 1 
ATOM   65   N N   . PHE A 1 16  ? -2.071  1.255   8.407   1.00 16.44 ? 16  PHE A N   1 
ATOM   66   C CA  . PHE A 1 16  ? -1.480  2.357   9.159   1.00 20.24 ? 16  PHE A CA  1 
ATOM   67   C C   . PHE A 1 16  ? 0.038   2.323   8.998   1.00 18.16 ? 16  PHE A C   1 
ATOM   68   O O   . PHE A 1 16  ? 0.662   1.302   9.248   1.00 12.11 ? 16  PHE A O   1 
ATOM   69   C CB  . PHE A 1 16  ? -1.830  2.253   10.636  1.00 21.15 ? 16  PHE A CB  1 
ATOM   70   C CG  . PHE A 1 16  ? -1.095  3.247   11.500  1.00 19.81 ? 16  PHE A CG  1 
ATOM   71   C CD1 . PHE A 1 16  ? -1.581  4.543   11.672  1.00 18.11 ? 16  PHE A CD1 1 
ATOM   72   C CD2 . PHE A 1 16  ? 0.089   2.880   12.160  1.00 18.39 ? 16  PHE A CD2 1 
ATOM   73   C CE1 . PHE A 1 16  ? -0.888  5.461   12.500  1.00 22.40 ? 16  PHE A CE1 1 
ATOM   74   C CE2 . PHE A 1 16  ? 0.781   3.795   12.988  1.00 11.09 ? 16  PHE A CE2 1 
ATOM   75   C CZ  . PHE A 1 16  ? 0.294   5.081   13.158  1.00 10.82 ? 16  PHE A CZ  1 
ATOM   76   N N   . CYS A 1 17  ? 0.626   3.438   8.586   1.00 13.19 ? 17  CYS A N   1 
ATOM   77   C CA  . CYS A 1 17  ? 2.063   3.511   8.382   1.00 19.54 ? 17  CYS A CA  1 
ATOM   78   C C   . CYS A 1 17  ? 2.818   4.039   9.602   1.00 18.83 ? 17  CYS A C   1 
ATOM   79   O O   . CYS A 1 17  ? 2.386   5.010   10.229  1.00 15.65 ? 17  CYS A O   1 
ATOM   80   C CB  . CYS A 1 17  ? 2.403   4.391   7.170   1.00 23.36 ? 17  CYS A CB  1 
ATOM   81   S SG  . CYS A 1 17  ? 4.179   4.295   6.651   1.00 25.77 ? 17  CYS A SG  1 
ATOM   82   N N   . ARG A 1 18  ? 3.968   3.428   9.892   1.00 17.73 ? 18  ARG A N   1 
ATOM   83   C CA  . ARG A 1 18  ? 4.827   3.831   10.998  1.00 18.22 ? 18  ARG A CA  1 
ATOM   84   C C   . ARG A 1 18  ? 5.073   5.334   11.026  1.00 20.55 ? 18  ARG A C   1 
ATOM   85   O O   . ARG A 1 18  ? 5.290   5.899   12.091  1.00 24.30 ? 18  ARG A O   1 
ATOM   86   C CB  . ARG A 1 18  ? 6.178   3.134   10.901  1.00 12.08 ? 18  ARG A CB  1 
ATOM   87   C CG  . ARG A 1 18  ? 6.274   1.900   11.690  1.00 21.28 ? 18  ARG A CG  1 
ATOM   88   C CD  . ARG A 1 18  ? 7.462   1.947   12.630  1.00 28.14 ? 18  ARG A CD  1 
ATOM   89   N NE  . ARG A 1 18  ? 7.530   3.188   13.409  1.00 38.53 ? 18  ARG A NE  1 
ATOM   90   C CZ  . ARG A 1 18  ? 7.904   3.260   14.687  1.00 37.63 ? 18  ARG A CZ  1 
ATOM   91   N NH1 . ARG A 1 18  ? 8.237   2.161   15.355  1.00 38.04 ? 18  ARG A NH1 1 
ATOM   92   N NH2 . ARG A 1 18  ? 7.991   4.443   15.281  1.00 40.17 ? 18  ARG A NH2 1 
ATOM   93   N N   . THR A 1 19  ? 5.044   5.992   9.866   1.00 22.85 ? 19  THR A N   1 
ATOM   94   C CA  . THR A 1 19  ? 5.287   7.435   9.818   1.00 22.71 ? 19  THR A CA  1 
ATOM   95   C C   . THR A 1 19  ? 4.068   8.244   10.236  1.00 27.52 ? 19  THR A C   1 
ATOM   96   O O   . THR A 1 19  ? 4.012   9.448   10.014  1.00 27.66 ? 19  THR A O   1 
ATOM   97   C CB  . THR A 1 19  ? 5.801   7.885   8.450   1.00 23.71 ? 19  THR A CB  1 
ATOM   98   O OG1 . THR A 1 19  ? 5.047   7.251   7.408   1.00 23.94 ? 19  THR A OG1 1 
ATOM   99   C CG2 . THR A 1 19  ? 7.255   7.499   8.301   1.00 19.12 ? 19  THR A CG2 1 
ATOM   100  N N   . GLN A 1 20  ? 3.115   7.562   10.877  1.00 29.31 ? 20  GLN A N   1 
ATOM   101  C CA  . GLN A 1 20  ? 1.881   8.149   11.392  1.00 32.61 ? 20  GLN A CA  1 
ATOM   102  C C   . GLN A 1 20  ? 0.789   8.508   10.365  1.00 31.62 ? 20  GLN A C   1 
ATOM   103  O O   . GLN A 1 20  ? 0.018   9.456   10.576  1.00 31.73 ? 20  GLN A O   1 
ATOM   104  C CB  . GLN A 1 20  ? 2.233   9.358   12.234  1.00 26.31 ? 20  GLN A CB  1 
ATOM   105  C CG  . GLN A 1 20  ? 3.294   9.049   13.232  1.00 26.76 ? 20  GLN A CG  1 
ATOM   106  C CD  . GLN A 1 20  ? 2.854   7.987   14.183  1.00 25.33 ? 20  GLN A CD  1 
ATOM   107  O OE1 . GLN A 1 20  ? 1.929   8.196   14.948  1.00 26.12 ? 20  GLN A OE1 1 
ATOM   108  N NE2 . GLN A 1 20  ? 3.524   6.848   14.160  1.00 24.06 ? 20  GLN A NE2 1 
ATOM   109  N N   . TRP A 1 21  ? 0.673   7.701   9.303   1.00 32.18 ? 21  TRP A N   1 
ATOM   110  C CA  . TRP A 1 21  ? -0.315  7.935   8.240   1.00 28.73 ? 21  TRP A CA  1 
ATOM   111  C C   . TRP A 1 21  ? -1.017  6.683   7.752   1.00 26.32 ? 21  TRP A C   1 
ATOM   112  O O   . TRP A 1 21  ? -0.406  5.616   7.663   1.00 27.34 ? 21  TRP A O   1 
ATOM   113  C CB  . TRP A 1 21  ? 0.370   8.510   6.997   1.00 29.41 ? 21  TRP A CB  1 
ATOM   114  C CG  . TRP A 1 21  ? 1.048   9.779   7.199   1.00 24.50 ? 21  TRP A CG  1 
ATOM   115  C CD1 . TRP A 1 21  ? 2.339   9.958   7.564   1.00 27.52 ? 21  TRP A CD1 1 
ATOM   116  C CD2 . TRP A 1 21  ? 0.492   11.076  7.029   1.00 27.94 ? 21  TRP A CD2 1 
ATOM   117  N NE1 . TRP A 1 21  ? 2.631   11.294  7.632   1.00 32.25 ? 21  TRP A NE1 1 
ATOM   118  C CE2 . TRP A 1 21  ? 1.510   12.006  7.308   1.00 30.62 ? 21  TRP A CE2 1 
ATOM   119  C CE3 . TRP A 1 21  ? -0.770  11.544  6.662   1.00 26.16 ? 21  TRP A CE3 1 
ATOM   120  C CZ2 . TRP A 1 21  ? 1.309   13.384  7.235   1.00 31.43 ? 21  TRP A CZ2 1 
ATOM   121  C CZ3 . TRP A 1 21  ? -0.976  12.918  6.587   1.00 31.72 ? 21  TRP A CZ3 1 
ATOM   122  C CH2 . TRP A 1 21  ? 0.060   13.822  6.874   1.00 31.49 ? 21  TRP A CH2 1 
ATOM   123  N N   . TYR A 1 22  ? -2.281  6.832   7.380   1.00 24.41 ? 22  TYR A N   1 
ATOM   124  C CA  . TYR A 1 22  ? -3.047  5.736   6.774   1.00 20.64 ? 22  TYR A CA  1 
ATOM   125  C C   . TYR A 1 22  ? -2.898  5.911   5.273   1.00 18.49 ? 22  TYR A C   1 
ATOM   126  O O   . TYR A 1 22  ? -2.808  7.038   4.792   1.00 20.35 ? 22  TYR A O   1 
ATOM   127  C CB  . TYR A 1 22  ? -4.524  5.879   7.058   1.00 16.00 ? 22  TYR A CB  1 
ATOM   128  C CG  . TYR A 1 22  ? -4.850  5.797   8.485   1.00 15.75 ? 22  TYR A CG  1 
ATOM   129  C CD1 . TYR A 1 22  ? -5.210  6.931   9.189   1.00 18.07 ? 22  TYR A CD1 1 
ATOM   130  C CD2 . TYR A 1 22  ? -4.857  4.579   9.132   1.00 17.90 ? 22  TYR A CD2 1 
ATOM   131  C CE1 . TYR A 1 22  ? -5.533  6.859   10.518  1.00 21.46 ? 22  TYR A CE1 1 
ATOM   132  C CE2 . TYR A 1 22  ? -5.181  4.490   10.466  1.00 20.64 ? 22  TYR A CE2 1 
ATOM   133  C CZ  . TYR A 1 22  ? -5.545  5.632   11.140  1.00 17.69 ? 22  TYR A CZ  1 
ATOM   134  O OH  . TYR A 1 22  ? -5.962  5.539   12.432  1.00 31.24 ? 22  TYR A OH  1 
ATOM   135  N N   . LEU A 1 23  ? -2.883  4.830   4.518   1.00 20.22 ? 23  LEU A N   1 
ATOM   136  C CA  . LEU A 1 23  ? -2.788  4.980   3.073   1.00 16.78 ? 23  LEU A CA  1 
ATOM   137  C C   . LEU A 1 23  ? -4.205  5.215   2.575   1.00 21.03 ? 23  LEU A C   1 
ATOM   138  O O   . LEU A 1 23  ? -5.139  4.504   2.954   1.00 20.89 ? 23  LEU A O   1 
ATOM   139  C CB  . LEU A 1 23  ? -2.216  3.712   2.461   1.00 20.98 ? 23  LEU A CB  1 
ATOM   140  C CG  . LEU A 1 23  ? -2.050  3.567   0.957   1.00 23.09 ? 23  LEU A CG  1 
ATOM   141  C CD1 . LEU A 1 23  ? -1.045  4.552   0.443   1.00 8.01  ? 23  LEU A CD1 1 
ATOM   142  C CD2 . LEU A 1 23  ? -1.583  2.144   0.676   1.00 19.23 ? 23  LEU A CD2 1 
ATOM   143  N N   . ARG A 1 24  ? -4.381  6.255   1.780   1.00 23.62 ? 24  ARG A N   1 
ATOM   144  C CA  . ARG A 1 24  ? -5.697  6.566   1.237   1.00 26.37 ? 24  ARG A CA  1 
ATOM   145  C C   . ARG A 1 24  ? -5.587  6.880   -0.244  1.00 29.99 ? 24  ARG A C   1 
ATOM   146  O O   . ARG A 1 24  ? -4.609  7.466   -0.677  1.00 31.11 ? 24  ARG A O   1 
ATOM   147  C CB  . ARG A 1 24  ? -6.308  7.726   2.014   1.00 25.06 ? 24  ARG A CB  1 
ATOM   148  C CG  . ARG A 1 24  ? -7.430  8.462   1.354   1.00 31.18 ? 24  ARG A CG  1 
ATOM   149  C CD  . ARG A 1 24  ? -7.006  9.894   1.083   1.00 41.87 ? 24  ARG A CD  1 
ATOM   150  N NE  . ARG A 1 24  ? -8.149  10.810  0.982   1.00 47.67 ? 24  ARG A NE  1 
ATOM   151  C CZ  . ARG A 1 24  ? -9.077  10.760  0.030   1.00 48.69 ? 24  ARG A CZ  1 
ATOM   152  N NH1 . ARG A 1 24  ? -9.004  9.839   -0.921  1.00 52.25 ? 24  ARG A NH1 1 
ATOM   153  N NH2 . ARG A 1 24  ? -10.083 11.625  0.031   1.00 47.09 ? 24  ARG A NH2 1 
ATOM   154  N N   . ILE A 1 25  ? -6.540  6.396   -1.037  1.00 28.49 ? 25  ILE A N   1 
ATOM   155  C CA  . ILE A 1 25  ? -6.545  6.642   -2.479  1.00 30.20 ? 25  ILE A CA  1 
ATOM   156  C C   . ILE A 1 25  ? -7.798  7.426   -2.908  1.00 30.36 ? 25  ILE A C   1 
ATOM   157  O O   . ILE A 1 25  ? -8.924  6.970   -2.725  1.00 34.24 ? 25  ILE A O   1 
ATOM   158  C CB  . ILE A 1 25  ? -6.462  5.314   -3.273  1.00 28.11 ? 25  ILE A CB  1 
ATOM   159  C CG1 . ILE A 1 25  ? -5.341  4.427   -2.730  1.00 22.79 ? 25  ILE A CG1 1 
ATOM   160  C CG2 . ILE A 1 25  ? -6.157  5.602   -4.722  1.00 30.81 ? 25  ILE A CG2 1 
ATOM   161  C CD1 . ILE A 1 25  ? -5.326  3.044   -3.329  1.00 18.70 ? 25  ILE A CD1 1 
ATOM   162  N N   . ASP A 1 26  ? -7.577  8.606   -3.467  1.00 31.64 ? 26  ASP A N   1 
ATOM   163  C CA  . ASP A 1 26  ? -8.606  9.532   -3.951  1.00 35.01 ? 26  ASP A CA  1 
ATOM   164  C C   . ASP A 1 26  ? -9.443  8.969   -5.141  1.00 36.71 ? 26  ASP A C   1 
ATOM   165  O O   . ASP A 1 26  ? -9.083  7.941   -5.734  1.00 37.04 ? 26  ASP A O   1 
ATOM   166  C CB  . ASP A 1 26  ? -7.858  10.795  -4.377  1.00 35.72 ? 26  ASP A CB  1 
ATOM   167  C CG  . ASP A 1 26  ? -8.721  12.002  -4.447  1.00 39.42 ? 26  ASP A CG  1 
ATOM   168  O OD1 . ASP A 1 26  ? -9.797  12.001  -3.817  1.00 41.49 ? 26  ASP A OD1 1 
ATOM   169  O OD2 . ASP A 1 26  ? -8.298  12.968  -5.127  1.00 40.76 ? 26  ASP A OD2 1 
ATOM   170  N N   . LYS A 1 27  ? -10.524 9.674   -5.515  1.00 43.11 ? 27  LYS A N   1 
ATOM   171  C CA  . LYS A 1 27  ? -11.416 9.278   -6.625  1.00 44.12 ? 27  LYS A CA  1 
ATOM   172  C C   . LYS A 1 27  ? -10.679 9.534   -7.923  1.00 46.04 ? 27  LYS A C   1 
ATOM   173  O O   . LYS A 1 27  ? -10.876 8.882   -8.934  1.00 45.32 ? 27  LYS A O   1 
ATOM   174  C CB  . LYS A 1 27  ? -12.675 10.116  -6.594  1.00 42.27 ? 27  LYS A CB  1 
ATOM   175  C CG  . LYS A 1 27  ? -12.415 11.597  -6.675  1.00 43.92 ? 27  LYS A CG  1 
ATOM   176  C CD  . LYS A 1 27  ? -13.546 12.332  -5.994  1.00 44.66 ? 27  LYS A CD  1 
ATOM   177  C CE  . LYS A 1 27  ? -13.837 13.657  -6.679  1.00 43.63 ? 27  LYS A CE  1 
ATOM   178  N NZ  . LYS A 1 27  ? -13.159 14.852  -6.083  1.00 40.88 ? 27  LYS A NZ  1 
ATOM   179  N N   . ARG A 1 28  ? -9.828  10.533  -7.865  1.00 42.13 ? 28  ARG A N   1 
ATOM   180  C CA  . ARG A 1 28  ? -8.995  10.882  -8.977  1.00 49.41 ? 28  ARG A CA  1 
ATOM   181  C C   . ARG A 1 28  ? -7.889  9.811   -9.023  1.00 45.35 ? 28  ARG A C   1 
ATOM   182  O O   . ARG A 1 28  ? -7.083  9.753   -9.958  1.00 45.61 ? 28  ARG A O   1 
ATOM   183  C CB  . ARG A 1 28  ? -8.475  12.308  -8.753  1.00 50.21 ? 28  ARG A CB  1 
ATOM   184  C CG  . ARG A 1 28  ? -9.640  13.331  -8.751  1.00 53.29 ? 28  ARG A CG  1 
ATOM   185  C CD  . ARG A 1 28  ? -10.636 12.975  -9.876  1.00 53.97 ? 28  ARG A CD  1 
ATOM   186  N NE  . ARG A 1 28  ? -11.852 13.788  -9.898  1.00 53.68 ? 28  ARG A NE  1 
ATOM   187  C CZ  . ARG A 1 28  ? -13.043 13.332  -10.288 1.00 54.66 ? 28  ARG A CZ  1 
ATOM   188  N NH1 . ARG A 1 28  ? -13.171 12.067  -10.672 1.00 51.45 ? 28  ARG A NH1 1 
ATOM   189  N NH2 . ARG A 1 28  ? -14.103 14.138  -10.334 1.00 49.60 ? 28  ARG A NH2 1 
ATOM   190  N N   . GLY A 1 29  ? -7.921  8.925   -8.027  1.00 42.16 ? 29  GLY A N   1 
ATOM   191  C CA  . GLY A 1 29  ? -6.957  7.845   -7.928  1.00 39.96 ? 29  GLY A CA  1 
ATOM   192  C C   . GLY A 1 29  ? -5.611  8.347   -7.467  1.00 35.55 ? 29  GLY A C   1 
ATOM   193  O O   . GLY A 1 29  ? -4.571  7.889   -7.925  1.00 37.37 ? 29  GLY A O   1 
ATOM   194  N N   . LYS A 1 30  ? -5.620  9.346   -6.600  1.00 35.44 ? 30  LYS A N   1 
ATOM   195  C CA  . LYS A 1 30  ? -4.368  9.884   -6.091  1.00 37.15 ? 30  LYS A CA  1 
ATOM   196  C C   . LYS A 1 30  ? -4.068  9.211   -4.773  1.00 32.95 ? 30  LYS A C   1 
ATOM   197  O O   . LYS A 1 30  ? -4.878  9.268   -3.861  1.00 32.12 ? 30  LYS A O   1 
ATOM   198  C CB  . LYS A 1 30  ? -4.437  11.404  -5.911  1.00 37.47 ? 30  LYS A CB  1 
ATOM   199  C CG  . LYS A 1 30  ? -3.208  11.996  -5.248  1.00 41.45 ? 30  LYS A CG  1 
ATOM   200  C CD  . LYS A 1 30  ? -2.077  12.320  -6.227  1.00 45.40 ? 30  LYS A CD  1 
ATOM   201  C CE  . LYS A 1 30  ? -1.515  11.099  -6.944  1.00 46.49 ? 30  LYS A CE  1 
ATOM   202  N NZ  . LYS A 1 30  ? -0.898  10.102  -6.027  1.00 42.02 ? 30  LYS A NZ  1 
ATOM   203  N N   . VAL A 1 31  ? -2.936  8.507   -4.744  1.00 30.40 ? 31  VAL A N   1 
ATOM   204  C CA  . VAL A 1 31  ? -2.416  7.775   -3.585  1.00 33.71 ? 31  VAL A CA  1 
ATOM   205  C C   . VAL A 1 31  ? -1.725  8.731   -2.576  1.00 34.62 ? 31  VAL A C   1 
ATOM   206  O O   . VAL A 1 31  ? -0.826  9.508   -2.925  1.00 35.82 ? 31  VAL A O   1 
ATOM   207  C CB  . VAL A 1 31  ? -1.371  6.731   -4.051  1.00 30.97 ? 31  VAL A CB  1 
ATOM   208  C CG1 . VAL A 1 31  ? -1.137  5.718   -2.984  1.00 29.46 ? 31  VAL A CG1 1 
ATOM   209  C CG2 . VAL A 1 31  ? -1.781  6.085   -5.368  1.00 24.58 ? 31  VAL A CG2 1 
ATOM   210  N N   . LYS A 1 32  ? -2.096  8.641   -1.311  1.00 37.32 ? 32  LYS A N   1 
ATOM   211  C CA  . LYS A 1 32  ? -1.493  9.520   -0.322  1.00 40.61 ? 32  LYS A CA  1 
ATOM   212  C C   . LYS A 1 32  ? -1.964  9.212   1.112   1.00 42.48 ? 32  LYS A C   1 
ATOM   213  O O   . LYS A 1 32  ? -3.055  8.658   1.318   1.00 43.18 ? 32  LYS A O   1 
ATOM   214  C CB  . LYS A 1 32  ? -1.842  10.969  -0.669  1.00 43.10 ? 32  LYS A CB  1 
ATOM   215  C CG  . LYS A 1 32  ? -0.649  11.846  -0.938  1.00 45.97 ? 32  LYS A CG  1 
ATOM   216  C CD  . LYS A 1 32  ? -0.954  13.286  -0.535  1.00 45.80 ? 32  LYS A CD  1 
ATOM   217  C CE  . LYS A 1 32  ? -1.210  13.396  0.987   1.00 46.50 ? 32  LYS A CE  1 
ATOM   218  N NZ  . LYS A 1 32  ? -0.112  12.829  1.828   1.00 37.49 ? 32  LYS A NZ  1 
ATOM   219  N N   . GLY A 1 33  ? -1.171  9.621   2.100   1.00 38.81 ? 33  GLY A N   1 
ATOM   220  C CA  . GLY A 1 33  ? -1.544  9.372   3.477   1.00 35.04 ? 33  GLY A CA  1 
ATOM   221  C C   . GLY A 1 33  ? -2.517  10.377  4.052   1.00 30.45 ? 33  GLY A C   1 
ATOM   222  O O   . GLY A 1 33  ? -2.768  11.425  3.455   1.00 34.55 ? 33  GLY A O   1 
ATOM   223  N N   . THR A 1 34  ? -3.019  10.079  5.244   1.00 26.22 ? 34  THR A N   1 
ATOM   224  C CA  . THR A 1 34  ? -3.961  10.942  5.951   1.00 24.95 ? 34  THR A CA  1 
ATOM   225  C C   . THR A 1 34  ? -3.980  10.636  7.467   1.00 26.68 ? 34  THR A C   1 
ATOM   226  O O   . THR A 1 34  ? -3.738  9.506   7.907   1.00 23.16 ? 34  THR A O   1 
ATOM   227  C CB  . THR A 1 34  ? -5.407  10.831  5.352   1.00 24.70 ? 34  THR A CB  1 
ATOM   228  O OG1 . THR A 1 34  ? -6.378  11.232  6.330   1.00 26.10 ? 34  THR A OG1 1 
ATOM   229  C CG2 . THR A 1 34  ? -5.712  9.403   4.933   1.00 24.19 ? 34  THR A CG2 1 
ATOM   230  N N   . GLN A 1 35  ? -4.180  11.667  8.271   1.00 24.52 ? 35  GLN A N   1 
ATOM   231  C CA  . GLN A 1 35  ? -4.252  11.470  9.700   1.00 24.27 ? 35  GLN A CA  1 
ATOM   232  C C   . GLN A 1 35  ? -5.735  11.372  9.999   1.00 29.93 ? 35  GLN A C   1 
ATOM   233  O O   . GLN A 1 35  ? -6.167  11.250  11.143  1.00 33.48 ? 35  GLN A O   1 
ATOM   234  C CB  . GLN A 1 35  ? -3.591  12.639  10.420  1.00 28.29 ? 35  GLN A CB  1 
ATOM   235  C CG  . GLN A 1 35  ? -2.114  12.796  10.022  1.00 32.43 ? 35  GLN A CG  1 
ATOM   236  C CD  . GLN A 1 35  ? -1.348  13.786  10.874  1.00 36.59 ? 35  GLN A CD  1 
ATOM   237  O OE1 . GLN A 1 35  ? -0.404  13.416  11.566  1.00 40.27 ? 35  GLN A OE1 1 
ATOM   238  N NE2 . GLN A 1 35  ? -1.745  15.053  10.823  1.00 38.34 ? 35  GLN A NE2 1 
ATOM   239  N N   . GLU A 1 36  ? -6.525  11.441  8.940   1.00 28.95 ? 36  GLU A N   1 
ATOM   240  C CA  . GLU A 1 36  ? -7.954  11.344  9.077   1.00 30.83 ? 36  GLU A CA  1 
ATOM   241  C C   . GLU A 1 36  ? -8.354  9.874   9.034   1.00 35.57 ? 36  GLU A C   1 
ATOM   242  O O   . GLU A 1 36  ? -8.412  9.250   7.959   1.00 40.42 ? 36  GLU A O   1 
ATOM   243  C CB  . GLU A 1 36  ? -8.667  12.172  8.008   1.00 31.13 ? 36  GLU A CB  1 
ATOM   244  C CG  . GLU A 1 36  ? -10.112 12.438  8.356   1.00 39.33 ? 36  GLU A CG  1 
ATOM   245  C CD  . GLU A 1 36  ? -10.360 12.321  9.849   1.00 44.45 ? 36  GLU A CD  1 
ATOM   246  O OE1 . GLU A 1 36  ? -10.779 11.231  10.278  1.00 36.81 ? 36  GLU A OE1 1 
ATOM   247  O OE2 . GLU A 1 36  ? -10.093 13.295  10.596  1.00 51.33 ? 36  GLU A OE2 1 
ATOM   248  N N   . MET A 1 37  ? -8.589  9.317   10.221  1.00 37.55 ? 37  MET A N   1 
ATOM   249  C CA  . MET A 1 37  ? -8.961  7.909   10.359  1.00 33.84 ? 37  MET A CA  1 
ATOM   250  C C   . MET A 1 37  ? -10.226 7.715   9.569   1.00 35.65 ? 37  MET A C   1 
ATOM   251  O O   . MET A 1 37  ? -10.238 7.056   8.534   1.00 31.38 ? 37  MET A O   1 
ATOM   252  C CB  . MET A 1 37  ? -9.244  7.555   11.833  1.00 33.19 ? 37  MET A CB  1 
ATOM   253  C CG  . MET A 1 37  ? -9.222  6.048   12.140  1.00 31.43 ? 37  MET A CG  1 
ATOM   254  S SD  . MET A 1 37  ? -10.649 5.299   13.030  1.00 25.87 ? 37  MET A SD  1 
ATOM   255  C CE  . MET A 1 37  ? -9.920  4.955   14.556  1.00 26.93 ? 37  MET A CE  1 
ATOM   256  N N   . ARG A 1 38  ? -11.268 8.393   10.040  1.00 39.26 ? 38  ARG A N   1 
ATOM   257  C CA  . ARG A 1 38  ? -12.611 8.341   9.466   1.00 36.45 ? 38  ARG A CA  1 
ATOM   258  C C   . ARG A 1 38  ? -12.720 8.991   8.077   1.00 38.06 ? 38  ARG A C   1 
ATOM   259  O O   . ARG A 1 38  ? -13.677 9.732   7.828   1.00 43.24 ? 38  ARG A O   1 
ATOM   260  C CB  . ARG A 1 38  ? -13.648 8.960   10.456  1.00 38.15 ? 38  ARG A CB  1 
ATOM   261  C CG  . ARG A 1 38  ? -13.153 10.144  11.368  1.00 38.77 ? 38  ARG A CG  1 
ATOM   262  C CD  . ARG A 1 38  ? -14.259 10.954  12.096  1.00 33.49 ? 38  ARG A CD  1 
ATOM   263  N NE  . ARG A 1 38  ? -13.953 12.358  12.103  1.00 33.83 ? 38  ARG A NE  1 
ATOM   264  C CZ  . ARG A 1 38  ? -14.781 13.352  12.468  1.00 33.52 ? 38  ARG A CZ  1 
ATOM   265  N NH1 . ARG A 1 38  ? -16.097 13.151  12.834  1.00 33.87 ? 38  ARG A NH1 1 
ATOM   266  N NH2 . ARG A 1 38  ? -14.304 14.611  12.433  1.00 33.49 ? 38  ARG A NH2 1 
ATOM   267  N N   . ASN A 1 39  ? -11.806 8.635   7.165   1.00 41.44 ? 39  ASN A N   1 
ATOM   268  C CA  . ASN A 1 39  ? -11.748 9.210   5.810   1.00 40.86 ? 39  ASN A CA  1 
ATOM   269  C C   . ASN A 1 39  ? -12.455 8.458   4.683   1.00 40.35 ? 39  ASN A C   1 
ATOM   270  O O   . ASN A 1 39  ? -12.513 8.933   3.557   1.00 36.27 ? 39  ASN A O   1 
ATOM   271  C CB  . ASN A 1 39  ? -10.291 9.418   5.376   1.00 41.09 ? 39  ASN A CB  1 
ATOM   272  C CG  . ASN A 1 39  ? -10.178 10.465  4.320   1.00 39.89 ? 39  ASN A CG  1 
ATOM   273  O OD1 . ASN A 1 39  ? -10.878 11.476  4.392   1.00 41.58 ? 39  ASN A OD1 1 
ATOM   274  N ND2 . ASN A 1 39  ? -9.341  10.256  3.317   1.00 42.21 ? 39  ASN A ND2 1 
ATOM   275  N N   . SER A 1 40  ? -12.892 7.241   4.963   1.00 44.20 ? 40  SER A N   1 
ATOM   276  C CA  . SER A 1 40  ? -13.600 6.423   3.989   1.00 38.78 ? 40  SER A CA  1 
ATOM   277  C C   . SER A 1 40  ? -12.791 6.087   2.729   1.00 37.45 ? 40  SER A C   1 
ATOM   278  O O   . SER A 1 40  ? -13.024 5.019   2.124   1.00 38.55 ? 40  SER A O   1 
ATOM   279  C CB  . SER A 1 40  ? -15.024 6.973   3.659   1.00 42.12 ? 40  SER A CB  1 
ATOM   280  O OG  . SER A 1 40  ? -15.860 6.921   4.844   1.00 43.93 ? 40  SER A OG  1 
ATOM   281  N N   . TYR A 1 41  ? -11.817 6.889   2.317   1.00 33.39 ? 41  TYR A N   1 
ATOM   282  C CA  . TYR A 1 41  ? -11.011 6.550   1.135   1.00 32.73 ? 41  TYR A CA  1 
ATOM   283  C C   . TYR A 1 41  ? -9.726  5.912   1.620   1.00 30.16 ? 41  TYR A C   1 
ATOM   284  O O   . TYR A 1 41  ? -8.757  5.915   0.887   1.00 26.43 ? 41  TYR A O   1 
ATOM   285  C CB  . TYR A 1 41  ? -10.675 7.815   0.353   1.00 36.23 ? 41  TYR A CB  1 
ATOM   286  C CG  . TYR A 1 41  ? -11.698 8.282   -0.654  1.00 38.81 ? 41  TYR A CG  1 
ATOM   287  C CD1 . TYR A 1 41  ? -12.864 8.914   -0.254  1.00 41.18 ? 41  TYR A CD1 1 
ATOM   288  C CD2 . TYR A 1 41  ? -11.505 8.115   -2.027  1.00 41.65 ? 41  TYR A CD2 1 
ATOM   289  C CE1 . TYR A 1 41  ? -13.801 9.358   -1.152  1.00 42.37 ? 41  TYR A CE1 1 
ATOM   290  C CE2 . TYR A 1 41  ? -12.437 8.557   -2.946  1.00 41.75 ? 41  TYR A CE2 1 
ATOM   291  C CZ  . TYR A 1 41  ? -13.593 9.184   -2.500  1.00 45.41 ? 41  TYR A CZ  1 
ATOM   292  O OH  . TYR A 1 41  ? -14.545 9.623   -3.395  1.00 48.03 ? 41  TYR A OH  1 
ATOM   293  N N   . ASN A 1 42  ? -9.714  5.521   2.898   1.00 27.60 ? 42  ASN A N   1 
ATOM   294  C CA  . ASN A 1 42  ? -8.539  4.860   3.457   1.00 27.24 ? 42  ASN A CA  1 
ATOM   295  C C   . ASN A 1 42  ? -8.880  3.448   3.874   1.00 23.73 ? 42  ASN A C   1 
ATOM   296  O O   . ASN A 1 42  ? -8.064  2.753   4.477   1.00 20.36 ? 42  ASN A O   1 
ATOM   297  C CB  . ASN A 1 42  ? -7.867  5.645   4.599   1.00 31.29 ? 42  ASN A CB  1 
ATOM   298  C CG  . ASN A 1 42  ? -8.742  5.795   5.832   1.00 33.45 ? 42  ASN A CG  1 
ATOM   299  O OD1 . ASN A 1 42  ? -9.741  5.089   6.007   1.00 33.26 ? 42  ASN A OD1 1 
ATOM   300  N ND2 . ASN A 1 42  ? -8.356  6.727   6.706   1.00 31.97 ? 42  ASN A ND2 1 
ATOM   301  N N   . ILE A 1 43  ? -10.118 3.060   3.576   1.00 21.88 ? 43  ILE A N   1 
ATOM   302  C CA  . ILE A 1 43  ? -10.577 1.705   3.840   1.00 25.02 ? 43  ILE A CA  1 
ATOM   303  C C   . ILE A 1 43  ? -10.194 0.939   2.579   1.00 17.70 ? 43  ILE A C   1 
ATOM   304  O O   . ILE A 1 43  ? -10.570 1.296   1.464   1.00 11.42 ? 43  ILE A O   1 
ATOM   305  C CB  . ILE A 1 43  ? -12.083 1.645   4.116   1.00 25.14 ? 43  ILE A CB  1 
ATOM   306  C CG1 . ILE A 1 43  ? -12.379 2.356   5.452   1.00 25.24 ? 43  ILE A CG1 1 
ATOM   307  C CG2 . ILE A 1 43  ? -12.529 0.187   4.148   1.00 26.49 ? 43  ILE A CG2 1 
ATOM   308  C CD1 . ILE A 1 43  ? -13.806 2.765   5.697   1.00 18.30 ? 43  ILE A CD1 1 
ATOM   309  N N   . MET A 1 44  ? -9.360  -0.068  2.760   1.00 16.56 ? 44  MET A N   1 
ATOM   310  C CA  . MET A 1 44  ? -8.855  -0.819  1.650   1.00 21.20 ? 44  MET A CA  1 
ATOM   311  C C   . MET A 1 44  ? -9.221  -2.283  1.711   1.00 23.58 ? 44  MET A C   1 
ATOM   312  O O   . MET A 1 44  ? -9.546  -2.824  2.769   1.00 18.37 ? 44  MET A O   1 
ATOM   313  C CB  . MET A 1 44  ? -7.313  -0.734  1.614   1.00 19.49 ? 44  MET A CB  1 
ATOM   314  C CG  . MET A 1 44  ? -6.640  0.682   1.616   1.00 19.58 ? 44  MET A CG  1 
ATOM   315  S SD  . MET A 1 44  ? -6.568  1.707   0.127   1.00 15.47 ? 44  MET A SD  1 
ATOM   316  C CE  . MET A 1 44  ? -5.752  0.843   -0.750  1.00 2.08  ? 44  MET A CE  1 
ATOM   317  N N   . GLU A 1 45  ? -9.137  -2.913  0.539   1.00 26.71 ? 45  GLU A N   1 
ATOM   318  C CA  . GLU A 1 45  ? -9.358  -4.339  0.376   1.00 27.60 ? 45  GLU A CA  1 
ATOM   319  C C   . GLU A 1 45  ? -8.033  -4.904  -0.102  1.00 23.83 ? 45  GLU A C   1 
ATOM   320  O O   . GLU A 1 45  ? -7.518  -4.507  -1.139  1.00 24.92 ? 45  GLU A O   1 
ATOM   321  C CB  . GLU A 1 45  ? -10.437 -4.642  -0.660  1.00 23.67 ? 45  GLU A CB  1 
ATOM   322  C CG  . GLU A 1 45  ? -11.787 -4.850  -0.069  1.00 31.84 ? 45  GLU A CG  1 
ATOM   323  C CD  . GLU A 1 45  ? -12.843 -5.204  -1.112  1.00 48.04 ? 45  GLU A CD  1 
ATOM   324  O OE1 . GLU A 1 45  ? -14.065 -5.195  -0.770  1.00 51.59 ? 45  GLU A OE1 1 
ATOM   325  O OE2 . GLU A 1 45  ? -12.455 -5.500  -2.269  1.00 48.10 ? 45  GLU A OE2 1 
ATOM   326  N N   . ILE A 1 46  ? -7.435  -5.738  0.736   1.00 25.60 ? 46  ILE A N   1 
ATOM   327  C CA  . ILE A 1 46  ? -6.167  -6.417  0.446   1.00 26.11 ? 46  ILE A CA  1 
ATOM   328  C C   . ILE A 1 46  ? -6.624  -7.806  -0.031  1.00 25.83 ? 46  ILE A C   1 
ATOM   329  O O   . ILE A 1 46  ? -7.102  -8.631  0.763   1.00 26.34 ? 46  ILE A O   1 
ATOM   330  C CB  . ILE A 1 46  ? -5.267  -6.521  1.726   1.00 23.57 ? 46  ILE A CB  1 
ATOM   331  C CG1 . ILE A 1 46  ? -5.153  -5.138  2.388   1.00 26.79 ? 46  ILE A CG1 1 
ATOM   332  C CG2 . ILE A 1 46  ? -3.874  -7.006  1.360   1.00 17.87 ? 46  ILE A CG2 1 
ATOM   333  C CD1 . ILE A 1 46  ? -4.470  -5.124  3.719   1.00 26.25 ? 46  ILE A CD1 1 
ATOM   334  N N   . ARG A 1 47  ? -6.569  -8.018  -1.343  1.00 25.63 ? 47  ARG A N   1 
ATOM   335  C CA  . ARG A 1 47  ? -7.005  -9.282  -1.917  1.00 26.47 ? 47  ARG A CA  1 
ATOM   336  C C   . ARG A 1 47  ? -5.843  -10.176 -2.300  1.00 23.85 ? 47  ARG A C   1 
ATOM   337  O O   . ARG A 1 47  ? -5.045  -9.813  -3.160  1.00 26.39 ? 47  ARG A O   1 
ATOM   338  C CB  . ARG A 1 47  ? -7.892  -9.033  -3.157  1.00 31.29 ? 47  ARG A CB  1 
ATOM   339  C CG  . ARG A 1 47  ? -8.755  -7.753  -3.091  1.00 30.62 ? 47  ARG A CG  1 
ATOM   340  C CD  . ARG A 1 47  ? -9.747  -7.635  -4.246  1.00 36.93 ? 47  ARG A CD  1 
ATOM   341  N NE  . ARG A 1 47  ? -9.109  -7.843  -5.542  1.00 39.77 ? 47  ARG A NE  1 
ATOM   342  C CZ  . ARG A 1 47  ? -9.706  -8.399  -6.592  1.00 35.86 ? 47  ARG A CZ  1 
ATOM   343  N NH1 . ARG A 1 47  ? -10.973 -8.797  -6.531  1.00 35.21 ? 47  ARG A NH1 1 
ATOM   344  N NH2 . ARG A 1 47  ? -8.997  -8.665  -7.673  1.00 35.57 ? 47  ARG A NH2 1 
ATOM   345  N N   . THR A 1 48  ? -5.745  -11.334 -1.650  1.00 22.70 ? 48  THR A N   1 
ATOM   346  C CA  . THR A 1 48  ? -4.712  -12.330 -1.950  1.00 18.69 ? 48  THR A CA  1 
ATOM   347  C C   . THR A 1 48  ? -4.985  -12.962 -3.334  1.00 19.04 ? 48  THR A C   1 
ATOM   348  O O   . THR A 1 48  ? -5.971  -13.679 -3.539  1.00 17.42 ? 48  THR A O   1 
ATOM   349  C CB  . THR A 1 48  ? -4.709  -13.420 -0.890  1.00 15.15 ? 48  THR A CB  1 
ATOM   350  O OG1 . THR A 1 48  ? -5.026  -12.821 0.361   1.00 19.83 ? 48  THR A OG1 1 
ATOM   351  C CG2 . THR A 1 48  ? -3.346  -14.059 -0.769  1.00 17.87 ? 48  THR A CG2 1 
ATOM   352  N N   . VAL A 1 49  ? -4.121  -12.651 -4.289  1.00 20.28 ? 49  VAL A N   1 
ATOM   353  C CA  . VAL A 1 49  ? -4.261  -13.159 -5.643  1.00 23.59 ? 49  VAL A CA  1 
ATOM   354  C C   . VAL A 1 49  ? -3.505  -14.464 -5.844  1.00 24.63 ? 49  VAL A C   1 
ATOM   355  O O   . VAL A 1 49  ? -3.690  -15.135 -6.868  1.00 30.64 ? 49  VAL A O   1 
ATOM   356  C CB  . VAL A 1 49  ? -3.750  -12.134 -6.687  1.00 22.75 ? 49  VAL A CB  1 
ATOM   357  C CG1 . VAL A 1 49  ? -4.179  -10.697 -6.276  1.00 26.54 ? 49  VAL A CG1 1 
ATOM   358  C CG2 . VAL A 1 49  ? -2.244  -12.252 -6.857  1.00 20.94 ? 49  VAL A CG2 1 
ATOM   359  N N   . ALA A 1 50  ? -2.614  -14.777 -4.902  1.00 22.15 ? 50  ALA A N   1 
ATOM   360  C CA  . ALA A 1 50  ? -1.777  -15.985 -4.929  1.00 21.50 ? 50  ALA A CA  1 
ATOM   361  C C   . ALA A 1 50  ? -0.927  -15.988 -3.664  1.00 18.77 ? 50  ALA A C   1 
ATOM   362  O O   . ALA A 1 50  ? -0.855  -14.994 -2.933  1.00 19.51 ? 50  ALA A O   1 
ATOM   363  C CB  . ALA A 1 50  ? -0.853  -15.988 -6.170  1.00 15.54 ? 50  ALA A CB  1 
ATOM   364  N N   . VAL A 1 51  ? -0.249  -17.098 -3.421  1.00 22.58 ? 51  VAL A N   1 
ATOM   365  C CA  . VAL A 1 51  ? 0.585   -17.208 -2.239  1.00 27.79 ? 51  VAL A CA  1 
ATOM   366  C C   . VAL A 1 51  ? 1.630   -16.096 -2.270  1.00 29.82 ? 51  VAL A C   1 
ATOM   367  O O   . VAL A 1 51  ? 2.400   -15.978 -3.222  1.00 35.34 ? 51  VAL A O   1 
ATOM   368  C CB  . VAL A 1 51  ? 1.257   -18.604 -2.149  1.00 24.30 ? 51  VAL A CB  1 
ATOM   369  C CG1 . VAL A 1 51  ? 1.948   -18.776 -0.810  1.00 22.22 ? 51  VAL A CG1 1 
ATOM   370  C CG2 . VAL A 1 51  ? 0.210   -19.687 -2.320  1.00 21.61 ? 51  VAL A CG2 1 
ATOM   371  N N   . GLY A 1 52  ? 1.553   -15.208 -1.287  1.00 30.75 ? 52  GLY A N   1 
ATOM   372  C CA  . GLY A 1 52  ? 2.500   -14.112 -1.191  1.00 27.50 ? 52  GLY A CA  1 
ATOM   373  C C   . GLY A 1 52  ? 2.189   -12.871 -1.997  1.00 27.04 ? 52  GLY A C   1 
ATOM   374  O O   . GLY A 1 52  ? 2.762   -11.828 -1.724  1.00 24.41 ? 52  GLY A O   1 
ATOM   375  N N   . ILE A 1 53  ? 1.299   -12.960 -2.979  1.00 24.95 ? 53  ILE A N   1 
ATOM   376  C CA  . ILE A 1 53  ? 0.973   -11.789 -3.792  1.00 19.50 ? 53  ILE A CA  1 
ATOM   377  C C   . ILE A 1 53  ? -0.364  -11.199 -3.378  1.00 17.39 ? 53  ILE A C   1 
ATOM   378  O O   . ILE A 1 53  ? -1.310  -11.927 -3.087  1.00 17.36 ? 53  ILE A O   1 
ATOM   379  C CB  . ILE A 1 53  ? 0.966   -12.139 -5.276  1.00 17.58 ? 53  ILE A CB  1 
ATOM   380  C CG1 . ILE A 1 53  ? 2.169   -13.026 -5.588  1.00 19.43 ? 53  ILE A CG1 1 
ATOM   381  C CG2 . ILE A 1 53  ? 1.016   -10.895 -6.093  1.00 13.93 ? 53  ILE A CG2 1 
ATOM   382  C CD1 . ILE A 1 53  ? 3.509   -12.429 -5.224  1.00 16.31 ? 53  ILE A CD1 1 
ATOM   383  N N   . VAL A 1 54  ? -0.475  -9.884  -3.443  1.00 15.53 ? 54  VAL A N   1 
ATOM   384  C CA  . VAL A 1 54  ? -1.678  -9.216  -2.992  1.00 15.41 ? 54  VAL A CA  1 
ATOM   385  C C   . VAL A 1 54  ? -1.998  -8.068  -3.948  1.00 18.27 ? 54  VAL A C   1 
ATOM   386  O O   . VAL A 1 54  ? -1.153  -7.733  -4.779  1.00 15.80 ? 54  VAL A O   1 
ATOM   387  C CB  . VAL A 1 54  ? -1.437  -8.676  -1.528  1.00 14.32 ? 54  VAL A CB  1 
ATOM   388  C CG1 . VAL A 1 54  ? -1.620  -7.150  -1.419  1.00 15.16 ? 54  VAL A CG1 1 
ATOM   389  C CG2 . VAL A 1 54  ? -2.350  -9.348  -0.573  1.00 14.05 ? 54  VAL A CG2 1 
ATOM   390  N N   . ALA A 1 55  ? -3.244  -7.574  -3.902  1.00 18.70 ? 55  ALA A N   1 
ATOM   391  C CA  . ALA A 1 55  ? -3.687  -6.411  -4.691  1.00 17.33 ? 55  ALA A CA  1 
ATOM   392  C C   . ALA A 1 55  ? -4.291  -5.489  -3.630  1.00 18.46 ? 55  ALA A C   1 
ATOM   393  O O   . ALA A 1 55  ? -4.933  -5.961  -2.671  1.00 16.91 ? 55  ALA A O   1 
ATOM   394  C CB  . ALA A 1 55  ? -4.739  -6.789  -5.745  1.00 19.05 ? 55  ALA A CB  1 
ATOM   395  N N   . ILE A 1 56  ? -4.086  -4.187  -3.780  1.00 16.48 ? 56  ILE A N   1 
ATOM   396  C CA  . ILE A 1 56  ? -4.580  -3.245  -2.775  1.00 19.46 ? 56  ILE A CA  1 
ATOM   397  C C   . ILE A 1 56  ? -5.583  -2.305  -3.440  1.00 19.43 ? 56  ILE A C   1 
ATOM   398  O O   . ILE A 1 56  ? -5.233  -1.473  -4.275  1.00 17.01 ? 56  ILE A O   1 
ATOM   399  C CB  . ILE A 1 56  ? -3.389  -2.496  -2.056  1.00 18.18 ? 56  ILE A CB  1 
ATOM   400  C CG1 . ILE A 1 56  ? -2.364  -3.515  -1.529  1.00 18.32 ? 56  ILE A CG1 1 
ATOM   401  C CG2 . ILE A 1 56  ? -3.891  -1.800  -0.825  1.00 24.96 ? 56  ILE A CG2 1 
ATOM   402  C CD1 . ILE A 1 56  ? -1.117  -2.915  -0.889  1.00 9.23  ? 56  ILE A CD1 1 
ATOM   403  N N   . LYS A 1 57  ? -6.830  -2.421  -3.007  1.00 16.23 ? 57  LYS A N   1 
ATOM   404  C CA  . LYS A 1 57  ? -7.923  -1.695  -3.622  1.00 21.23 ? 57  LYS A CA  1 
ATOM   405  C C   . LYS A 1 57  ? -8.748  -0.845  -2.682  1.00 15.60 ? 57  LYS A C   1 
ATOM   406  O O   . LYS A 1 57  ? -9.137  -1.289  -1.604  1.00 19.90 ? 57  LYS A O   1 
ATOM   407  C CB  . LYS A 1 57  ? -8.821  -2.740  -4.318  1.00 17.30 ? 57  LYS A CB  1 
ATOM   408  C CG  . LYS A 1 57  ? -10.002 -2.257  -5.141  1.00 16.94 ? 57  LYS A CG  1 
ATOM   409  C CD  . LYS A 1 57  ? -10.983 -3.423  -5.242  1.00 21.21 ? 57  LYS A CD  1 
ATOM   410  C CE  . LYS A 1 57  ? -12.199 -3.140  -6.113  1.00 28.80 ? 57  LYS A CE  1 
ATOM   411  N NZ  . LYS A 1 57  ? -13.147 -4.319  -6.126  1.00 21.51 ? 57  LYS A NZ  1 
ATOM   412  N N   . GLY A 1 58  ? -9.043  0.370   -3.131  1.00 19.53 ? 58  GLY A N   1 
ATOM   413  C CA  . GLY A 1 58  ? -9.864  1.280   -2.364  1.00 20.14 ? 58  GLY A CA  1 
ATOM   414  C C   . GLY A 1 58  ? -11.343 0.931   -2.473  1.00 22.48 ? 58  GLY A C   1 
ATOM   415  O O   . GLY A 1 58  ? -11.943 1.061   -3.541  1.00 20.61 ? 58  GLY A O   1 
ATOM   416  N N   . VAL A 1 59  ? -11.931 0.564   -1.338  1.00 25.29 ? 59  VAL A N   1 
ATOM   417  C CA  . VAL A 1 59  ? -13.337 0.221   -1.231  1.00 27.06 ? 59  VAL A CA  1 
ATOM   418  C C   . VAL A 1 59  ? -14.243 1.411   -1.506  1.00 30.41 ? 59  VAL A C   1 
ATOM   419  O O   . VAL A 1 59  ? -15.422 1.313   -1.263  1.00 36.44 ? 59  VAL A O   1 
ATOM   420  C CB  . VAL A 1 59  ? -13.666 -0.355  0.159   1.00 29.68 ? 59  VAL A CB  1 
ATOM   421  C CG1 . VAL A 1 59  ? -14.951 -1.118  0.154   1.00 37.06 ? 59  VAL A CG1 1 
ATOM   422  C CG2 . VAL A 1 59  ? -12.586 -1.261  0.630   1.00 35.95 ? 59  VAL A CG2 1 
ATOM   423  N N   . GLU A 1 60  ? -13.733 2.528   -2.025  1.00 35.15 ? 60  GLU A N   1 
ATOM   424  C CA  . GLU A 1 60  ? -14.591 3.704   -2.321  1.00 38.24 ? 60  GLU A CA  1 
ATOM   425  C C   . GLU A 1 60  ? -14.310 4.343   -3.669  1.00 39.89 ? 60  GLU A C   1 
ATOM   426  O O   . GLU A 1 60  ? -15.219 4.806   -4.344  1.00 35.51 ? 60  GLU A O   1 
ATOM   427  C CB  . GLU A 1 60  ? -14.427 4.756   -1.240  1.00 40.40 ? 60  GLU A CB  1 
ATOM   428  C CG  . GLU A 1 60  ? -14.553 4.129   0.130   1.00 50.32 ? 60  GLU A CG  1 
ATOM   429  C CD  . GLU A 1 60  ? -15.967 3.933   0.575   1.00 53.92 ? 60  GLU A CD  1 
ATOM   430  O OE1 . GLU A 1 60  ? -16.153 3.208   1.592   1.00 50.92 ? 60  GLU A OE1 1 
ATOM   431  O OE2 . GLU A 1 60  ? -16.919 4.535   -0.019  1.00 57.16 ? 60  GLU A OE2 1 
ATOM   432  N N   . SER A 1 61  ? -13.031 4.404   -4.015  1.00 40.33 ? 61  SER A N   1 
ATOM   433  C CA  . SER A 1 61  ? -12.558 4.937   -5.288  1.00 38.62 ? 61  SER A CA  1 
ATOM   434  C C   . SER A 1 61  ? -12.581 3.797   -6.312  1.00 40.58 ? 61  SER A C   1 
ATOM   435  O O   . SER A 1 61  ? -12.462 4.016   -7.518  1.00 39.17 ? 61  SER A O   1 
ATOM   436  C CB  . SER A 1 61  ? -11.116 5.408   -5.105  1.00 38.64 ? 61  SER A CB  1 
ATOM   437  O OG  . SER A 1 61  ? -10.303 4.327   -4.684  1.00 31.53 ? 61  SER A OG  1 
ATOM   438  N N   . GLU A 1 62  ? -12.680 2.573   -5.799  1.00 38.94 ? 62  GLU A N   1 
ATOM   439  C CA  . GLU A 1 62  ? -12.678 1.352   -6.609  1.00 38.68 ? 62  GLU A CA  1 
ATOM   440  C C   . GLU A 1 62  ? -11.384 1.231   -7.415  1.00 40.52 ? 62  GLU A C   1 
ATOM   441  O O   . GLU A 1 62  ? -11.287 0.403   -8.318  1.00 42.75 ? 62  GLU A O   1 
ATOM   442  C CB  . GLU A 1 62  ? -13.916 1.259   -7.523  1.00 36.93 ? 62  GLU A CB  1 
ATOM   443  C CG  . GLU A 1 62  ? -15.269 1.381   -6.787  1.00 35.71 ? 62  GLU A CG  1 
ATOM   444  C CD  . GLU A 1 62  ? -15.707 0.137   -6.015  1.00 42.32 ? 62  GLU A CD  1 
ATOM   445  O OE1 . GLU A 1 62  ? -14.866 -0.696  -5.606  1.00 42.74 ? 62  GLU A OE1 1 
ATOM   446  O OE2 . GLU A 1 62  ? -16.926 -0.004  -5.795  1.00 41.17 ? 62  GLU A OE2 1 
ATOM   447  N N   . TYR A 1 63  ? -10.391 2.047   -7.060  1.00 38.36 ? 63  TYR A N   1 
ATOM   448  C CA  . TYR A 1 63  ? -9.078  2.070   -7.706  1.00 35.57 ? 63  TYR A CA  1 
ATOM   449  C C   . TYR A 1 63  ? -8.133  1.084   -7.007  1.00 33.36 ? 63  TYR A C   1 
ATOM   450  O O   . TYR A 1 63  ? -8.344  0.715   -5.849  1.00 33.50 ? 63  TYR A O   1 
ATOM   451  C CB  . TYR A 1 63  ? -8.469  3.482   -7.609  1.00 34.04 ? 63  TYR A CB  1 
ATOM   452  C CG  . TYR A 1 63  ? -9.047  4.496   -8.558  1.00 31.04 ? 63  TYR A CG  1 
ATOM   453  C CD1 . TYR A 1 63  ? -10.276 5.157   -8.233  1.00 29.40 ? 63  TYR A CD1 1 
ATOM   454  C CD2 . TYR A 1 63  ? -8.484  4.746   -9.804  1.00 29.67 ? 63  TYR A CD2 1 
ATOM   455  C CE1 . TYR A 1 63  ? -10.876 6.022   -9.156  1.00 29.82 ? 63  TYR A CE1 1 
ATOM   456  C CE2 . TYR A 1 63  ? -9.047  5.616   -10.687 1.00 30.16 ? 63  TYR A CE2 1 
ATOM   457  C CZ  . TYR A 1 63  ? -10.251 6.234   -10.367 1.00 36.19 ? 63  TYR A CZ  1 
ATOM   458  O OH  . TYR A 1 63  ? -10.804 7.083   -11.334 1.00 43.31 ? 63  TYR A OH  1 
ATOM   459  N N   . TYR A 1 64  ? -7.085  0.685   -7.708  1.00 32.79 ? 64  TYR A N   1 
ATOM   460  C CA  . TYR A 1 64  ? -6.094  -0.214  -7.160  1.00 30.78 ? 64  TYR A CA  1 
ATOM   461  C C   . TYR A 1 64  ? -4.916  0.564   -6.567  1.00 33.96 ? 64  TYR A C   1 
ATOM   462  O O   . TYR A 1 64  ? -5.093  1.681   -6.107  1.00 33.94 ? 64  TYR A O   1 
ATOM   463  C CB  . TYR A 1 64  ? -5.666  -1.206  -8.245  1.00 29.89 ? 64  TYR A CB  1 
ATOM   464  C CG  . TYR A 1 64  ? -6.637  -2.364  -8.337  1.00 17.82 ? 64  TYR A CG  1 
ATOM   465  C CD1 . TYR A 1 64  ? -7.812  -2.236  -9.025  1.00 12.00 ? 64  TYR A CD1 1 
ATOM   466  C CD2 . TYR A 1 64  ? -6.371  -3.588  -7.709  1.00 23.78 ? 64  TYR A CD2 1 
ATOM   467  C CE1 . TYR A 1 64  ? -8.697  -3.265  -9.087  1.00 15.52 ? 64  TYR A CE1 1 
ATOM   468  C CE2 . TYR A 1 64  ? -7.266  -4.640  -7.762  1.00 10.69 ? 64  TYR A CE2 1 
ATOM   469  C CZ  . TYR A 1 64  ? -8.426  -4.469  -8.467  1.00 17.10 ? 64  TYR A CZ  1 
ATOM   470  O OH  . TYR A 1 64  ? -9.335  -5.507  -8.570  1.00 19.27 ? 64  TYR A OH  1 
ATOM   471  N N   . LEU A 1 65  ? -3.741  -0.047  -6.505  1.00 36.91 ? 65  LEU A N   1 
ATOM   472  C CA  . LEU A 1 65  ? -2.543  0.601   -5.970  1.00 32.82 ? 65  LEU A CA  1 
ATOM   473  C C   . LEU A 1 65  ? -1.496  -0.061  -6.807  1.00 28.71 ? 65  LEU A C   1 
ATOM   474  O O   . LEU A 1 65  ? -1.540  -1.277  -6.994  1.00 39.57 ? 65  LEU A O   1 
ATOM   475  C CB  . LEU A 1 65  ? -2.320  0.240   -4.500  1.00 25.57 ? 65  LEU A CB  1 
ATOM   476  C CG  . LEU A 1 65  ? -1.335  1.058   -3.642  1.00 24.01 ? 65  LEU A CG  1 
ATOM   477  C CD1 . LEU A 1 65  ? -0.038  0.342   -3.364  1.00 19.93 ? 65  LEU A CD1 1 
ATOM   478  C CD2 . LEU A 1 65  ? -1.082  2.390   -4.257  1.00 22.63 ? 65  LEU A CD2 1 
ATOM   479  N N   . ALA A 1 66  ? -0.572  0.711   -7.348  1.00 25.80 ? 66  ALA A N   1 
ATOM   480  C CA  . ALA A 1 66  ? 0.448   0.134   -8.200  1.00 21.19 ? 66  ALA A CA  1 
ATOM   481  C C   . ALA A 1 66  ? 1.644   1.019   -8.168  1.00 18.02 ? 66  ALA A C   1 
ATOM   482  O O   . ALA A 1 66  ? 1.618   2.092   -7.584  1.00 20.61 ? 66  ALA A O   1 
ATOM   483  C CB  . ALA A 1 66  ? -0.072  0.029   -9.629  1.00 22.20 ? 66  ALA A CB  1 
ATOM   484  N N   . MET A 1 67  ? 2.698   0.564   -8.815  1.00 22.64 ? 67  MET A N   1 
ATOM   485  C CA  . MET A 1 67  ? 3.944   1.324   -8.897  1.00 25.49 ? 67  MET A CA  1 
ATOM   486  C C   . MET A 1 67  ? 4.479   1.178   -10.324 1.00 29.50 ? 67  MET A C   1 
ATOM   487  O O   . MET A 1 67  ? 4.513   0.071   -10.881 1.00 23.32 ? 67  MET A O   1 
ATOM   488  C CB  . MET A 1 67  ? 4.970   0.792   -7.878  1.00 23.03 ? 67  MET A CB  1 
ATOM   489  C CG  . MET A 1 67  ? 6.202   1.663   -7.679  1.00 14.11 ? 67  MET A CG  1 
ATOM   490  S SD  . MET A 1 67  ? 7.382   0.727   -6.788  1.00 12.14 ? 67  MET A SD  1 
ATOM   491  C CE  . MET A 1 67  ? 6.806   1.118   -5.178  1.00 10.43 ? 67  MET A CE  1 
ATOM   492  N N   . ASN A 1 68  ? 4.887   2.300   -10.904 1.00 27.35 ? 68  ASN A N   1 
ATOM   493  C CA  . ASN A 1 68  ? 5.404   2.306   -12.262 1.00 30.73 ? 68  ASN A CA  1 
ATOM   494  C C   . ASN A 1 68  ? 6.854   1.840   -12.401 1.00 32.72 ? 68  ASN A C   1 
ATOM   495  O O   . ASN A 1 68  ? 7.463   1.356   -11.447 1.00 34.21 ? 68  ASN A O   1 
ATOM   496  C CB  . ASN A 1 68  ? 5.187   3.677   -12.924 1.00 34.62 ? 68  ASN A CB  1 
ATOM   497  C CG  . ASN A 1 68  ? 6.104   4.752   -12.385 1.00 32.85 ? 68  ASN A CG  1 
ATOM   498  O OD1 . ASN A 1 68  ? 7.027   4.470   -11.626 1.00 42.73 ? 68  ASN A OD1 1 
ATOM   499  N ND2 . ASN A 1 68  ? 5.875   5.992   -12.802 1.00 38.60 ? 68  ASN A ND2 1 
ATOM   500  N N   . LYS A 1 69  ? 7.387   1.953   -13.608 1.00 32.73 ? 69  LYS A N   1 
ATOM   501  C CA  . LYS A 1 69  ? 8.755   1.541   -13.897 1.00 34.89 ? 69  LYS A CA  1 
ATOM   502  C C   . LYS A 1 69  ? 9.829   2.372   -13.193 1.00 34.60 ? 69  LYS A C   1 
ATOM   503  O O   . LYS A 1 69  ? 10.989  1.969   -13.165 1.00 38.96 ? 69  LYS A O   1 
ATOM   504  C CB  . LYS A 1 69  ? 9.016   1.558   -15.411 1.00 38.11 ? 69  LYS A CB  1 
ATOM   505  C CG  . LYS A 1 69  ? 8.964   0.172   -16.102 1.00 43.81 ? 69  LYS A CG  1 
ATOM   506  C CD  . LYS A 1 69  ? 10.107  -0.747  -15.630 1.00 42.67 ? 69  LYS A CD  1 
ATOM   507  C CE  . LYS A 1 69  ? 9.925   -2.190  -16.059 1.00 42.23 ? 69  LYS A CE  1 
ATOM   508  N NZ  . LYS A 1 69  ? 10.838  -3.094  -15.301 1.00 41.52 ? 69  LYS A NZ  1 
ATOM   509  N N   . GLU A 1 70  ? 9.461   3.528   -12.643 1.00 40.17 ? 70  GLU A N   1 
ATOM   510  C CA  . GLU A 1 70  ? 10.421  4.377   -11.951 1.00 34.04 ? 70  GLU A CA  1 
ATOM   511  C C   . GLU A 1 70  ? 10.068  4.605   -10.473 1.00 34.98 ? 70  GLU A C   1 
ATOM   512  O O   . GLU A 1 70  ? 10.350  5.680   -9.917  1.00 36.60 ? 70  GLU A O   1 
ATOM   513  C CB  . GLU A 1 70  ? 10.548  5.721   -12.663 1.00 38.61 ? 70  GLU A CB  1 
ATOM   514  C CG  . GLU A 1 70  ? 9.340   6.642   -12.487 1.00 45.19 ? 70  GLU A CG  1 
ATOM   515  C CD  . GLU A 1 70  ? 9.675   8.144   -12.595 1.00 55.17 ? 70  GLU A CD  1 
ATOM   516  O OE1 . GLU A 1 70  ? 8.990   8.942   -11.902 1.00 55.95 ? 70  GLU A OE1 1 
ATOM   517  O OE2 . GLU A 1 70  ? 10.607  8.526   -13.354 1.00 52.85 ? 70  GLU A OE2 1 
ATOM   518  N N   . GLY A 1 71  ? 9.433   3.606   -9.850  1.00 33.21 ? 71  GLY A N   1 
ATOM   519  C CA  . GLY A 1 71  ? 9.050   3.684   -8.442  1.00 32.10 ? 71  GLY A CA  1 
ATOM   520  C C   . GLY A 1 71  ? 7.916   4.608   -8.027  1.00 27.99 ? 71  GLY A C   1 
ATOM   521  O O   . GLY A 1 71  ? 7.620   4.738   -6.840  1.00 30.11 ? 71  GLY A O   1 
ATOM   522  N N   . LYS A 1 72  ? 7.279   5.263   -8.981  1.00 26.59 ? 72  LYS A N   1 
ATOM   523  C CA  . LYS A 1 72  ? 6.178   6.147   -8.653  1.00 27.56 ? 72  LYS A CA  1 
ATOM   524  C C   . LYS A 1 72  ? 4.895   5.322   -8.397  1.00 30.01 ? 72  LYS A C   1 
ATOM   525  O O   . LYS A 1 72  ? 4.528   4.424   -9.164  1.00 24.06 ? 72  LYS A O   1 
ATOM   526  C CB  . LYS A 1 72  ? 5.984   7.194   -9.763  1.00 26.72 ? 72  LYS A CB  1 
ATOM   527  C CG  . LYS A 1 72  ? 5.350   8.474   -9.259  1.00 28.18 ? 72  LYS A CG  1 
ATOM   528  C CD  . LYS A 1 72  ? 5.063   9.501   -10.354 1.00 29.98 ? 72  LYS A CD  1 
ATOM   529  C CE  . LYS A 1 72  ? 3.837   10.363  -9.961  1.00 28.53 ? 72  LYS A CE  1 
ATOM   530  N NZ  . LYS A 1 72  ? 3.850   11.743  -10.507 1.00 23.01 ? 72  LYS A NZ  1 
ATOM   531  N N   . LEU A 1 73  ? 4.238   5.642   -7.291  1.00 30.20 ? 73  LEU A N   1 
ATOM   532  C CA  . LEU A 1 73  ? 3.013   4.989   -6.835  1.00 31.11 ? 73  LEU A CA  1 
ATOM   533  C C   . LEU A 1 73  ? 1.714   5.615   -7.393  1.00 30.67 ? 73  LEU A C   1 
ATOM   534  O O   . LEU A 1 73  ? 1.530   6.829   -7.346  1.00 33.81 ? 73  LEU A O   1 
ATOM   535  C CB  . LEU A 1 73  ? 2.997   5.044   -5.299  1.00 25.46 ? 73  LEU A CB  1 
ATOM   536  C CG  . LEU A 1 73  ? 2.889   3.763   -4.456  1.00 24.29 ? 73  LEU A CG  1 
ATOM   537  C CD1 . LEU A 1 73  ? 3.965   2.738   -4.783  1.00 20.09 ? 73  LEU A CD1 1 
ATOM   538  C CD2 . LEU A 1 73  ? 2.955   4.164   -2.988  1.00 25.86 ? 73  LEU A CD2 1 
ATOM   539  N N   . TYR A 1 74  ? 0.821   4.788   -7.928  1.00 33.97 ? 74  TYR A N   1 
ATOM   540  C CA  . TYR A 1 74  ? -0.443  5.290   -8.447  1.00 31.94 ? 74  TYR A CA  1 
ATOM   541  C C   . TYR A 1 74  ? -1.563  4.296   -8.192  1.00 34.08 ? 74  TYR A C   1 
ATOM   542  O O   . TYR A 1 74  ? -1.354  3.299   -7.515  1.00 34.63 ? 74  TYR A O   1 
ATOM   543  C CB  . TYR A 1 74  ? -0.345  5.624   -9.938  1.00 31.99 ? 74  TYR A CB  1 
ATOM   544  C CG  . TYR A 1 74  ? -0.076  4.457   -10.862 1.00 36.21 ? 74  TYR A CG  1 
ATOM   545  C CD1 . TYR A 1 74  ? -1.111  3.866   -11.601 1.00 39.08 ? 74  TYR A CD1 1 
ATOM   546  C CD2 . TYR A 1 74  ? 1.221   3.989   -11.058 1.00 33.11 ? 74  TYR A CD2 1 
ATOM   547  C CE1 . TYR A 1 74  ? -0.842  2.859   -12.508 1.00 26.31 ? 74  TYR A CE1 1 
ATOM   548  C CE2 . TYR A 1 74  ? 1.491   2.984   -11.956 1.00 29.52 ? 74  TYR A CE2 1 
ATOM   549  C CZ  . TYR A 1 74  ? 0.459   2.428   -12.676 1.00 28.75 ? 74  TYR A CZ  1 
ATOM   550  O OH  . TYR A 1 74  ? 0.748   1.450   -13.585 1.00 32.36 ? 74  TYR A OH  1 
ATOM   551  N N   . ALA A 1 75  ? -2.748  4.572   -8.729  1.00 34.05 ? 75  ALA A N   1 
ATOM   552  C CA  . ALA A 1 75  ? -3.913  3.695   -8.563  1.00 35.92 ? 75  ALA A CA  1 
ATOM   553  C C   . ALA A 1 75  ? -4.726  3.626   -9.867  1.00 37.44 ? 75  ALA A C   1 
ATOM   554  O O   . ALA A 1 75  ? -5.255  4.630   -10.337 1.00 35.19 ? 75  ALA A O   1 
ATOM   555  C CB  . ALA A 1 75  ? -4.778  4.178   -7.422  1.00 34.28 ? 75  ALA A CB  1 
ATOM   556  N N   . LYS A 1 76  ? -4.846  2.416   -10.421 1.00 37.66 ? 76  LYS A N   1 
ATOM   557  C CA  . LYS A 1 76  ? -5.555  2.244   -11.677 1.00 32.60 ? 76  LYS A CA  1 
ATOM   558  C C   . LYS A 1 76  ? -7.070  2.167   -11.630 1.00 37.67 ? 76  LYS A C   1 
ATOM   559  O O   . LYS A 1 76  ? -7.695  3.234   -11.604 1.00 42.66 ? 76  LYS A O   1 
ATOM   560  C CB  . LYS A 1 76  ? -5.008  1.105   -12.472 1.00 35.68 ? 76  LYS A CB  1 
ATOM   561  C CG  . LYS A 1 76  ? -3.608  1.336   -12.925 1.00 30.39 ? 76  LYS A CG  1 
ATOM   562  C CD  . LYS A 1 76  ? -3.501  0.974   -14.391 1.00 35.83 ? 76  LYS A CD  1 
ATOM   563  C CE  . LYS A 1 76  ? -4.604  1.665   -15.204 1.00 41.95 ? 76  LYS A CE  1 
ATOM   564  N NZ  . LYS A 1 76  ? -4.719  1.159   -16.606 1.00 42.08 ? 76  LYS A NZ  1 
ATOM   565  N N   . GLN A 1 77  ? -7.647  0.973   -11.739 1.00 37.95 ? 77  GLN A N   1 
ATOM   566  C CA  . GLN A 1 77  ? -9.122  0.715   -11.701 1.00 34.05 ? 77  GLN A CA  1 
ATOM   567  C C   . GLN A 1 77  ? -9.194  -0.566  -12.511 1.00 36.25 ? 77  GLN A C   1 
ATOM   568  O O   . GLN A 1 77  ? -9.976  -1.440  -12.200 1.00 33.56 ? 77  GLN A O   1 
ATOM   569  C CB  . GLN A 1 77  ? -9.989  1.856   -12.318 1.00 37.40 ? 77  GLN A CB  1 
ATOM   570  C CG  . GLN A 1 77  ? -11.460 1.903   -11.832 1.00 31.28 ? 77  GLN A CG  1 
ATOM   571  C CD  . GLN A 1 77  ? -12.165 3.251   -12.157 1.00 36.59 ? 77  GLN A CD  1 
ATOM   572  O OE1 . GLN A 1 77  ? -11.642 4.098   -12.901 1.00 30.71 ? 77  GLN A OE1 1 
ATOM   573  N NE2 . GLN A 1 77  ? -13.373 3.434   -11.622 1.00 24.58 ? 77  GLN A NE2 1 
ATOM   574  N N   . THR A 1 78  ? -8.298  -0.695  -13.497 1.00 31.50 ? 78  THR A N   1 
ATOM   575  C CA  . THR A 1 78  ? -8.167  -1.916  -14.290 1.00 32.83 ? 78  THR A CA  1 
ATOM   576  C C   . THR A 1 78  ? -6.758  -2.399  -13.989 1.00 32.48 ? 78  THR A C   1 
ATOM   577  O O   . THR A 1 78  ? -5.799  -1.759  -14.410 1.00 29.16 ? 78  THR A O   1 
ATOM   578  C CB  . THR A 1 78  ? -8.230  -1.694  -15.862 1.00 39.64 ? 78  THR A CB  1 
ATOM   579  O OG1 . THR A 1 78  ? -9.567  -1.379  -16.288 1.00 42.44 ? 78  THR A OG1 1 
ATOM   580  C CG2 . THR A 1 78  ? -7.752  -2.981  -16.622 1.00 38.25 ? 78  THR A CG2 1 
ATOM   581  N N   . PRO A 1 79  ? -6.607  -3.518  -13.250 1.00 29.40 ? 79  PRO A N   1 
ATOM   582  C CA  . PRO A 1 79  ? -5.306  -4.096  -12.891 1.00 28.37 ? 79  PRO A CA  1 
ATOM   583  C C   . PRO A 1 79  ? -4.360  -4.460  -14.054 1.00 32.73 ? 79  PRO A C   1 
ATOM   584  O O   . PRO A 1 79  ? -4.795  -4.648  -15.191 1.00 37.95 ? 79  PRO A O   1 
ATOM   585  C CB  . PRO A 1 79  ? -5.693  -5.379  -12.164 1.00 28.52 ? 79  PRO A CB  1 
ATOM   586  C CG  . PRO A 1 79  ? -7.027  -5.090  -11.604 1.00 23.83 ? 79  PRO A CG  1 
ATOM   587  C CD  . PRO A 1 79  ? -7.716  -4.315  -12.663 1.00 24.37 ? 79  PRO A CD  1 
ATOM   588  N N   . ASN A 1 80  ? -3.085  -4.637  -13.709 1.00 30.86 ? 80  ASN A N   1 
ATOM   589  C CA  . ASN A 1 80  ? -1.967  -5.040  -14.604 1.00 30.03 ? 80  ASN A CA  1 
ATOM   590  C C   . ASN A 1 80  ? -0.912  -5.607  -13.616 1.00 32.75 ? 80  ASN A C   1 
ATOM   591  O O   . ASN A 1 80  ? -1.179  -5.574  -12.417 1.00 35.66 ? 80  ASN A O   1 
ATOM   592  C CB  . ASN A 1 80  ? -1.423  -3.845  -15.411 1.00 29.82 ? 80  ASN A CB  1 
ATOM   593  C CG  . ASN A 1 80  ? -1.047  -2.653  -14.543 1.00 31.79 ? 80  ASN A CG  1 
ATOM   594  O OD1 . ASN A 1 80  ? -0.696  -2.810  -13.386 1.00 29.14 ? 80  ASN A OD1 1 
ATOM   595  N ND2 . ASN A 1 80  ? -1.079  -1.465  -15.116 1.00 28.29 ? 80  ASN A ND2 1 
ATOM   596  N N   . GLU A 1 81  ? 0.245   -6.130  -14.031 1.00 30.24 ? 81  GLU A N   1 
ATOM   597  C CA  . GLU A 1 81  ? 1.138   -6.644  -12.982 1.00 32.03 ? 81  GLU A CA  1 
ATOM   598  C C   . GLU A 1 81  ? 1.756   -5.552  -12.110 1.00 33.82 ? 81  GLU A C   1 
ATOM   599  O O   . GLU A 1 81  ? 2.477   -5.863  -11.167 1.00 34.17 ? 81  GLU A O   1 
ATOM   600  C CB  . GLU A 1 81  ? 2.246   -7.609  -13.452 1.00 30.97 ? 81  GLU A CB  1 
ATOM   601  C CG  . GLU A 1 81  ? 2.825   -8.410  -12.227 1.00 35.22 ? 81  GLU A CG  1 
ATOM   602  C CD  . GLU A 1 81  ? 4.195   -9.071  -12.419 1.00 36.15 ? 81  GLU A CD  1 
ATOM   603  O OE1 . GLU A 1 81  ? 5.234   -8.399  -12.268 1.00 31.75 ? 81  GLU A OE1 1 
ATOM   604  O OE2 . GLU A 1 81  ? 4.244   -10.293 -12.640 1.00 34.46 ? 81  GLU A OE2 1 
ATOM   605  N N   . GLU A 1 82  ? 1.510   -4.277  -12.421 1.00 34.59 ? 82  GLU A N   1 
ATOM   606  C CA  . GLU A 1 82  ? 2.049   -3.196  -11.585 1.00 28.39 ? 82  GLU A CA  1 
ATOM   607  C C   . GLU A 1 82  ? 1.122   -2.968  -10.385 1.00 28.45 ? 82  GLU A C   1 
ATOM   608  O O   . GLU A 1 82  ? 1.463   -2.226  -9.479  1.00 27.50 ? 82  GLU A O   1 
ATOM   609  C CB  . GLU A 1 82  ? 2.239   -1.910  -12.396 1.00 27.31 ? 82  GLU A CB  1 
ATOM   610  C CG  . GLU A 1 82  ? 2.922   -2.172  -13.746 1.00 27.69 ? 82  GLU A CG  1 
ATOM   611  C CD  . GLU A 1 82  ? 3.457   -0.929  -14.453 1.00 22.68 ? 82  GLU A CD  1 
ATOM   612  O OE1 . GLU A 1 82  ? 4.617   -0.999  -14.912 1.00 23.02 ? 82  GLU A OE1 1 
ATOM   613  O OE2 . GLU A 1 82  ? 2.726   0.088   -14.595 1.00 21.52 ? 82  GLU A OE2 1 
ATOM   614  N N   . CYS A 1 83  ? -0.037  -3.635  -10.389 1.00 27.15 ? 83  CYS A N   1 
ATOM   615  C CA  . CYS A 1 83  ? -1.037  -3.569  -9.316  1.00 26.46 ? 83  CYS A CA  1 
ATOM   616  C C   . CYS A 1 83  ? -0.842  -4.671  -8.276  1.00 25.07 ? 83  CYS A C   1 
ATOM   617  O O   . CYS A 1 83  ? -1.567  -4.717  -7.281  1.00 26.34 ? 83  CYS A O   1 
ATOM   618  C CB  . CYS A 1 83  ? -2.448  -3.715  -9.879  1.00 17.92 ? 83  CYS A CB  1 
ATOM   619  S SG  . CYS A 1 83  ? -3.197  -2.189  -10.450 1.00 20.76 ? 83  CYS A SG  1 
ATOM   620  N N   . LEU A 1 84  ? 0.120   -5.558  -8.534  1.00 21.24 ? 84  LEU A N   1 
ATOM   621  C CA  . LEU A 1 84  ? 0.445   -6.680  -7.667  1.00 17.83 ? 84  LEU A CA  1 
ATOM   622  C C   . LEU A 1 84  ? 1.664   -6.462  -6.736  1.00 19.30 ? 84  LEU A C   1 
ATOM   623  O O   . LEU A 1 84  ? 2.755   -6.054  -7.172  1.00 19.82 ? 84  LEU A O   1 
ATOM   624  C CB  . LEU A 1 84  ? 0.642   -7.942  -8.510  1.00 15.52 ? 84  LEU A CB  1 
ATOM   625  C CG  . LEU A 1 84  ? -0.602  -8.476  -9.230  1.00 11.40 ? 84  LEU A CG  1 
ATOM   626  C CD1 . LEU A 1 84  ? -0.300  -9.859  -9.711  1.00 18.64 ? 84  LEU A CD1 1 
ATOM   627  C CD2 . LEU A 1 84  ? -1.767  -8.564  -8.290  1.00 7.10  ? 84  LEU A CD2 1 
ATOM   628  N N   . PHE A 1 85  ? 1.498   -6.856  -5.480  1.00 15.75 ? 85  PHE A N   1 
ATOM   629  C CA  . PHE A 1 85  ? 2.509   -6.675  -4.480  1.00 13.05 ? 85  PHE A CA  1 
ATOM   630  C C   . PHE A 1 85  ? 2.833   -7.895  -3.658  1.00 14.49 ? 85  PHE A C   1 
ATOM   631  O O   . PHE A 1 85  ? 1.959   -8.579  -3.143  1.00 13.75 ? 85  PHE A O   1 
ATOM   632  C CB  . PHE A 1 85  ? 2.079   -5.569  -3.510  1.00 15.27 ? 85  PHE A CB  1 
ATOM   633  C CG  . PHE A 1 85  ? 1.953   -4.227  -4.142  1.00 12.85 ? 85  PHE A CG  1 
ATOM   634  C CD1 . PHE A 1 85  ? 3.079   -3.405  -4.307  1.00 19.11 ? 85  PHE A CD1 1 
ATOM   635  C CD2 . PHE A 1 85  ? 0.726   -3.808  -4.626  1.00 19.28 ? 85  PHE A CD2 1 
ATOM   636  C CE1 . PHE A 1 85  ? 2.984   -2.180  -4.960  1.00 18.75 ? 85  PHE A CE1 1 
ATOM   637  C CE2 . PHE A 1 85  ? 0.603   -2.602  -5.280  1.00 19.51 ? 85  PHE A CE2 1 
ATOM   638  C CZ  . PHE A 1 85  ? 1.741   -1.779  -5.454  1.00 26.52 ? 85  PHE A CZ  1 
ATOM   639  N N   . LEU A 1 86  ? 4.119   -8.087  -3.451  1.00 17.09 ? 86  LEU A N   1 
ATOM   640  C CA  . LEU A 1 86  ? 4.655   -9.162  -2.639  1.00 19.82 ? 86  LEU A CA  1 
ATOM   641  C C   . LEU A 1 86  ? 4.430   -8.717  -1.174  1.00 21.92 ? 86  LEU A C   1 
ATOM   642  O O   . LEU A 1 86  ? 5.046   -7.758  -0.710  1.00 24.13 ? 86  LEU A O   1 
ATOM   643  C CB  . LEU A 1 86  ? 6.144   -9.271  -2.958  1.00 25.54 ? 86  LEU A CB  1 
ATOM   644  C CG  . LEU A 1 86  ? 6.928   -10.553 -2.791  1.00 25.44 ? 86  LEU A CG  1 
ATOM   645  C CD1 . LEU A 1 86  ? 8.209   -10.373 -3.548  1.00 34.14 ? 86  LEU A CD1 1 
ATOM   646  C CD2 . LEU A 1 86  ? 7.195   -10.843 -1.327  1.00 30.58 ? 86  LEU A CD2 1 
ATOM   647  N N   . GLU A 1 87  ? 3.479   -9.355  -0.499  1.00 21.31 ? 87  GLU A N   1 
ATOM   648  C CA  . GLU A 1 87  ? 3.127   -9.050  0.884   1.00 25.41 ? 87  GLU A CA  1 
ATOM   649  C C   . GLU A 1 87  ? 3.950   -9.893  1.843   1.00 26.43 ? 87  GLU A C   1 
ATOM   650  O O   . GLU A 1 87  ? 4.005   -11.112 1.692   1.00 32.15 ? 87  GLU A O   1 
ATOM   651  C CB  . GLU A 1 87  ? 1.649   -9.339  1.101   1.00 21.75 ? 87  GLU A CB  1 
ATOM   652  C CG  . GLU A 1 87  ? 1.201   -9.269  2.537   1.00 30.11 ? 87  GLU A CG  1 
ATOM   653  C CD  . GLU A 1 87  ? -0.276  -9.584  2.704   1.00 27.01 ? 87  GLU A CD  1 
ATOM   654  O OE1 . GLU A 1 87  ? -0.657  -10.773 2.643   1.00 21.41 ? 87  GLU A OE1 1 
ATOM   655  O OE2 . GLU A 1 87  ? -1.054  -8.633  2.896   1.00 33.83 ? 87  GLU A OE2 1 
ATOM   656  N N   . ARG A 1 88  ? 4.536   -9.265  2.863   1.00 24.04 ? 88  ARG A N   1 
ATOM   657  C CA  . ARG A 1 88  ? 5.378   -9.985  3.835   1.00 24.30 ? 88  ARG A CA  1 
ATOM   658  C C   . ARG A 1 88  ? 5.002   -9.718  5.290   1.00 19.43 ? 88  ARG A C   1 
ATOM   659  O O   . ARG A 1 88  ? 4.623   -8.608  5.653   1.00 18.37 ? 88  ARG A O   1 
ATOM   660  C CB  . ARG A 1 88  ? 6.856   -9.568  3.682   1.00 29.64 ? 88  ARG A CB  1 
ATOM   661  C CG  . ARG A 1 88  ? 7.502   -9.742  2.315   1.00 23.88 ? 88  ARG A CG  1 
ATOM   662  C CD  . ARG A 1 88  ? 8.796   -8.923  2.199   1.00 31.92 ? 88  ARG A CD  1 
ATOM   663  N NE  . ARG A 1 88  ? 9.473   -8.736  3.489   1.00 31.74 ? 88  ARG A NE  1 
ATOM   664  C CZ  . ARG A 1 88  ? 10.274  -9.629  4.055   1.00 29.00 ? 88  ARG A CZ  1 
ATOM   665  N NH1 . ARG A 1 88  ? 10.521  -10.781 3.449   1.00 28.87 ? 88  ARG A NH1 1 
ATOM   666  N NH2 . ARG A 1 88  ? 10.780  -9.388  5.257   1.00 31.94 ? 88  ARG A NH2 1 
ATOM   667  N N   . LEU A 1 89  ? 5.108   -10.734 6.126   1.00 19.26 ? 89  LEU A N   1 
ATOM   668  C CA  . LEU A 1 89  ? 4.844   -10.553 7.548   1.00 17.55 ? 89  LEU A CA  1 
ATOM   669  C C   . LEU A 1 89  ? 6.221   -10.483 8.185   1.00 23.11 ? 89  LEU A C   1 
ATOM   670  O O   . LEU A 1 89  ? 7.124   -11.251 7.807   1.00 26.01 ? 89  LEU A O   1 
ATOM   671  C CB  . LEU A 1 89  ? 4.078   -11.724 8.160   1.00 17.59 ? 89  LEU A CB  1 
ATOM   672  C CG  . LEU A 1 89  ? 3.805   -11.539 9.659   1.00 12.92 ? 89  LEU A CG  1 
ATOM   673  C CD1 . LEU A 1 89  ? 2.790   -10.460 9.813   1.00 16.34 ? 89  LEU A CD1 1 
ATOM   674  C CD2 . LEU A 1 89  ? 3.297   -12.804 10.306  1.00 12.50 ? 89  LEU A CD2 1 
ATOM   675  N N   . GLU A 1 90  ? 6.399   -9.543  9.108   1.00 24.32 ? 90  GLU A N   1 
ATOM   676  C CA  . GLU A 1 90  ? 7.672   -9.375  9.788   1.00 24.44 ? 90  GLU A CA  1 
ATOM   677  C C   . GLU A 1 90  ? 7.708   -10.134 11.123  1.00 26.56 ? 90  GLU A C   1 
ATOM   678  O O   . GLU A 1 90  ? 6.683   -10.658 11.592  1.00 22.02 ? 90  GLU A O   1 
ATOM   679  C CB  . GLU A 1 90  ? 7.900   -7.895  10.046  1.00 24.19 ? 90  GLU A CB  1 
ATOM   680  C CG  . GLU A 1 90  ? 7.947   -7.055  8.825   1.00 24.17 ? 90  GLU A CG  1 
ATOM   681  C CD  . GLU A 1 90  ? 9.167   -7.339  7.971   1.00 33.99 ? 90  GLU A CD  1 
ATOM   682  O OE1 . GLU A 1 90  ? 10.262  -7.608  8.538   1.00 33.55 ? 90  GLU A OE1 1 
ATOM   683  O OE2 . GLU A 1 90  ? 9.028   -7.280  6.722   1.00 38.02 ? 90  GLU A OE2 1 
ATOM   684  N N   . GLU A 1 91  ? 8.885   -10.191 11.744  1.00 25.72 ? 91  GLU A N   1 
ATOM   685  C CA  . GLU A 1 91  ? 9.007   -10.846 13.047  1.00 32.21 ? 91  GLU A CA  1 
ATOM   686  C C   . GLU A 1 91  ? 8.290   -9.926  14.035  1.00 30.03 ? 91  GLU A C   1 
ATOM   687  O O   . GLU A 1 91  ? 7.745   -10.364 15.051  1.00 27.87 ? 91  GLU A O   1 
ATOM   688  C CB  . GLU A 1 91  ? 10.466  -11.096 13.430  1.00 39.05 ? 91  GLU A CB  1 
ATOM   689  C CG  . GLU A 1 91  ? 11.113  -12.219 12.626  1.00 39.09 ? 91  GLU A CG  1 
ATOM   690  C CD  . GLU A 1 91  ? 12.209  -12.941 13.396  1.00 44.74 ? 91  GLU A CD  1 
ATOM   691  O OE1 . GLU A 1 91  ? 11.901  -13.991 13.998  1.00 49.85 ? 91  GLU A OE1 1 
ATOM   692  O OE2 . GLU A 1 91  ? 13.374  -12.474 13.402  1.00 42.73 ? 91  GLU A OE2 1 
ATOM   693  N N   . ASN A 1 92  ? 8.390   -8.633  13.779  1.00 29.21 ? 92  ASN A N   1 
ATOM   694  C CA  . ASN A 1 92  ? 7.625   -7.664  14.538  1.00 29.86 ? 92  ASN A CA  1 
ATOM   695  C C   . ASN A 1 92  ? 6.325   -7.911  13.747  1.00 32.95 ? 92  ASN A C   1 
ATOM   696  O O   . ASN A 1 92  ? 6.404   -8.376  12.618  1.00 35.99 ? 92  ASN A O   1 
ATOM   697  C CB  . ASN A 1 92  ? 8.153   -6.268  14.268  1.00 35.11 ? 92  ASN A CB  1 
ATOM   698  C CG  . ASN A 1 92  ? 7.186   -5.203  14.695  1.00 34.96 ? 92  ASN A CG  1 
ATOM   699  O OD1 . ASN A 1 92  ? 6.157   -5.489  15.320  1.00 37.11 ? 92  ASN A OD1 1 
ATOM   700  N ND2 . ASN A 1 92  ? 7.478   -3.963  14.325  1.00 42.46 ? 92  ASN A ND2 1 
ATOM   701  N N   . HIS A 1 93  ? 5.136   -7.601  14.226  1.00 31.69 ? 93  HIS A N   1 
ATOM   702  C CA  . HIS A 1 93  ? 4.051   -7.991  13.348  1.00 35.63 ? 93  HIS A CA  1 
ATOM   703  C C   . HIS A 1 93  ? 3.417   -7.050  12.333  1.00 31.81 ? 93  HIS A C   1 
ATOM   704  O O   . HIS A 1 93  ? 2.278   -7.215  11.884  1.00 31.68 ? 93  HIS A O   1 
ATOM   705  C CB  . HIS A 1 93  ? 3.119   -8.949  14.069  1.00 37.31 ? 93  HIS A CB  1 
ATOM   706  C CG  . HIS A 1 93  ? 3.861   -10.131 14.623  1.00 40.76 ? 93  HIS A CG  1 
ATOM   707  N ND1 . HIS A 1 93  ? 4.027   -11.306 13.910  1.00 39.02 ? 93  HIS A ND1 1 
ATOM   708  C CD2 . HIS A 1 93  ? 4.622   -10.252 15.728  1.00 38.54 ? 93  HIS A CD2 1 
ATOM   709  C CE1 . HIS A 1 93  ? 4.880   -12.085 14.551  1.00 36.00 ? 93  HIS A CE1 1 
ATOM   710  N NE2 . HIS A 1 93  ? 5.251   -11.463 15.662  1.00 41.33 ? 93  HIS A NE2 1 
ATOM   711  N N   . TYR A 1 94  ? 4.262   -6.145  11.861  1.00 31.12 ? 94  TYR A N   1 
ATOM   712  C CA  . TYR A 1 94  ? 3.892   -5.193  10.840  1.00 24.33 ? 94  TYR A CA  1 
ATOM   713  C C   . TYR A 1 94  ? 4.082   -5.917  9.531   1.00 26.25 ? 94  TYR A C   1 
ATOM   714  O O   . TYR A 1 94  ? 4.717   -6.968  9.478   1.00 22.21 ? 94  TYR A O   1 
ATOM   715  C CB  . TYR A 1 94  ? 4.848   -4.020  10.842  1.00 24.50 ? 94  TYR A CB  1 
ATOM   716  C CG  . TYR A 1 94  ? 4.543   -2.917  11.806  1.00 27.46 ? 94  TYR A CG  1 
ATOM   717  C CD1 . TYR A 1 94  ? 4.770   -3.062  13.172  1.00 34.14 ? 94  TYR A CD1 1 
ATOM   718  C CD2 . TYR A 1 94  ? 4.189   -1.666  11.332  1.00 30.04 ? 94  TYR A CD2 1 
ATOM   719  C CE1 . TYR A 1 94  ? 4.713   -1.959  14.030  1.00 38.66 ? 94  TYR A CE1 1 
ATOM   720  C CE2 . TYR A 1 94  ? 4.118   -0.571  12.159  1.00 34.91 ? 94  TYR A CE2 1 
ATOM   721  C CZ  . TYR A 1 94  ? 4.383   -0.713  13.501  1.00 35.45 ? 94  TYR A CZ  1 
ATOM   722  O OH  . TYR A 1 94  ? 4.433   0.427   14.256  1.00 38.23 ? 94  TYR A OH  1 
ATOM   723  N N   . ASN A 1 95  ? 3.614   -5.296  8.460   1.00 26.13 ? 95  ASN A N   1 
ATOM   724  C CA  . ASN A 1 95  ? 3.734   -5.863  7.134   1.00 25.60 ? 95  ASN A CA  1 
ATOM   725  C C   . ASN A 1 95  ? 4.550   -4.974  6.231   1.00 25.54 ? 95  ASN A C   1 
ATOM   726  O O   . ASN A 1 95  ? 4.658   -3.764  6.455   1.00 23.09 ? 95  ASN A O   1 
ATOM   727  C CB  . ASN A 1 95  ? 2.354   -6.069  6.502   1.00 29.36 ? 95  ASN A CB  1 
ATOM   728  C CG  . ASN A 1 95  ? 1.679   -7.316  6.994   1.00 29.92 ? 95  ASN A CG  1 
ATOM   729  O OD1 . ASN A 1 95  ? 1.301   -7.396  8.156   1.00 32.65 ? 95  ASN A OD1 1 
ATOM   730  N ND2 . ASN A 1 95  ? 1.560   -8.318  6.125   1.00 32.09 ? 95  ASN A ND2 1 
ATOM   731  N N   . THR A 1 96  ? 5.092   -5.600  5.196   1.00 20.75 ? 96  THR A N   1 
ATOM   732  C CA  . THR A 1 96  ? 5.878   -4.941  4.179   1.00 23.35 ? 96  THR A CA  1 
ATOM   733  C C   . THR A 1 96  ? 5.298   -5.356  2.807   1.00 26.44 ? 96  THR A C   1 
ATOM   734  O O   . THR A 1 96  ? 4.667   -6.423  2.671   1.00 23.61 ? 96  THR A O   1 
ATOM   735  C CB  . THR A 1 96  ? 7.358   -5.312  4.359   1.00 24.00 ? 96  THR A CB  1 
ATOM   736  O OG1 . THR A 1 96  ? 8.054   -4.198  4.924   1.00 24.95 ? 96  THR A OG1 1 
ATOM   737  C CG2 . THR A 1 96  ? 7.987   -5.687  3.087   1.00 17.11 ? 96  THR A CG2 1 
ATOM   738  N N   . TYR A 1 97  ? 5.451   -4.483  1.812   1.00 27.68 ? 97  TYR A N   1 
ATOM   739  C CA  . TYR A 1 97  ? 4.940   -4.722  0.458   1.00 23.53 ? 97  TYR A CA  1 
ATOM   740  C C   . TYR A 1 97  ? 5.973   -4.377  -0.582  1.00 21.08 ? 97  TYR A C   1 
ATOM   741  O O   . TYR A 1 97  ? 6.345   -3.224  -0.712  1.00 19.50 ? 97  TYR A O   1 
ATOM   742  C CB  . TYR A 1 97  ? 3.689   -3.867  0.190   1.00 19.45 ? 97  TYR A CB  1 
ATOM   743  C CG  . TYR A 1 97  ? 2.612   -4.077  1.216   1.00 18.79 ? 97  TYR A CG  1 
ATOM   744  C CD1 . TYR A 1 97  ? 2.361   -3.129  2.185   1.00 16.34 ? 97  TYR A CD1 1 
ATOM   745  C CD2 . TYR A 1 97  ? 1.902   -5.262  1.257   1.00 23.97 ? 97  TYR A CD2 1 
ATOM   746  C CE1 . TYR A 1 97  ? 1.439   -3.356  3.168   1.00 20.94 ? 97  TYR A CE1 1 
ATOM   747  C CE2 . TYR A 1 97  ? 0.976   -5.503  2.241   1.00 23.49 ? 97  TYR A CE2 1 
ATOM   748  C CZ  . TYR A 1 97  ? 0.745   -4.549  3.193   1.00 18.66 ? 97  TYR A CZ  1 
ATOM   749  O OH  . TYR A 1 97  ? -0.201  -4.799  4.158   1.00 28.40 ? 97  TYR A OH  1 
ATOM   750  N N   . ILE A 1 98  ? 6.416   -5.370  -1.336  1.00 18.28 ? 98  ILE A N   1 
ATOM   751  C CA  . ILE A 1 98  ? 7.383   -5.136  -2.398  1.00 20.10 ? 98  ILE A CA  1 
ATOM   752  C C   . ILE A 1 98  ? 6.650   -5.248  -3.753  1.00 24.05 ? 98  ILE A C   1 
ATOM   753  O O   . ILE A 1 98  ? 5.809   -6.131  -3.934  1.00 19.40 ? 98  ILE A O   1 
ATOM   754  C CB  . ILE A 1 98  ? 8.514   -6.192  -2.341  1.00 17.12 ? 98  ILE A CB  1 
ATOM   755  C CG1 . ILE A 1 98  ? 9.309   -6.091  -1.041  1.00 18.83 ? 98  ILE A CG1 1 
ATOM   756  C CG2 . ILE A 1 98  ? 9.450   -6.021  -3.475  1.00 16.53 ? 98  ILE A CG2 1 
ATOM   757  C CD1 . ILE A 1 98  ? 10.510  -7.063  -0.994  1.00 21.94 ? 98  ILE A CD1 1 
ATOM   758  N N   . SER A 1 99  ? 6.926   -4.345  -4.692  1.00 25.36 ? 99  SER A N   1 
ATOM   759  C CA  . SER A 1 99  ? 6.304   -4.414  -6.022  1.00 27.89 ? 99  SER A CA  1 
ATOM   760  C C   . SER A 1 99  ? 6.683   -5.749  -6.650  1.00 30.37 ? 99  SER A C   1 
ATOM   761  O O   . SER A 1 99  ? 7.861   -6.104  -6.662  1.00 33.38 ? 99  SER A O   1 
ATOM   762  C CB  . SER A 1 99  ? 6.831   -3.315  -6.941  1.00 32.54 ? 99  SER A CB  1 
ATOM   763  O OG  . SER A 1 99  ? 6.485   -3.597  -8.289  1.00 26.19 ? 99  SER A OG  1 
ATOM   764  N N   . LYS A 1 100 ? 5.705   -6.458  -7.213  1.00 32.11 ? 100 LYS A N   1 
ATOM   765  C CA  . LYS A 1 100 ? 5.971   -7.751  -7.836  1.00 30.57 ? 100 LYS A CA  1 
ATOM   766  C C   . LYS A 1 100 ? 6.838   -7.576  -9.094  1.00 32.99 ? 100 LYS A C   1 
ATOM   767  O O   . LYS A 1 100 ? 7.809   -8.304  -9.260  1.00 29.16 ? 100 LYS A O   1 
ATOM   768  C CB  . LYS A 1 100 ? 4.662   -8.460  -8.171  1.00 30.33 ? 100 LYS A CB  1 
ATOM   769  C CG  . LYS A 1 100 ? 4.535   -9.860  -7.606  1.00 29.90 ? 100 LYS A CG  1 
ATOM   770  C CD  . LYS A 1 100 ? 4.633   -10.947 -8.673  1.00 38.91 ? 100 LYS A CD  1 
ATOM   771  C CE  . LYS A 1 100 ? 6.084   -11.248 -9.037  1.00 47.00 ? 100 LYS A CE  1 
ATOM   772  N NZ  . LYS A 1 100 ? 6.863   -11.797 -7.878  1.00 45.21 ? 100 LYS A NZ  1 
ATOM   773  N N   . LYS A 1 101 ? 6.509   -6.590  -9.941  1.00 29.89 ? 101 LYS A N   1 
ATOM   774  C CA  . LYS A 1 101 ? 7.263   -6.312  -11.176 1.00 31.68 ? 101 LYS A CA  1 
ATOM   775  C C   . LYS A 1 101 ? 8.702   -5.947  -10.879 1.00 31.78 ? 101 LYS A C   1 
ATOM   776  O O   . LYS A 1 101 ? 9.609   -6.231  -11.648 1.00 30.61 ? 101 LYS A O   1 
ATOM   777  C CB  . LYS A 1 101 ? 6.686   -5.117  -11.945 1.00 30.00 ? 101 LYS A CB  1 
ATOM   778  C CG  . LYS A 1 101 ? 5.486   -5.370  -12.804 1.00 31.52 ? 101 LYS A CG  1 
ATOM   779  C CD  . LYS A 1 101 ? 5.532   -4.476  -14.037 1.00 27.95 ? 101 LYS A CD  1 
ATOM   780  C CE  . LYS A 1 101 ? 6.514   -5.030  -15.025 1.00 33.10 ? 101 LYS A CE  1 
ATOM   781  N NZ  . LYS A 1 101 ? 6.304   -6.517  -15.177 1.00 38.22 ? 101 LYS A NZ  1 
ATOM   782  N N   . HIS A 1 102 ? 8.900   -5.208  -9.808  1.00 35.28 ? 102 HIS A N   1 
ATOM   783  C CA  . HIS A 1 102 ? 10.241  -4.781  -9.491  1.00 35.86 ? 102 HIS A CA  1 
ATOM   784  C C   . HIS A 1 102 ? 10.723  -5.319  -8.133  1.00 35.81 ? 102 HIS A C   1 
ATOM   785  O O   . HIS A 1 102 ? 11.273  -4.608  -7.290  1.00 38.09 ? 102 HIS A O   1 
ATOM   786  C CB  . HIS A 1 102 ? 10.311  -3.246  -9.655  1.00 38.48 ? 102 HIS A CB  1 
ATOM   787  C CG  . HIS A 1 102 ? 9.613   -2.741  -10.902 1.00 33.70 ? 102 HIS A CG  1 
ATOM   788  N ND1 . HIS A 1 102 ? 8.673   -1.735  -10.870 1.00 36.18 ? 102 HIS A ND1 1 
ATOM   789  C CD2 . HIS A 1 102 ? 9.683   -3.139  -12.190 1.00 34.16 ? 102 HIS A CD2 1 
ATOM   790  C CE1 . HIS A 1 102 ? 8.189   -1.533  -12.088 1.00 33.76 ? 102 HIS A CE1 1 
ATOM   791  N NE2 . HIS A 1 102 ? 8.790   -2.379  -12.908 1.00 32.90 ? 102 HIS A NE2 1 
ATOM   792  N N   . ALA A 1 103 ? 10.453  -6.596  -7.912  1.00 36.52 ? 103 ALA A N   1 
ATOM   793  C CA  . ALA A 1 103 ? 10.882  -7.274  -6.705  1.00 35.02 ? 103 ALA A CA  1 
ATOM   794  C C   . ALA A 1 103 ? 12.310  -7.670  -7.016  1.00 37.29 ? 103 ALA A C   1 
ATOM   795  O O   . ALA A 1 103 ? 12.704  -7.679  -8.175  1.00 37.44 ? 103 ALA A O   1 
ATOM   796  C CB  . ALA A 1 103 ? 10.040  -8.505  -6.473  1.00 34.24 ? 103 ALA A CB  1 
ATOM   797  N N   . GLU A 1 104 ? 13.097  -7.977  -5.995  1.00 36.42 ? 104 GLU A N   1 
ATOM   798  C CA  . GLU A 1 104 ? 14.506  -8.347  -6.181  1.00 36.41 ? 104 GLU A CA  1 
ATOM   799  C C   . GLU A 1 104 ? 15.428  -7.182  -6.618  1.00 36.76 ? 104 GLU A C   1 
ATOM   800  O O   . GLU A 1 104 ? 16.638  -7.339  -6.835  1.00 29.40 ? 104 GLU A O   1 
ATOM   801  C CB  . GLU A 1 104 ? 14.617  -9.606  -7.035  1.00 41.41 ? 104 GLU A CB  1 
ATOM   802  C CG  . GLU A 1 104 ? 14.167  -10.844 -6.239  1.00 43.45 ? 104 GLU A CG  1 
ATOM   803  C CD  . GLU A 1 104 ? 13.262  -11.756 -7.028  1.00 49.02 ? 104 GLU A CD  1 
ATOM   804  O OE1 . GLU A 1 104 ? 13.794  -12.478 -7.897  1.00 54.82 ? 104 GLU A OE1 1 
ATOM   805  O OE2 . GLU A 1 104 ? 12.031  -11.761 -6.775  1.00 43.74 ? 104 GLU A OE2 1 
ATOM   806  N N   . LYS A 1 105 ? 14.789  -6.019  -6.747  1.00 34.48 ? 105 LYS A N   1 
ATOM   807  C CA  . LYS A 1 105 ? 15.399  -4.716  -7.012  1.00 35.90 ? 105 LYS A CA  1 
ATOM   808  C C   . LYS A 1 105 ? 14.830  -3.943  -5.794  1.00 33.61 ? 105 LYS A C   1 
ATOM   809  O O   . LYS A 1 105 ? 15.044  -2.743  -5.632  1.00 35.57 ? 105 LYS A O   1 
ATOM   810  C CB  . LYS A 1 105 ? 14.919  -4.041  -8.324  1.00 35.72 ? 105 LYS A CB  1 
ATOM   811  C CG  . LYS A 1 105 ? 13.885  -4.783  -9.224  1.00 42.66 ? 105 LYS A CG  1 
ATOM   812  C CD  . LYS A 1 105 ? 14.476  -5.966  -10.010 1.00 41.30 ? 105 LYS A CD  1 
ATOM   813  C CE  . LYS A 1 105 ? 13.403  -6.754  -10.754 1.00 42.48 ? 105 LYS A CE  1 
ATOM   814  N NZ  . LYS A 1 105 ? 13.926  -8.080  -11.223 1.00 42.05 ? 105 LYS A NZ  1 
ATOM   815  N N   . ASN A 1 106 ? 14.039  -4.663  -4.987  1.00 33.63 ? 106 ASN A N   1 
ATOM   816  C CA  . ASN A 1 106 ? 13.388  -4.207  -3.758  1.00 30.13 ? 106 ASN A CA  1 
ATOM   817  C C   . ASN A 1 106 ? 12.702  -2.841  -3.624  1.00 29.21 ? 106 ASN A C   1 
ATOM   818  O O   . ASN A 1 106 ? 13.051  -2.039  -2.746  1.00 29.02 ? 106 ASN A O   1 
ATOM   819  C CB  . ASN A 1 106 ? 14.318  -4.458  -2.554  1.00 31.61 ? 106 ASN A CB  1 
ATOM   820  C CG  . ASN A 1 106 ? 14.678  -5.919  -2.406  1.00 30.91 ? 106 ASN A CG  1 
ATOM   821  O OD1 . ASN A 1 106 ? 14.151  -6.767  -3.136  1.00 32.09 ? 106 ASN A OD1 1 
ATOM   822  N ND2 . ASN A 1 106 ? 15.606  -6.224  -1.500  1.00 23.15 ? 106 ASN A ND2 1 
ATOM   823  N N   . TRP A 1 107 ? 11.703  -2.572  -4.446  1.00 24.59 ? 107 TRP A N   1 
ATOM   824  C CA  . TRP A 1 107 ? 11.004  -1.309  -4.276  1.00 27.05 ? 107 TRP A CA  1 
ATOM   825  C C   . TRP A 1 107 ? 9.774   -1.499  -3.356  1.00 25.23 ? 107 TRP A C   1 
ATOM   826  O O   . TRP A 1 107 ? 8.781   -2.124  -3.754  1.00 28.22 ? 107 TRP A O   1 
ATOM   827  C CB  . TRP A 1 107 ? 10.560  -0.740  -5.609  1.00 27.35 ? 107 TRP A CB  1 
ATOM   828  C CG  . TRP A 1 107 ? 11.653  -0.380  -6.553  1.00 37.03 ? 107 TRP A CG  1 
ATOM   829  C CD1 . TRP A 1 107 ? 12.994  -0.546  -6.374  1.00 32.52 ? 107 TRP A CD1 1 
ATOM   830  C CD2 . TRP A 1 107 ? 11.487  0.182   -7.861  1.00 36.10 ? 107 TRP A CD2 1 
ATOM   831  N NE1 . TRP A 1 107 ? 13.675  -0.131  -7.499  1.00 29.98 ? 107 TRP A NE1 1 
ATOM   832  C CE2 . TRP A 1 107 ? 12.774  0.314   -8.425  1.00 34.08 ? 107 TRP A CE2 1 
ATOM   833  C CE3 . TRP A 1 107 ? 10.373  0.577   -8.617  1.00 33.49 ? 107 TRP A CE3 1 
ATOM   834  C CZ2 . TRP A 1 107 ? 12.975  0.821   -9.693  1.00 30.76 ? 107 TRP A CZ2 1 
ATOM   835  C CZ3 . TRP A 1 107 ? 10.572  1.075   -9.874  1.00 33.05 ? 107 TRP A CZ3 1 
ATOM   836  C CH2 . TRP A 1 107 ? 11.866  1.193   -10.406 1.00 36.51 ? 107 TRP A CH2 1 
ATOM   837  N N   . PHE A 1 108 ? 9.871   -1.007  -2.120  1.00 21.60 ? 108 PHE A N   1 
ATOM   838  C CA  . PHE A 1 108 ? 8.791   -1.082  -1.139  1.00 17.80 ? 108 PHE A CA  1 
ATOM   839  C C   . PHE A 1 108 ? 7.788   0.040   -1.309  1.00 20.05 ? 108 PHE A C   1 
ATOM   840  O O   . PHE A 1 108 ? 8.116   1.097   -1.819  1.00 17.82 ? 108 PHE A O   1 
ATOM   841  C CB  . PHE A 1 108 ? 9.315   -0.920  0.303   1.00 16.62 ? 108 PHE A CB  1 
ATOM   842  C CG  . PHE A 1 108 ? 10.144  -2.053  0.788   1.00 15.01 ? 108 PHE A CG  1 
ATOM   843  C CD1 . PHE A 1 108 ? 11.508  -2.057  0.584   1.00 13.13 ? 108 PHE A CD1 1 
ATOM   844  C CD2 . PHE A 1 108 ? 9.560   -3.120  1.419   1.00 6.53  ? 108 PHE A CD2 1 
ATOM   845  C CE1 . PHE A 1 108 ? 12.287  -3.118  0.999   1.00 14.95 ? 108 PHE A CE1 1 
ATOM   846  C CE2 . PHE A 1 108 ? 10.319  -4.166  1.830   1.00 10.39 ? 108 PHE A CE2 1 
ATOM   847  C CZ  . PHE A 1 108 ? 11.695  -4.171  1.617   1.00 14.87 ? 108 PHE A CZ  1 
ATOM   848  N N   . VAL A 1 109 ? 6.576   -0.203  -0.822  1.00 19.59 ? 109 VAL A N   1 
ATOM   849  C CA  . VAL A 1 109 ? 5.510   0.779   -0.807  1.00 21.26 ? 109 VAL A CA  1 
ATOM   850  C C   . VAL A 1 109 ? 5.804   1.527   0.467   1.00 25.65 ? 109 VAL A C   1 
ATOM   851  O O   . VAL A 1 109 ? 6.060   0.897   1.492   1.00 24.20 ? 109 VAL A O   1 
ATOM   852  C CB  . VAL A 1 109 ? 4.135   0.130   -0.616  1.00 19.48 ? 109 VAL A CB  1 
ATOM   853  C CG1 . VAL A 1 109 ? 3.098   1.178   -0.171  1.00 17.64 ? 109 VAL A CG1 1 
ATOM   854  C CG2 . VAL A 1 109 ? 3.704   -0.552  -1.925  1.00 30.41 ? 109 VAL A CG2 1 
ATOM   855  N N   . GLY A 1 110 ? 5.735   2.852   0.412   1.00 26.73 ? 110 GLY A N   1 
ATOM   856  C CA  . GLY A 1 110 ? 6.010   3.654   1.586   1.00 26.45 ? 110 GLY A CA  1 
ATOM   857  C C   . GLY A 1 110 ? 5.369   5.008   1.530   1.00 21.73 ? 110 GLY A C   1 
ATOM   858  O O   . GLY A 1 110 ? 4.948   5.478   0.469   1.00 27.18 ? 110 GLY A O   1 
ATOM   859  N N   . LEU A 1 111 ? 5.235   5.590   2.705   1.00 21.84 ? 111 LEU A N   1 
ATOM   860  C CA  . LEU A 1 111 ? 4.666   6.908   2.900   1.00 27.38 ? 111 LEU A CA  1 
ATOM   861  C C   . LEU A 1 111 ? 5.696   7.681   3.756   1.00 31.11 ? 111 LEU A C   1 
ATOM   862  O O   . LEU A 1 111 ? 6.091   7.249   4.852   1.00 36.10 ? 111 LEU A O   1 
ATOM   863  C CB  . LEU A 1 111 ? 3.315   6.810   3.648   1.00 23.25 ? 111 LEU A CB  1 
ATOM   864  C CG  . LEU A 1 111 ? 2.005   6.456   2.931   1.00 18.03 ? 111 LEU A CG  1 
ATOM   865  C CD1 . LEU A 1 111 ? 0.999   5.902   3.886   1.00 21.97 ? 111 LEU A CD1 1 
ATOM   866  C CD2 . LEU A 1 111 ? 1.427   7.655   2.242   1.00 21.43 ? 111 LEU A CD2 1 
ATOM   867  N N   . LYS A 1 112 ? 6.165   8.806   3.247   1.00 35.72 ? 112 LYS A N   1 
ATOM   868  C CA  . LYS A 1 112 ? 7.128   9.622   3.968   1.00 34.20 ? 112 LYS A CA  1 
ATOM   869  C C   . LYS A 1 112 ? 6.538   10.205  5.250   1.00 36.94 ? 112 LYS A C   1 
ATOM   870  O O   . LYS A 1 112 ? 5.322   10.145  5.466   1.00 33.87 ? 112 LYS A O   1 
ATOM   871  C CB  . LYS A 1 112 ? 7.592   10.759  3.074   1.00 29.31 ? 112 LYS A CB  1 
ATOM   872  C CG  . LYS A 1 112 ? 8.331   10.314  1.858   1.00 35.32 ? 112 LYS A CG  1 
ATOM   873  C CD  . LYS A 1 112 ? 8.708   11.513  1.064   1.00 37.46 ? 112 LYS A CD  1 
ATOM   874  C CE  . LYS A 1 112 ? 9.167   11.123  -0.299  1.00 29.26 ? 112 LYS A CE  1 
ATOM   875  N NZ  . LYS A 1 112 ? 9.189   12.381  -1.084  1.00 39.31 ? 112 LYS A NZ  1 
ATOM   876  N N   . LYS A 1 113 ? 7.400   10.790  6.086   1.00 34.54 ? 113 LYS A N   1 
ATOM   877  C CA  . LYS A 1 113 ? 6.978   11.421  7.343   1.00 32.00 ? 113 LYS A CA  1 
ATOM   878  C C   . LYS A 1 113 ? 5.988   12.518  6.981   1.00 32.67 ? 113 LYS A C   1 
ATOM   879  O O   . LYS A 1 113 ? 5.057   12.785  7.718   1.00 31.32 ? 113 LYS A O   1 
ATOM   880  C CB  . LYS A 1 113 ? 8.163   12.075  8.076   1.00 34.43 ? 113 LYS A CB  1 
ATOM   881  C CG  . LYS A 1 113 ? 9.232   11.142  8.668   1.00 41.01 ? 113 LYS A CG  1 
ATOM   882  C CD  . LYS A 1 113 ? 10.274  11.993  9.440   1.00 43.62 ? 113 LYS A CD  1 
ATOM   883  C CE  . LYS A 1 113 ? 11.555  11.239  9.794   1.00 45.12 ? 113 LYS A CE  1 
ATOM   884  N NZ  . LYS A 1 113 ? 12.578  12.117  10.452  1.00 38.63 ? 113 LYS A NZ  1 
ATOM   885  N N   . ASN A 1 114 ? 6.216   13.182  5.853   1.00 27.07 ? 114 ASN A N   1 
ATOM   886  C CA  . ASN A 1 114 ? 5.328   14.250  5.408   1.00 28.27 ? 114 ASN A CA  1 
ATOM   887  C C   . ASN A 1 114 ? 4.037   13.750  4.761   1.00 26.53 ? 114 ASN A C   1 
ATOM   888  O O   . ASN A 1 114 ? 3.180   14.548  4.385   1.00 22.67 ? 114 ASN A O   1 
ATOM   889  C CB  . ASN A 1 114 ? 6.058   15.232  4.476   1.00 25.24 ? 114 ASN A CB  1 
ATOM   890  C CG  . ASN A 1 114 ? 6.654   14.557  3.248   1.00 33.20 ? 114 ASN A CG  1 
ATOM   891  O OD1 . ASN A 1 114 ? 6.666   13.334  3.150   1.00 33.88 ? 114 ASN A OD1 1 
ATOM   892  N ND2 . ASN A 1 114 ? 7.201   15.351  2.330   1.00 29.64 ? 114 ASN A ND2 1 
ATOM   893  N N   . GLY A 1 115 ? 3.869   12.434  4.696   1.00 31.13 ? 115 GLY A N   1 
ATOM   894  C CA  . GLY A 1 115 ? 2.674   11.861  4.095   1.00 31.54 ? 115 GLY A CA  1 
ATOM   895  C C   . GLY A 1 115 ? 2.768   11.483  2.621   1.00 29.37 ? 115 GLY A C   1 
ATOM   896  O O   . GLY A 1 115 ? 1.899   10.771  2.105   1.00 33.10 ? 115 GLY A O   1 
ATOM   897  N N   . SER A 1 116 ? 3.805   11.983  1.951   1.00 34.12 ? 116 SER A N   1 
ATOM   898  C CA  . SER A 1 116 ? 4.067   11.714  0.536   1.00 35.51 ? 116 SER A CA  1 
ATOM   899  C C   . SER A 1 116 ? 4.357   10.254  0.283   1.00 36.90 ? 116 SER A C   1 
ATOM   900  O O   . SER A 1 116 ? 4.839   9.556   1.163   1.00 33.07 ? 116 SER A O   1 
ATOM   901  C CB  . SER A 1 116 ? 5.307   12.470  0.071   1.00 34.66 ? 116 SER A CB  1 
ATOM   902  O OG  . SER A 1 116 ? 5.090   13.854  0.129   1.00 47.22 ? 116 SER A OG  1 
ATOM   903  N N   . CYS A 1 117 ? 4.136   9.818   -0.948  1.00 35.20 ? 117 CYS A N   1 
ATOM   904  C CA  . CYS A 1 117 ? 4.422   8.431   -1.316  1.00 39.81 ? 117 CYS A CA  1 
ATOM   905  C C   . CYS A 1 117 ? 5.918   8.344   -1.604  1.00 36.87 ? 117 CYS A C   1 
ATOM   906  O O   . CYS A 1 117 ? 6.511   9.251   -2.179  1.00 40.91 ? 117 CYS A O   1 
ATOM   907  C CB  . CYS A 1 117 ? 3.587   7.997   -2.533  1.00 36.17 ? 117 CYS A CB  1 
ATOM   908  S SG  . CYS A 1 117 ? 1.859   8.555   -2.442  1.00 43.61 ? 117 CYS A SG  1 
ATOM   909  N N   . LYS A 1 118 ? 6.556   7.314   -1.085  1.00 34.86 ? 118 LYS A N   1 
ATOM   910  C CA  . LYS A 1 118 ? 7.978   7.163   -1.296  1.00 33.96 ? 118 LYS A CA  1 
ATOM   911  C C   . LYS A 1 118 ? 8.160   6.620   -2.671  1.00 33.06 ? 118 LYS A C   1 
ATOM   912  O O   . LYS A 1 118 ? 7.289   5.893   -3.161  1.00 39.95 ? 118 LYS A O   1 
ATOM   913  C CB  . LYS A 1 118 ? 8.575   6.149   -0.317  1.00 32.12 ? 118 LYS A CB  1 
ATOM   914  C CG  . LYS A 1 118 ? 8.645   6.602   1.124   1.00 31.52 ? 118 LYS A CG  1 
ATOM   915  C CD  . LYS A 1 118 ? 9.928   6.108   1.768   1.00 31.95 ? 118 LYS A CD  1 
ATOM   916  C CE  . LYS A 1 118 ? 11.163  6.794   1.172   1.00 33.32 ? 118 LYS A CE  1 
ATOM   917  N NZ  . LYS A 1 118 ? 12.414  6.328   1.826   1.00 37.89 ? 118 LYS A NZ  1 
ATOM   918  N N   . ARG A 1 119 ? 9.299   6.927   -3.282  1.00 30.47 ? 119 ARG A N   1 
ATOM   919  C CA  . ARG A 1 119 ? 9.581   6.388   -4.596  1.00 33.95 ? 119 ARG A CA  1 
ATOM   920  C C   . ARG A 1 119 ? 10.192  4.992   -4.398  1.00 34.62 ? 119 ARG A C   1 
ATOM   921  O O   . ARG A 1 119 ? 11.043  4.795   -3.512  1.00 32.28 ? 119 ARG A O   1 
ATOM   922  C CB  . ARG A 1 119 ? 10.558  7.282   -5.350  1.00 31.27 ? 119 ARG A CB  1 
ATOM   923  C CG  . ARG A 1 119 ? 10.046  8.666   -5.629  1.00 29.15 ? 119 ARG A CG  1 
ATOM   924  C CD  . ARG A 1 119 ? 8.963   8.659   -6.673  1.00 34.91 ? 119 ARG A CD  1 
ATOM   925  N NE  . ARG A 1 119 ? 9.058   9.838   -7.535  1.00 41.35 ? 119 ARG A NE  1 
ATOM   926  C CZ  . ARG A 1 119 ? 8.046   10.655  -7.822  1.00 44.87 ? 119 ARG A CZ  1 
ATOM   927  N NH1 . ARG A 1 119 ? 6.835   10.435  -7.317  1.00 48.63 ? 119 ARG A NH1 1 
ATOM   928  N NH2 . ARG A 1 119 ? 8.244   11.697  -8.621  1.00 49.28 ? 119 ARG A NH2 1 
ATOM   929  N N   . GLY A 1 120 ? 9.783   4.042   -5.237  1.00 31.40 ? 120 GLY A N   1 
ATOM   930  C CA  . GLY A 1 120 ? 10.314  2.700   -5.168  1.00 35.39 ? 120 GLY A CA  1 
ATOM   931  C C   . GLY A 1 120 ? 11.827  2.639   -5.040  1.00 41.49 ? 120 GLY A C   1 
ATOM   932  O O   . GLY A 1 120 ? 12.319  1.860   -4.231  1.00 49.72 ? 120 GLY A O   1 
ATOM   933  N N   . PRO A 1 121 ? 12.599  3.446   -5.804  1.00 41.50 ? 121 PRO A N   1 
ATOM   934  C CA  . PRO A 1 121 ? 14.069  3.419   -5.705  1.00 40.63 ? 121 PRO A CA  1 
ATOM   935  C C   . PRO A 1 121 ? 14.617  3.975   -4.376  1.00 43.48 ? 121 PRO A C   1 
ATOM   936  O O   . PRO A 1 121 ? 15.663  3.518   -3.899  1.00 41.55 ? 121 PRO A O   1 
ATOM   937  C CB  . PRO A 1 121 ? 14.502  4.309   -6.874  1.00 40.86 ? 121 PRO A CB  1 
ATOM   938  C CG  . PRO A 1 121 ? 13.332  4.243   -7.831  1.00 37.11 ? 121 PRO A CG  1 
ATOM   939  C CD  . PRO A 1 121 ? 12.181  4.343   -6.891  1.00 40.88 ? 121 PRO A CD  1 
ATOM   940  N N   . ARG A 1 122 ? 13.916  4.974   -3.815  1.00 37.10 ? 122 ARG A N   1 
ATOM   941  C CA  . ARG A 1 122 ? 14.285  5.653   -2.553  1.00 33.00 ? 122 ARG A CA  1 
ATOM   942  C C   . ARG A 1 122 ? 14.067  4.796   -1.323  1.00 30.06 ? 122 ARG A C   1 
ATOM   943  O O   . ARG A 1 122 ? 14.645  5.056   -0.274  1.00 30.68 ? 122 ARG A O   1 
ATOM   944  C CB  . ARG A 1 122 ? 13.471  6.952   -2.373  1.00 34.57 ? 122 ARG A CB  1 
ATOM   945  C CG  . ARG A 1 122 ? 14.179  8.050   -1.525  1.00 43.67 ? 122 ARG A CG  1 
ATOM   946  C CD  . ARG A 1 122 ? 13.218  9.099   -0.909  1.00 34.52 ? 122 ARG A CD  1 
ATOM   947  N NE  . ARG A 1 122 ? 13.913  10.204  -0.244  1.00 35.35 ? 122 ARG A NE  1 
ATOM   948  C CZ  . ARG A 1 122 ? 13.373  10.957  0.707   1.00 30.88 ? 122 ARG A CZ  1 
ATOM   949  N NH1 . ARG A 1 122 ? 12.142  10.711  1.123   1.00 39.32 ? 122 ARG A NH1 1 
ATOM   950  N NH2 . ARG A 1 122 ? 14.009  12.027  1.166   1.00 39.44 ? 122 ARG A NH2 1 
ATOM   951  N N   . THR A 1 123 ? 13.155  3.841   -1.432  1.00 29.13 ? 123 THR A N   1 
ATOM   952  C CA  . THR A 1 123 ? 12.836  2.943   -0.329  1.00 25.38 ? 123 THR A CA  1 
ATOM   953  C C   . THR A 1 123 ? 13.931  1.920   -0.002  1.00 26.26 ? 123 THR A C   1 
ATOM   954  O O   . THR A 1 123 ? 14.596  1.387   -0.873  1.00 25.47 ? 123 THR A O   1 
ATOM   955  C CB  . THR A 1 123 ? 11.543  2.170   -0.619  1.00 25.55 ? 123 THR A CB  1 
ATOM   956  O OG1 . THR A 1 123 ? 11.830  1.075   -1.505  1.00 20.69 ? 123 THR A OG1 1 
ATOM   957  C CG2 . THR A 1 123 ? 10.481  3.108   -1.237  1.00 18.96 ? 123 THR A CG2 1 
ATOM   958  N N   . HIS A 1 124 ? 14.059  1.594   1.270   1.00 29.51 ? 124 HIS A N   1 
ATOM   959  C CA  . HIS A 1 124 ? 15.060  0.642   1.720   1.00 24.76 ? 124 HIS A CA  1 
ATOM   960  C C   . HIS A 1 124 ? 14.512  -0.073  2.941   1.00 23.27 ? 124 HIS A C   1 
ATOM   961  O O   . HIS A 1 124 ? 13.716  0.474   3.684   1.00 23.01 ? 124 HIS A O   1 
ATOM   962  C CB  . HIS A 1 124 ? 16.356  1.366   2.085   1.00 32.36 ? 124 HIS A CB  1 
ATOM   963  C CG  . HIS A 1 124 ? 17.469  0.439   2.465   1.00 37.29 ? 124 HIS A CG  1 
ATOM   964  N ND1 . HIS A 1 124 ? 17.937  -0.538  1.613   1.00 40.20 ? 124 HIS A ND1 1 
ATOM   965  C CD2 . HIS A 1 124 ? 18.175  0.312   3.606   1.00 38.65 ? 124 HIS A CD2 1 
ATOM   966  C CE1 . HIS A 1 124 ? 18.881  -1.234  2.213   1.00 33.36 ? 124 HIS A CE1 1 
ATOM   967  N NE2 . HIS A 1 124 ? 19.049  -0.736  3.431   1.00 35.37 ? 124 HIS A NE2 1 
ATOM   968  N N   . TYR A 1 125 ? 14.944  -1.305  3.128   1.00 23.29 ? 125 TYR A N   1 
ATOM   969  C CA  . TYR A 1 125 ? 14.521  -2.143  4.238   1.00 30.82 ? 125 TYR A CA  1 
ATOM   970  C C   . TYR A 1 125 ? 15.056  -1.645  5.568   1.00 27.51 ? 125 TYR A C   1 
ATOM   971  O O   . TYR A 1 125 ? 16.270  -1.535  5.739   1.00 30.54 ? 125 TYR A O   1 
ATOM   972  C CB  . TYR A 1 125 ? 15.039  -3.545  4.009   1.00 29.78 ? 125 TYR A CB  1 
ATOM   973  C CG  . TYR A 1 125 ? 14.525  -4.557  4.980   1.00 33.11 ? 125 TYR A CG  1 
ATOM   974  C CD1 . TYR A 1 125 ? 13.224  -5.070  4.867   1.00 33.57 ? 125 TYR A CD1 1 
ATOM   975  C CD2 . TYR A 1 125 ? 15.349  -5.058  5.979   1.00 38.69 ? 125 TYR A CD2 1 
ATOM   976  C CE1 . TYR A 1 125 ? 12.778  -6.074  5.710   1.00 29.21 ? 125 TYR A CE1 1 
ATOM   977  C CE2 . TYR A 1 125 ? 14.906  -6.062  6.832   1.00 32.79 ? 125 TYR A CE2 1 
ATOM   978  C CZ  . TYR A 1 125 ? 13.626  -6.557  6.688   1.00 27.55 ? 125 TYR A CZ  1 
ATOM   979  O OH  . TYR A 1 125 ? 13.223  -7.566  7.507   1.00 29.84 ? 125 TYR A OH  1 
ATOM   980  N N   . GLY A 1 126 ? 14.155  -1.441  6.527   1.00 29.82 ? 126 GLY A N   1 
ATOM   981  C CA  . GLY A 1 126 ? 14.546  -0.924  7.826   1.00 25.77 ? 126 GLY A CA  1 
ATOM   982  C C   . GLY A 1 126 ? 14.091  0.530   7.964   1.00 29.03 ? 126 GLY A C   1 
ATOM   983  O O   . GLY A 1 126 ? 14.430  1.267   8.910   1.00 27.36 ? 126 GLY A O   1 
ATOM   984  N N   . GLN A 1 127 ? 13.388  0.980   6.939   1.00 24.92 ? 127 GLN A N   1 
ATOM   985  C CA  . GLN A 1 127 ? 12.850  2.313   6.943   1.00 23.15 ? 127 GLN A CA  1 
ATOM   986  C C   . GLN A 1 127 ? 11.539  2.178   7.682   1.00 26.07 ? 127 GLN A C   1 
ATOM   987  O O   . GLN A 1 127 ? 10.932  1.105   7.655   1.00 28.47 ? 127 GLN A O   1 
ATOM   988  C CB  . GLN A 1 127 ? 12.575  2.769   5.507   1.00 23.24 ? 127 GLN A CB  1 
ATOM   989  C CG  . GLN A 1 127 ? 13.820  3.125   4.708   1.00 23.50 ? 127 GLN A CG  1 
ATOM   990  C CD  . GLN A 1 127 ? 13.506  4.057   3.567   1.00 27.07 ? 127 GLN A CD  1 
ATOM   991  O OE1 . GLN A 1 127 ? 12.417  4.013   3.011   1.00 23.31 ? 127 GLN A OE1 1 
ATOM   992  N NE2 . GLN A 1 127 ? 14.456  4.909   3.211   1.00 22.84 ? 127 GLN A NE2 1 
ATOM   993  N N   . LYS A 1 128 ? 11.130  3.228   8.388   1.00 22.35 ? 128 LYS A N   1 
ATOM   994  C CA  . LYS A 1 128 ? 9.851   3.215   9.086   1.00 22.39 ? 128 LYS A CA  1 
ATOM   995  C C   . LYS A 1 128 ? 8.741   3.567   8.092   1.00 21.96 ? 128 LYS A C   1 
ATOM   996  O O   . LYS A 1 128 ? 7.574   3.230   8.298   1.00 16.80 ? 128 LYS A O   1 
ATOM   997  C CB  . LYS A 1 128 ? 9.839   4.214   10.228  1.00 24.22 ? 128 LYS A CB  1 
ATOM   998  C CG  . LYS A 1 128 ? 10.741  3.839   11.379  1.00 29.01 ? 128 LYS A CG  1 
ATOM   999  C CD  . LYS A 1 128 ? 10.451  4.747   12.574  1.00 35.35 ? 128 LYS A CD  1 
ATOM   1000 C CE  . LYS A 1 128 ? 11.434  4.541   13.730  1.00 37.12 ? 128 LYS A CE  1 
ATOM   1001 N NZ  . LYS A 1 128 ? 12.778  5.152   13.470  1.00 42.34 ? 128 LYS A NZ  1 
ATOM   1002 N N   . ALA A 1 129 ? 9.135   4.208   6.992   1.00 19.44 ? 129 ALA A N   1 
ATOM   1003 C CA  . ALA A 1 129 ? 8.218   4.615   5.932   1.00 19.10 ? 129 ALA A CA  1 
ATOM   1004 C C   . ALA A 1 129 ? 7.469   3.430   5.244   1.00 15.42 ? 129 ALA A C   1 
ATOM   1005 O O   . ALA A 1 129 ? 6.291   3.554   4.868   1.00 19.44 ? 129 ALA A O   1 
ATOM   1006 C CB  . ALA A 1 129 ? 8.992   5.435   4.905   1.00 16.64 ? 129 ALA A CB  1 
ATOM   1007 N N   . ILE A 1 130 ? 8.145   2.282   5.128   1.00 17.97 ? 130 ILE A N   1 
ATOM   1008 C CA  . ILE A 1 130 ? 7.592   1.094   4.471   1.00 14.88 ? 130 ILE A CA  1 
ATOM   1009 C C   . ILE A 1 130 ? 6.866   0.104   5.377   1.00 14.95 ? 130 ILE A C   1 
ATOM   1010 O O   . ILE A 1 130 ? 6.458   -0.955  4.908   1.00 11.87 ? 130 ILE A O   1 
ATOM   1011 C CB  . ILE A 1 130 ? 8.702   0.303   3.767   1.00 16.92 ? 130 ILE A CB  1 
ATOM   1012 C CG1 . ILE A 1 130 ? 9.702   -0.191  4.801   1.00 10.06 ? 130 ILE A CG1 1 
ATOM   1013 C CG2 . ILE A 1 130 ? 9.418   1.188   2.739   1.00 16.39 ? 130 ILE A CG2 1 
ATOM   1014 C CD1 . ILE A 1 130 ? 10.692  -1.185  4.281   1.00 11.54 ? 130 ILE A CD1 1 
ATOM   1015 N N   . LEU A 1 131 ? 6.770   0.414   6.675   1.00 16.64 ? 131 LEU A N   1 
ATOM   1016 C CA  . LEU A 1 131 ? 6.118   -0.466  7.655   1.00 13.31 ? 131 LEU A CA  1 
ATOM   1017 C C   . LEU A 1 131 ? 4.653   -0.176  7.926   1.00 14.40 ? 131 LEU A C   1 
ATOM   1018 O O   . LEU A 1 131 ? 4.277   0.890   8.418   1.00 6.34  ? 131 LEU A O   1 
ATOM   1019 C CB  . LEU A 1 131 ? 6.884   -0.482  8.957   1.00 20.38 ? 131 LEU A CB  1 
ATOM   1020 C CG  . LEU A 1 131 ? 8.106   -1.387  8.899   1.00 22.77 ? 131 LEU A CG  1 
ATOM   1021 C CD1 . LEU A 1 131 ? 9.118   -0.829  9.847   1.00 21.14 ? 131 LEU A CD1 1 
ATOM   1022 C CD2 . LEU A 1 131 ? 7.749   -2.806  9.264   1.00 26.62 ? 131 LEU A CD2 1 
ATOM   1023 N N   . PHE A 1 132 ? 3.834   -1.183  7.661   1.00 11.65 ? 132 PHE A N   1 
ATOM   1024 C CA  . PHE A 1 132 ? 2.405   -1.051  7.821   1.00 12.28 ? 132 PHE A CA  1 
ATOM   1025 C C   . PHE A 1 132 ? 1.788   -1.978  8.858   1.00 12.12 ? 132 PHE A C   1 
ATOM   1026 O O   . PHE A 1 132 ? 2.297   -3.032  9.184   1.00 13.03 ? 132 PHE A O   1 
ATOM   1027 C CB  . PHE A 1 132 ? 1.732   -1.210  6.459   1.00 10.49 ? 132 PHE A CB  1 
ATOM   1028 C CG  . PHE A 1 132 ? 2.135   -0.153  5.478   1.00 11.68 ? 132 PHE A CG  1 
ATOM   1029 C CD1 . PHE A 1 132 ? 3.253   -0.323  4.670   1.00 15.52 ? 132 PHE A CD1 1 
ATOM   1030 C CD2 . PHE A 1 132 ? 1.438   1.038   5.397   1.00 10.07 ? 132 PHE A CD2 1 
ATOM   1031 C CE1 . PHE A 1 132 ? 3.665   0.683   3.807   1.00 12.48 ? 132 PHE A CE1 1 
ATOM   1032 C CE2 . PHE A 1 132 ? 1.853   2.048   4.527   1.00 7.71  ? 132 PHE A CE2 1 
ATOM   1033 C CZ  . PHE A 1 132 ? 2.957   1.872   3.739   1.00 7.08  ? 132 PHE A CZ  1 
ATOM   1034 N N   . LEU A 1 133 ? 0.692   -1.537  9.417   1.00 6.54  ? 133 LEU A N   1 
ATOM   1035 C CA  . LEU A 1 133 ? 0.020   -2.320  10.395  1.00 13.37 ? 133 LEU A CA  1 
ATOM   1036 C C   . LEU A 1 133 ? -1.394  -2.267  9.839   1.00 14.35 ? 133 LEU A C   1 
ATOM   1037 O O   . LEU A 1 133 ? -1.966  -1.190  9.699   1.00 23.65 ? 133 LEU A O   1 
ATOM   1038 C CB  . LEU A 1 133 ? 0.163   -1.608  11.721  1.00 10.48 ? 133 LEU A CB  1 
ATOM   1039 C CG  . LEU A 1 133 ? 0.141   -2.327  13.049  1.00 15.31 ? 133 LEU A CG  1 
ATOM   1040 C CD1 . LEU A 1 133 ? 0.579   -3.776  12.964  1.00 7.90  ? 133 LEU A CD1 1 
ATOM   1041 C CD2 . LEU A 1 133 ? 1.061   -1.492  13.954  1.00 15.81 ? 133 LEU A CD2 1 
ATOM   1042 N N   . PRO A 1 134 ? -1.892  -3.387  9.315   1.00 13.70 ? 134 PRO A N   1 
ATOM   1043 C CA  . PRO A 1 134 ? -3.245  -3.384  8.762   1.00 13.16 ? 134 PRO A CA  1 
ATOM   1044 C C   . PRO A 1 134 ? -4.261  -3.481  9.865   1.00 18.86 ? 134 PRO A C   1 
ATOM   1045 O O   . PRO A 1 134 ? -4.344  -4.513  10.492  1.00 16.98 ? 134 PRO A O   1 
ATOM   1046 C CB  . PRO A 1 134 ? -3.280  -4.659  7.926   1.00 14.84 ? 134 PRO A CB  1 
ATOM   1047 C CG  . PRO A 1 134 ? -1.841  -5.004  7.711   1.00 17.22 ? 134 PRO A CG  1 
ATOM   1048 C CD  . PRO A 1 134 ? -1.215  -4.657  9.021   1.00 13.02 ? 134 PRO A CD  1 
ATOM   1049 N N   . LEU A 1 135 ? -5.050  -2.426  10.064  1.00 20.04 ? 135 LEU A N   1 
ATOM   1050 C CA  . LEU A 1 135 ? -6.096  -2.371  11.090  1.00 23.64 ? 135 LEU A CA  1 
ATOM   1051 C C   . LEU A 1 135 ? -7.439  -2.794  10.508  1.00 28.57 ? 135 LEU A C   1 
ATOM   1052 O O   . LEU A 1 135 ? -7.760  -2.456  9.375   1.00 23.30 ? 135 LEU A O   1 
ATOM   1053 C CB  . LEU A 1 135 ? -6.243  -0.941  11.609  1.00 19.19 ? 135 LEU A CB  1 
ATOM   1054 C CG  . LEU A 1 135 ? -4.933  -0.289  12.038  1.00 17.96 ? 135 LEU A CG  1 
ATOM   1055 C CD1 . LEU A 1 135 ? -5.199  1.157   12.499  1.00 8.02  ? 135 LEU A CD1 1 
ATOM   1056 C CD2 . LEU A 1 135 ? -4.274  -1.168  13.105  1.00 10.04 ? 135 LEU A CD2 1 
ATOM   1057 N N   . PRO A 1 136 ? -8.279  -3.462  11.302  1.00 32.79 ? 136 PRO A N   1 
ATOM   1058 C CA  . PRO A 1 136 ? -9.588  -3.909  10.819  1.00 36.55 ? 136 PRO A CA  1 
ATOM   1059 C C   . PRO A 1 136 ? -10.561 -2.754  10.650  1.00 40.04 ? 136 PRO A C   1 
ATOM   1060 O O   . PRO A 1 136 ? -10.635 -1.887  11.517  1.00 43.84 ? 136 PRO A O   1 
ATOM   1061 C CB  . PRO A 1 136 ? -10.060 -4.842  11.930  1.00 39.73 ? 136 PRO A CB  1 
ATOM   1062 C CG  . PRO A 1 136 ? -8.799  -5.286  12.575  1.00 36.53 ? 136 PRO A CG  1 
ATOM   1063 C CD  . PRO A 1 136 ? -8.038  -3.994  12.653  1.00 35.41 ? 136 PRO A CD  1 
ATOM   1064 N N   . VAL A 1 137 ? -11.362 -2.801  9.583   1.00 38.63 ? 137 VAL A N   1 
ATOM   1065 C CA  . VAL A 1 137 ? -12.355 -1.762  9.267   1.00 37.07 ? 137 VAL A CA  1 
ATOM   1066 C C   . VAL A 1 137 ? -13.756 -2.145  9.756   1.00 41.70 ? 137 VAL A C   1 
ATOM   1067 O O   . VAL A 1 137 ? -14.762 -1.783  9.153   1.00 49.42 ? 137 VAL A O   1 
ATOM   1068 C CB  . VAL A 1 137 ? -12.402 -1.488  7.725   1.00 33.19 ? 137 VAL A CB  1 
ATOM   1069 C CG1 . VAL A 1 137 ? -13.469 -0.470  7.378   1.00 34.96 ? 137 VAL A CG1 1 
ATOM   1070 C CG2 . VAL A 1 137 ? -11.069 -0.951  7.245   1.00 29.81 ? 137 VAL A CG2 1 
ATOM   1071 N N   . SER A 1 138 ? -13.865 -2.814  10.891  1.00 44.28 ? 138 SER A N   1 
ATOM   1072 C CA  . SER A 1 138 ? -15.188 -3.221  11.290  1.00 43.00 ? 138 SER A CA  1 
ATOM   1073 C C   . SER A 1 138 ? -15.979 -2.468  12.359  1.00 41.13 ? 138 SER A C   1 
ATOM   1074 O O   . SER A 1 138 ? -16.727 -1.518  12.046  1.00 41.20 ? 138 SER A O   1 
ATOM   1075 C CB  . SER A 1 138 ? -15.189 -4.720  11.604  1.00 44.73 ? 138 SER A CB  1 
ATOM   1076 O OG  . SER A 1 138 ? -16.517 -5.203  11.569  1.00 40.08 ? 138 SER A OG  1 
ATOM   1077 N N   . SER A 1 139 ? -15.697 -2.882  13.592  1.00 42.49 ? 139 SER A N   1 
ATOM   1078 C CA  . SER A 1 139 ? -16.328 -2.492  14.841  1.00 38.17 ? 139 SER A CA  1 
ATOM   1079 C C   . SER A 1 139 ? -16.966 -3.815  15.154  1.00 41.81 ? 139 SER A C   1 
ATOM   1080 O O   . SER A 1 139 ? -16.567 -4.427  16.133  1.00 36.85 ? 139 SER A O   1 
ATOM   1081 C CB  . SER A 1 139 ? -17.399 -1.432  14.638  1.00 43.93 ? 139 SER A CB  1 
ATOM   1082 O OG  . SER A 1 139 ? -18.297 -1.339  15.750  1.00 31.78 ? 139 SER A OG  1 
HETATM 1083 O O   . HOH B 2 .   ? -15.799 -10.185 0.920   1.00 51.98 ? 201 HOH A O   1 
HETATM 1084 O O   . HOH B 2 .   ? 7.759   -1.313  13.981  1.00 43.39 ? 202 HOH A O   1 
HETATM 1085 O O   . HOH B 2 .   ? -11.733 -15.124 -0.172  1.00 48.33 ? 203 HOH A O   1 
HETATM 1086 O O   . HOH B 2 .   ? -20.875 6.107   6.377   1.00 51.53 ? 204 HOH A O   1 
HETATM 1087 O O   . HOH B 2 .   ? 4.686   25.497  14.773  1.00 46.88 ? 205 HOH A O   1 
HETATM 1088 O O   . HOH B 2 .   ? 0.064   -15.400 5.169   1.00 50.98 ? 206 HOH A O   1 
HETATM 1089 O O   . HOH B 2 .   ? 17.840  -1.802  -10.813 1.00 53.07 ? 207 HOH A O   1 
HETATM 1090 O O   . HOH B 2 .   ? 5.870   14.829  13.518  1.00 44.41 ? 208 HOH A O   1 
HETATM 1091 O O   . HOH B 2 .   ? 5.106   -13.752 -14.085 1.00 45.48 ? 209 HOH A O   1 
HETATM 1092 O O   . HOH B 2 .   ? -16.894 3.987   11.539  1.00 49.45 ? 210 HOH A O   1 
HETATM 1093 O O   . HOH B 2 .   ? 15.905  -0.088  -3.639  1.00 47.91 ? 211 HOH A O   1 
HETATM 1094 O O   . HOH B 2 .   ? -17.005 -1.243  5.301   1.00 44.15 ? 212 HOH A O   1 
HETATM 1095 O O   . HOH B 2 .   ? -25.846 -5.284  13.973  1.00 49.41 ? 213 HOH A O   1 
HETATM 1096 O O   . HOH B 2 .   ? -10.121 19.088  -1.098  1.00 42.46 ? 214 HOH A O   1 
HETATM 1097 O O   . HOH B 2 .   ? -26.484 -2.630  1.211   1.00 43.41 ? 215 HOH A O   1 
HETATM 1098 O O   . HOH B 2 .   ? 1.210   2.321   -21.455 1.00 44.76 ? 216 HOH A O   1 
HETATM 1099 O O   . HOH B 2 .   ? 16.811  6.799   5.189   1.00 46.45 ? 217 HOH A O   1 
HETATM 1100 O O   . HOH B 2 .   ? 13.416  9.923   -5.673  1.00 48.62 ? 218 HOH A O   1 
HETATM 1101 O O   . HOH B 2 .   ? -18.649 -7.743  2.927   1.00 43.79 ? 219 HOH A O   1 
HETATM 1102 O O   . HOH B 2 .   ? -15.695 -1.893  3.061   1.00 49.75 ? 220 HOH A O   1 
HETATM 1103 O O   . HOH B 2 .   ? -8.664  -17.859 12.470  1.00 54.97 ? 221 HOH A O   1 
HETATM 1104 O O   . HOH B 2 .   ? 15.706  5.573   -10.449 1.00 56.62 ? 222 HOH A O   1 
HETATM 1105 O O   . HOH B 2 .   ? -17.847 -11.091 9.960   1.00 47.65 ? 223 HOH A O   1 
HETATM 1106 O O   . HOH B 2 .   ? -26.049 -4.735  8.113   1.00 54.38 ? 224 HOH A O   1 
HETATM 1107 O O   . HOH B 2 .   ? 0.589   16.016  3.351   1.00 46.53 ? 225 HOH A O   1 
HETATM 1108 O O   . HOH B 2 .   ? 18.339  1.869   -1.424  1.00 44.91 ? 226 HOH A O   1 
HETATM 1109 O O   . HOH B 2 .   ? 11.636  -15.661 16.840  1.00 51.56 ? 227 HOH A O   1 
HETATM 1110 O O   . HOH B 2 .   ? 2.983   17.897  1.877   1.00 50.65 ? 228 HOH A O   1 
HETATM 1111 O O   . HOH B 2 .   ? -6.668  -12.747 9.257   1.00 41.63 ? 229 HOH A O   1 
HETATM 1112 O O   . HOH B 2 .   ? -12.937 -14.107 11.179  1.00 51.79 ? 230 HOH A O   1 
HETATM 1113 O O   . HOH B 2 .   ? 4.027   12.732  -6.610  1.00 51.15 ? 231 HOH A O   1 
HETATM 1114 O O   . HOH B 2 .   ? -2.429  15.657  -13.486 1.00 48.26 ? 232 HOH A O   1 
HETATM 1115 O O   . HOH B 2 .   ? 3.661   9.935   -5.138  1.00 49.17 ? 233 HOH A O   1 
HETATM 1116 O O   . HOH B 2 .   ? 13.282  12.541  4.483   1.00 49.32 ? 234 HOH A O   1 
HETATM 1117 O O   . HOH B 2 .   ? 8.022   6.506   -21.254 1.00 50.69 ? 235 HOH A O   1 
HETATM 1118 O O   . HOH B 2 .   ? -20.453 8.005   3.868   1.00 41.81 ? 236 HOH A O   1 
HETATM 1119 O O   . HOH B 2 .   ? 16.277  -2.987  0.949   1.00 40.54 ? 237 HOH A O   1 
HETATM 1120 O O   . HOH B 2 .   ? -2.798  6.000   -14.958 1.00 37.49 ? 238 HOH A O   1 
HETATM 1121 O O   . HOH B 2 .   ? 20.222  -7.905  2.433   1.00 42.04 ? 239 HOH A O   1 
HETATM 1122 O O   . HOH B 2 .   ? -6.775  5.215   -15.392 1.00 44.26 ? 240 HOH A O   1 
HETATM 1123 O O   . HOH B 2 .   ? 4.096   -2.004  -18.557 1.00 49.66 ? 241 HOH A O   1 
HETATM 1124 O O   . HOH B 2 .   ? 19.206  -0.790  -0.692  1.00 45.39 ? 242 HOH A O   1 
HETATM 1125 O O   . HOH B 2 .   ? -6.589  -10.820 -9.226  1.00 45.57 ? 243 HOH A O   1 
HETATM 1126 O O   . HOH B 2 .   ? -2.201  12.528  -15.578 1.00 46.47 ? 244 HOH A O   1 
HETATM 1127 O O   . HOH B 2 .   ? -23.894 14.028  7.293   1.00 38.51 ? 245 HOH A O   1 
HETATM 1128 O O   . HOH B 2 .   ? -17.161 0.715   -8.934  1.00 35.71 ? 246 HOH A O   1 
HETATM 1129 O O   . HOH B 2 .   ? -20.547 12.119  3.710   1.00 40.24 ? 247 HOH A O   1 
HETATM 1130 O O   . HOH B 2 .   ? -1.086  16.830  13.165  1.00 37.35 ? 248 HOH A O   1 
HETATM 1131 O O   . HOH B 2 .   ? -11.326 -18.101 18.001  1.00 33.16 ? 249 HOH A O   1 
HETATM 1132 O O   . HOH B 2 .   ? 13.015  7.909   -12.554 1.00 31.69 ? 250 HOH A O   1 
HETATM 1133 O O   . HOH B 2 .   ? 7.237   -15.224 14.801  1.00 36.53 ? 251 HOH A O   1 
HETATM 1134 O O   . HOH B 2 .   ? -19.815 7.272   -5.103  1.00 39.71 ? 252 HOH A O   1 
HETATM 1135 O O   . HOH B 2 .   ? 18.259  -2.692  -13.961 1.00 51.57 ? 253 HOH A O   1 
HETATM 1136 O O   . HOH B 2 .   ? 18.659  1.498   -9.995  1.00 38.98 ? 254 HOH A O   1 
HETATM 1137 O O   . HOH B 2 .   ? -4.284  -16.646 4.036   1.00 46.54 ? 255 HOH A O   1 
HETATM 1138 O O   . HOH B 2 .   ? -0.418  -8.030  12.183  1.00 44.33 ? 256 HOH A O   1 
HETATM 1139 O O   . HOH B 2 .   ? -22.952 -1.567  -5.706  1.00 42.64 ? 257 HOH A O   1 
HETATM 1140 O O   . HOH B 2 .   ? 6.740   3.228   -2.187  1.00 33.36 ? 258 HOH A O   1 
HETATM 1141 O O   . HOH B 2 .   ? 6.263   8.291   -17.092 1.00 49.85 ? 259 HOH A O   1 
HETATM 1142 O O   . HOH B 2 .   ? -18.780 3.836   -3.622  1.00 51.64 ? 260 HOH A O   1 
HETATM 1143 O O   . HOH B 2 .   ? 21.550  6.605   9.809   1.00 50.01 ? 261 HOH A O   1 
HETATM 1144 O O   . HOH B 2 .   ? -1.854  6.122   -19.965 1.00 47.95 ? 262 HOH A O   1 
HETATM 1145 O O   . HOH B 2 .   ? 10.824  10.336  5.511   1.00 39.24 ? 263 HOH A O   1 
HETATM 1146 O O   . HOH B 2 .   ? 11.820  -5.062  9.814   1.00 45.28 ? 264 HOH A O   1 
HETATM 1147 O O   . HOH B 2 .   ? 3.228   13.495  10.864  1.00 41.43 ? 265 HOH A O   1 
HETATM 1148 O O   . HOH B 2 .   ? -10.113 14.326  -1.245  1.00 40.43 ? 266 HOH A O   1 
HETATM 1149 O O   . HOH B 2 .   ? 5.834   17.028  8.677   1.00 41.82 ? 267 HOH A O   1 
HETATM 1150 O O   . HOH B 2 .   ? 9.080   -1.422  -22.522 1.00 42.90 ? 268 HOH A O   1 
HETATM 1151 O O   . HOH B 2 .   ? -16.216 -3.692  -3.247  1.00 44.43 ? 269 HOH A O   1 
HETATM 1152 O O   . HOH B 2 .   ? 17.562  7.023   1.113   1.00 39.80 ? 270 HOH A O   1 
HETATM 1153 O O   . HOH B 2 .   ? -13.179 -18.098 13.874  1.00 41.36 ? 271 HOH A O   1 
HETATM 1154 O O   . HOH B 2 .   ? 6.248   22.903  10.589  1.00 49.11 ? 272 HOH A O   1 
HETATM 1155 O O   . HOH B 2 .   ? -0.409  7.302   -24.253 1.00 42.14 ? 273 HOH A O   1 
HETATM 1156 O O   . HOH B 2 .   ? 0.260   9.847   -10.052 1.00 48.08 ? 274 HOH A O   1 
HETATM 1157 O O   . HOH B 2 .   ? -12.164 13.895  1.360   1.00 39.89 ? 275 HOH A O   1 
HETATM 1158 O O   . HOH B 2 .   ? -8.024  -15.770 9.783   1.00 48.84 ? 276 HOH A O   1 
HETATM 1159 O O   . HOH B 2 .   ? 11.030  -12.440 -15.450 1.00 45.17 ? 277 HOH A O   1 
HETATM 1160 O O   . HOH B 2 .   ? 14.215  -17.870 -19.253 1.00 51.64 ? 278 HOH A O   1 
HETATM 1161 O O   . HOH B 2 .   ? -26.427 -6.877  2.695   1.00 43.95 ? 279 HOH A O   1 
HETATM 1162 O O   . HOH B 2 .   ? -15.033 -9.929  10.250  1.00 44.29 ? 280 HOH A O   1 
HETATM 1163 O O   . HOH B 2 .   ? 8.413   -11.770 -16.520 1.00 45.94 ? 281 HOH A O   1 
HETATM 1164 O O   . HOH B 2 .   ? -22.845 -8.141  8.070   1.00 48.65 ? 282 HOH A O   1 
HETATM 1165 O O   . HOH B 2 .   ? 7.143   -9.573  -15.430 1.00 38.43 ? 283 HOH A O   1 
HETATM 1166 O O   . HOH B 2 .   ? -5.392  -17.496 20.785  1.00 42.39 ? 284 HOH A O   1 
HETATM 1167 O O   . HOH B 2 .   ? -3.769  22.102  -11.884 1.00 50.55 ? 285 HOH A O   1 
HETATM 1168 O O   . HOH B 2 .   ? -27.933 -0.584  -1.914  1.00 48.45 ? 286 HOH A O   1 
HETATM 1169 O O   . HOH B 2 .   ? 3.079   17.055  8.192   1.00 47.92 ? 287 HOH A O   1 
HETATM 1170 O O   . HOH B 2 .   ? 7.457   3.583   -26.953 1.00 57.19 ? 288 HOH A O   1 
HETATM 1171 O O   . HOH B 2 .   ? -1.194  0.503   -19.674 1.00 44.31 ? 289 HOH A O   1 
HETATM 1172 O O   . HOH B 2 .   ? -14.602 -18.550 10.425  1.00 47.59 ? 290 HOH A O   1 
HETATM 1173 O O   . HOH B 2 .   ? 16.618  0.103   -12.283 1.00 41.98 ? 291 HOH A O   1 
HETATM 1174 O O   . HOH B 2 .   ? 4.171   5.265   -27.851 1.00 41.69 ? 292 HOH A O   1 
HETATM 1175 O O   . HOH B 2 .   ? -3.879  -6.345  13.260  1.00 48.96 ? 293 HOH A O   1 
HETATM 1176 O O   . HOH B 2 .   ? -24.078 4.211   0.713   1.00 45.24 ? 294 HOH A O   1 
HETATM 1177 O O   . HOH B 2 .   ? -18.626 2.401   -0.036  1.00 38.18 ? 295 HOH A O   1 
HETATM 1178 O O   . HOH B 2 .   ? 1.978   8.507   -12.182 1.00 50.12 ? 296 HOH A O   1 
HETATM 1179 O O   . HOH B 2 .   ? -4.162  -9.638  3.984   1.00 43.53 ? 297 HOH A O   1 
HETATM 1180 O O   . HOH B 2 .   ? -16.094 -11.638 6.142   1.00 41.80 ? 298 HOH A O   1 
HETATM 1181 O O   . HOH B 2 .   ? -17.862 -8.583  11.203  1.00 44.93 ? 299 HOH A O   1 
HETATM 1182 O O   . HOH B 2 .   ? 0.377   7.919   -17.067 1.00 45.45 ? 300 HOH A O   1 
HETATM 1183 O O   . HOH B 2 .   ? 1.310   -3.961  -19.746 1.00 51.39 ? 301 HOH A O   1 
HETATM 1184 O O   . HOH B 2 .   ? 11.484  6.730   6.751   1.00 48.67 ? 302 HOH A O   1 
HETATM 1185 O O   . HOH B 2 .   ? -24.535 -10.680 12.774  1.00 48.98 ? 303 HOH A O   1 
HETATM 1186 O O   . HOH B 2 .   ? -5.062  -8.377  -9.446  1.00 50.59 ? 304 HOH A O   1 
HETATM 1187 O O   . HOH B 2 .   ? -3.431  -7.944  -11.775 1.00 52.53 ? 305 HOH A O   1 
HETATM 1188 O O   . HOH B 2 .   ? -24.618 -4.279  0.147   1.00 36.69 ? 306 HOH A O   1 
HETATM 1189 O O   . HOH B 2 .   ? 6.247   27.607  12.437  1.00 44.38 ? 307 HOH A O   1 
HETATM 1190 O O   . HOH B 2 .   ? -28.271 14.240  7.288   1.00 45.08 ? 308 HOH A O   1 
HETATM 1191 O O   . HOH B 2 .   ? -14.512 -15.761 7.619   1.00 51.26 ? 309 HOH A O   1 
HETATM 1192 O O   . HOH B 2 .   ? 1.020   13.532  -17.031 1.00 29.56 ? 310 HOH A O   1 
HETATM 1193 O O   . HOH B 2 .   ? 11.226  -15.098 9.233   1.00 47.32 ? 311 HOH A O   1 
HETATM 1194 O O   . HOH B 2 .   ? -5.605  -9.611  9.869   1.00 41.11 ? 312 HOH A O   1 
HETATM 1195 O O   . HOH B 2 .   ? -2.715  -8.482  10.066  1.00 45.25 ? 313 HOH A O   1 
HETATM 1196 O O   . HOH B 2 .   ? 2.075   5.028   -16.766 1.00 48.74 ? 314 HOH A O   1 
HETATM 1197 O O   . HOH B 2 .   ? -20.993 3.365   6.884   1.00 44.23 ? 315 HOH A O   1 
HETATM 1198 O O   . HOH B 2 .   ? 7.373   2.019   -21.606 1.00 45.59 ? 316 HOH A O   1 
HETATM 1199 O O   . HOH B 2 .   ? -13.762 15.715  3.107   1.00 41.92 ? 317 HOH A O   1 
HETATM 1200 O O   . HOH B 2 .   ? 14.080  -20.641 -17.284 1.00 41.44 ? 318 HOH A O   1 
HETATM 1201 O O   . HOH B 2 .   ? 19.704  -12.433 -11.850 1.00 43.12 ? 319 HOH A O   1 
HETATM 1202 O O   . HOH B 2 .   ? -5.529  -16.144 14.897  1.00 38.56 ? 320 HOH A O   1 
HETATM 1203 O O   . HOH B 2 .   ? -19.276 -1.804  9.131   1.00 45.78 ? 321 HOH A O   1 
HETATM 1204 O O   . HOH B 2 .   ? -0.842  15.770  -17.071 1.00 49.27 ? 322 HOH A O   1 
HETATM 1205 O O   . HOH B 2 .   ? 5.655   -1.885  2.709   1.00 40.60 ? 323 HOH A O   1 
HETATM 1206 O O   . HOH B 2 .   ? -23.788 -13.990 8.532   1.00 45.55 ? 324 HOH A O   1 
HETATM 1207 O O   . HOH B 2 .   ? 8.489   -12.794 16.525  1.00 38.30 ? 325 HOH A O   1 
HETATM 1208 O O   . HOH B 2 .   ? 15.683  -0.005  -15.014 1.00 46.02 ? 326 HOH A O   1 
HETATM 1209 O O   . HOH B 2 .   ? -3.333  -18.164 -0.816  1.00 42.90 ? 327 HOH A O   1 
HETATM 1210 O O   . HOH B 2 .   ? -17.530 -9.470  4.866   1.00 48.50 ? 328 HOH A O   1 
HETATM 1211 O O   . HOH B 2 .   ? 19.436  5.158   1.242   1.00 54.81 ? 329 HOH A O   1 
HETATM 1212 O O   . HOH B 2 .   ? -11.307 4.125   -0.764  1.00 40.41 ? 330 HOH A O   1 
HETATM 1213 O O   . HOH B 2 .   ? -0.605  18.842  8.502   1.00 48.48 ? 331 HOH A O   1 
HETATM 1214 O O   . HOH B 2 .   ? -1.475  8.452   -11.996 1.00 48.71 ? 332 HOH A O   1 
HETATM 1215 O O   . HOH B 2 .   ? 0.697   10.661  -13.481 1.00 49.17 ? 333 HOH A O   1 
HETATM 1216 O O   . HOH B 2 .   ? 3.803   2.972   -20.845 1.00 42.23 ? 334 HOH A O   1 
HETATM 1217 O O   . HOH B 2 .   ? -5.182  -19.486 1.357   1.00 45.98 ? 335 HOH A O   1 
HETATM 1218 O O   . HOH B 2 .   ? -9.397  -18.242 4.475   1.00 51.94 ? 336 HOH A O   1 
HETATM 1219 O O   . HOH B 2 .   ? 11.239  -2.028  11.578  1.00 54.42 ? 337 HOH A O   1 
HETATM 1220 O O   . HOH B 2 .   ? -20.680 -1.995  6.547   1.00 42.50 ? 338 HOH A O   1 
HETATM 1221 O O   . HOH B 2 .   ? -14.239 11.342  3.460   1.00 41.02 ? 339 HOH A O   1 
HETATM 1222 O O   . HOH B 2 .   ? 9.430   2.625   -18.290 1.00 46.25 ? 340 HOH A O   1 
HETATM 1223 O O   . HOH B 2 .   ? -12.876 -13.755 1.853   1.00 43.47 ? 341 HOH A O   1 
HETATM 1224 O O   . HOH B 2 .   ? 10.189  1.947   18.936  1.00 43.47 ? 342 HOH A O   1 
HETATM 1225 O O   . HOH B 2 .   ? -7.849  15.934  -13.348 1.00 50.59 ? 343 HOH A O   1 
HETATM 1226 O O   . HOH B 2 .   ? -19.041 14.039  -0.008  1.00 40.46 ? 344 HOH A O   1 
HETATM 1227 O O   . HOH B 2 .   ? 20.769  9.281   4.763   1.00 50.94 ? 345 HOH A O   1 
HETATM 1228 O O   . HOH B 2 .   ? -0.367  3.074   -23.994 1.00 47.08 ? 346 HOH A O   1 
HETATM 1229 O O   . HOH B 2 .   ? 1.597   -4.196  -16.404 1.00 45.79 ? 347 HOH A O   1 
HETATM 1230 O O   . HOH B 2 .   ? -22.698 -9.420  16.101  1.00 47.16 ? 348 HOH A O   1 
HETATM 1231 O O   . HOH B 2 .   ? -23.001 -5.398  12.431  1.00 47.36 ? 349 HOH A O   1 
HETATM 1232 O O   . HOH B 2 .   ? 2.074   6.069   -22.835 1.00 44.50 ? 350 HOH A O   1 
HETATM 1233 O O   . HOH B 2 .   ? 6.020   16.073  -2.102  1.00 44.08 ? 351 HOH A O   1 
HETATM 1234 O O   . HOH B 2 .   ? 13.912  7.933   4.161   1.00 37.30 ? 352 HOH A O   1 
HETATM 1235 O O   . HOH B 2 .   ? -29.975 -8.194  15.412  1.00 51.69 ? 353 HOH A O   1 
HETATM 1236 O O   . HOH B 2 .   ? -14.913 16.781  -5.705  1.00 46.71 ? 354 HOH A O   1 
HETATM 1237 O O   . HOH B 2 .   ? -17.750 10.792  8.449   1.00 51.34 ? 355 HOH A O   1 
HETATM 1238 O O   . HOH B 2 .   ? 13.491  1.490   -14.291 1.00 47.56 ? 356 HOH A O   1 
HETATM 1239 O O   . HOH B 2 .   ? 4.311   7.511   -14.726 1.00 46.04 ? 357 HOH A O   1 
HETATM 1240 O O   . HOH B 2 .   ? -20.237 -7.041  15.237  1.00 48.34 ? 358 HOH A O   1 
HETATM 1241 O O   . HOH B 2 .   ? -19.271 -5.763  12.732  1.00 50.15 ? 359 HOH A O   1 
# 
